data_6RWN
#
_entry.id   6RWN
#
_cell.length_a   1.00
_cell.length_b   1.00
_cell.length_c   1.00
_cell.angle_alpha   90.00
_cell.angle_beta   90.00
_cell.angle_gamma   90.00
#
_symmetry.space_group_name_H-M   'P 1'
#
loop_
_entity.id
_entity.type
_entity.pdbx_description
1 polymer 'Pol protein'
2 polymer "DNA (5'-D(*AP*AP*CP*TP*GP*GP*TP*AP*GP*AP*GP*AP*TP*TP*TP*TP*TP*CP*TP*TP*AP*GP*C)-3')"
3 polymer "DNA (5'-D(P*GP*CP*TP*AP*AP*GP*AP*AP*AP*AP*AP*TP*CP*TP*CP*TP*AP*CP*CP*A)-3')"
4 non-polymer 'ZINC ION'
5 non-polymer 'CHLORIDE ION'
6 non-polymer "(4R,12aS)-N-(2,4-difluorobenzyl)-7-hydroxy-4-methyl-6,8-dioxo-3,4,6,8,12,12a-hexahydro-2H-pyrido[1',2':4,5]pyrazino[2,1-b][1,3]oxazine-9-carboxamide"
7 non-polymer 'MAGNESIUM ION'
8 water water
#
loop_
_entity_poly.entity_id
_entity_poly.type
_entity_poly.pdbx_seq_one_letter_code
_entity_poly.pdbx_strand_id
1 'polypeptide(L)'
;GFLDGIEKAQEEHEKYHNNWRAMAEDFQIPQVVAKEIVAQCPKCQVKGEAMHGQVDASPKTWQMDCTHLEGKVIIVAVHV
ASGYIEAEVLPAETGKETAHFLLKLAARWPVKHLHTDNGDNFTSSAVQAVCWWAQIEHTFGVPYNPQSQGVVESMNHQLK
TIITQIRDQAEKIETAVQMAVLIHNFKRKGGIGGYSAGERIIDIIASDLQTTKLQNQISKIQNFRVYFREGRDQQWKGPA
TLIWKGEGAVVIQDGQDLKVVPRRKCKIIKDYGRKDVDSETSMEGRQEKD
;
A,E,N,L,K,J,I,M,F,D,C,B
2 'polydeoxyribonucleotide'
;(DA)(DA)(DC)(DT)(DG)(DG)(DT)(DA)(DG)(DA)(DG)(DA)(DT)(DT)(DT)(DT)(DT)(DC)(DT)(DT)
(DA)(DG)(DC)(DC)(DT)(DT)(DC)(DT)(DA)(DG)(DA)(DA)(DC)
;
Q,S
3 'polydeoxyribonucleotide'
;(DG)(DT)(DT)(DC)(DT)(DA)(DG)(DA)(DA)(DG)(DG)(DC)(DT)(DA)(DA)(DG)(DA)(DA)(DA)(DA)
(DA)(DT)(DC)(DT)(DC)(DT)(DA)(DC)(DC)(DA)
;
W,T
#
# COMPACT_ATOMS: atom_id res chain seq x y z
N GLY A 1 -10.27 -9.99 -42.91
CA GLY A 1 -10.82 -10.41 -41.63
C GLY A 1 -9.77 -10.97 -40.70
N PHE A 2 -10.21 -11.66 -39.64
CA PHE A 2 -9.29 -12.22 -38.66
C PHE A 2 -9.69 -13.61 -38.19
N LEU A 3 -10.50 -14.34 -38.97
CA LEU A 3 -10.89 -15.68 -38.55
C LEU A 3 -9.75 -16.67 -38.73
N ASP A 4 -8.99 -16.54 -39.82
CA ASP A 4 -7.75 -17.30 -39.96
C ASP A 4 -6.73 -16.89 -38.92
N GLY A 5 -6.76 -15.62 -38.50
CA GLY A 5 -5.95 -15.18 -37.38
C GLY A 5 -6.33 -15.86 -36.08
N ILE A 6 -7.62 -16.14 -35.88
CA ILE A 6 -8.07 -16.83 -34.68
C ILE A 6 -7.58 -18.28 -34.67
N GLU A 7 -7.65 -18.94 -35.82
CA GLU A 7 -7.16 -20.33 -35.90
C GLU A 7 -5.65 -20.41 -35.70
N LYS A 8 -4.90 -19.49 -36.32
CA LYS A 8 -3.46 -19.47 -36.14
C LYS A 8 -3.05 -19.09 -34.72
N ALA A 9 -3.85 -18.23 -34.05
CA ALA A 9 -3.55 -17.90 -32.66
C ALA A 9 -3.81 -19.07 -31.73
N GLN A 10 -4.80 -19.91 -32.04
CA GLN A 10 -5.03 -21.09 -31.22
C GLN A 10 -3.89 -22.10 -31.36
N GLU A 11 -3.38 -22.30 -32.58
CA GLU A 11 -2.24 -23.20 -32.74
C GLU A 11 -0.96 -22.61 -32.13
N GLU A 12 -0.82 -21.29 -32.18
CA GLU A 12 0.35 -20.64 -31.58
C GLU A 12 0.34 -20.76 -30.07
N HIS A 13 -0.83 -20.60 -29.42
CA HIS A 13 -0.89 -20.79 -27.99
C HIS A 13 -0.74 -22.27 -27.62
N GLU A 14 -1.15 -23.18 -28.49
CA GLU A 14 -0.97 -24.60 -28.24
C GLU A 14 0.50 -24.99 -28.22
N LYS A 15 1.34 -24.27 -28.96
CA LYS A 15 2.76 -24.59 -28.97
C LYS A 15 3.56 -23.76 -27.96
N TYR A 16 3.34 -22.45 -27.92
CA TYR A 16 4.25 -21.53 -27.23
C TYR A 16 3.72 -20.98 -25.91
N HIS A 17 2.40 -21.05 -25.67
CA HIS A 17 1.72 -20.52 -24.47
C HIS A 17 1.97 -19.02 -24.30
N ASN A 18 1.46 -18.25 -25.26
CA ASN A 18 1.56 -16.79 -25.18
C ASN A 18 0.60 -16.24 -24.14
N ASN A 19 0.76 -14.96 -23.82
CA ASN A 19 -0.26 -14.23 -23.10
C ASN A 19 -1.13 -13.50 -24.11
N TRP A 20 -2.15 -12.78 -23.63
CA TRP A 20 -3.16 -12.30 -24.56
C TRP A 20 -2.71 -11.07 -25.34
N ARG A 21 -1.77 -10.28 -24.79
CA ARG A 21 -1.33 -9.09 -25.50
C ARG A 21 -0.46 -9.43 -26.70
N ALA A 22 0.31 -10.51 -26.61
CA ALA A 22 1.14 -10.94 -27.72
C ALA A 22 0.30 -11.42 -28.89
N MET A 23 -0.76 -12.18 -28.61
CA MET A 23 -1.64 -12.65 -29.67
C MET A 23 -2.46 -11.52 -30.26
N ALA A 24 -2.96 -10.62 -29.41
CA ALA A 24 -3.75 -9.49 -29.91
C ALA A 24 -2.92 -8.50 -30.70
N GLU A 25 -1.60 -8.46 -30.51
CA GLU A 25 -0.76 -7.57 -31.30
C GLU A 25 -0.23 -8.25 -32.56
N ASP A 26 0.08 -9.56 -32.50
CA ASP A 26 0.70 -10.19 -33.65
C ASP A 26 -0.31 -10.68 -34.68
N PHE A 27 -1.53 -11.02 -34.24
CA PHE A 27 -2.52 -11.57 -35.15
C PHE A 27 -3.68 -10.63 -35.42
N GLN A 28 -3.70 -9.46 -34.78
CA GLN A 28 -4.67 -8.38 -35.01
C GLN A 28 -6.12 -8.83 -34.76
N ILE A 29 -6.29 -9.69 -33.76
CA ILE A 29 -7.62 -10.10 -33.30
C ILE A 29 -8.00 -9.18 -32.14
N PRO A 30 -9.29 -8.99 -31.85
CA PRO A 30 -9.65 -8.15 -30.69
C PRO A 30 -9.32 -8.85 -29.38
N GLN A 31 -9.29 -8.05 -28.32
CA GLN A 31 -8.75 -8.52 -27.04
C GLN A 31 -9.65 -9.50 -26.32
N VAL A 32 -10.96 -9.49 -26.60
CA VAL A 32 -11.85 -10.44 -25.95
C VAL A 32 -11.59 -11.86 -26.43
N VAL A 33 -11.25 -12.01 -27.71
CA VAL A 33 -10.97 -13.34 -28.26
C VAL A 33 -9.63 -13.85 -27.74
N ALA A 34 -8.64 -12.96 -27.58
CA ALA A 34 -7.34 -13.37 -27.06
C ALA A 34 -7.44 -13.74 -25.58
N LYS A 35 -8.25 -13.00 -24.82
CA LYS A 35 -8.48 -13.36 -23.43
C LYS A 35 -9.22 -14.68 -23.29
N GLU A 36 -10.12 -14.99 -24.22
CA GLU A 36 -10.81 -16.27 -24.19
C GLU A 36 -9.86 -17.43 -24.53
N ILE A 37 -8.95 -17.21 -25.47
CA ILE A 37 -7.97 -18.24 -25.85
C ILE A 37 -7.05 -18.56 -24.67
N VAL A 38 -6.64 -17.53 -23.92
CA VAL A 38 -5.82 -17.78 -22.73
C VAL A 38 -6.66 -18.44 -21.63
N ALA A 39 -7.93 -18.03 -21.48
CA ALA A 39 -8.73 -18.52 -20.37
C ALA A 39 -9.21 -19.95 -20.54
N GLN A 40 -9.16 -20.51 -21.75
CA GLN A 40 -9.55 -21.90 -21.96
C GLN A 40 -8.35 -22.86 -21.99
N CYS A 41 -7.29 -22.57 -21.24
CA CYS A 41 -6.11 -23.41 -21.21
C CYS A 41 -5.85 -23.92 -19.80
N PRO A 42 -5.57 -25.21 -19.62
CA PRO A 42 -5.30 -25.73 -18.26
C PRO A 42 -3.85 -25.61 -17.80
N LYS A 43 -2.88 -25.53 -18.71
CA LYS A 43 -1.48 -25.40 -18.30
C LYS A 43 -1.19 -24.02 -17.75
N CYS A 44 -1.97 -23.02 -18.16
CA CYS A 44 -2.02 -21.70 -17.56
C CYS A 44 -2.91 -21.74 -16.32
N GLN A 45 -3.41 -20.57 -15.90
CA GLN A 45 -4.27 -20.39 -14.72
C GLN A 45 -3.54 -20.79 -13.44
N VAL A 46 -2.44 -20.09 -13.16
CA VAL A 46 -1.74 -20.26 -11.90
C VAL A 46 -1.51 -18.90 -11.24
N LYS A 47 -2.52 -18.42 -10.50
CA LYS A 47 -2.50 -17.12 -9.82
C LYS A 47 -3.72 -16.97 -8.93
N GLY A 48 -3.58 -16.34 -7.77
CA GLY A 48 -4.71 -16.03 -6.92
C GLY A 48 -5.46 -14.81 -7.41
N GLU A 49 -6.28 -14.24 -6.52
CA GLU A 49 -7.09 -13.09 -6.89
C GLU A 49 -6.74 -11.82 -6.12
N ALA A 50 -5.73 -11.88 -5.24
CA ALA A 50 -5.11 -10.72 -4.57
C ALA A 50 -6.11 -9.94 -3.71
N MET A 51 -6.57 -10.60 -2.65
CA MET A 51 -7.38 -9.95 -1.62
C MET A 51 -7.16 -10.66 -0.30
N HIS A 52 -7.54 -10.00 0.80
CA HIS A 52 -7.46 -10.56 2.13
C HIS A 52 -8.83 -10.52 2.79
N GLY A 53 -9.05 -11.45 3.72
CA GLY A 53 -10.27 -11.50 4.49
C GLY A 53 -10.15 -10.78 5.82
N GLN A 54 -11.14 -11.02 6.68
CA GLN A 54 -11.23 -10.36 7.98
C GLN A 54 -11.76 -11.35 9.02
N VAL A 55 -10.97 -11.62 10.05
CA VAL A 55 -11.32 -12.65 11.02
C VAL A 55 -12.43 -12.17 11.95
N ASP A 56 -12.95 -13.12 12.72
CA ASP A 56 -14.04 -12.85 13.67
C ASP A 56 -13.51 -12.07 14.87
N ALA A 57 -14.27 -11.07 15.31
CA ALA A 57 -13.90 -10.22 16.43
C ALA A 57 -15.08 -10.00 17.37
N SER A 58 -15.78 -11.08 17.69
CA SER A 58 -16.86 -11.02 18.67
C SER A 58 -16.28 -10.83 20.07
N PRO A 59 -17.07 -10.29 21.03
CA PRO A 59 -16.51 -10.01 22.35
C PRO A 59 -16.28 -11.21 23.25
N LYS A 60 -16.51 -12.43 22.76
CA LYS A 60 -16.22 -13.63 23.54
C LYS A 60 -15.54 -14.69 22.69
N THR A 61 -14.68 -14.27 21.76
CA THR A 61 -13.93 -15.16 20.90
C THR A 61 -12.48 -15.23 21.36
N TRP A 62 -11.94 -16.44 21.46
CA TRP A 62 -10.56 -16.66 21.84
C TRP A 62 -9.87 -17.49 20.76
N GLN A 63 -8.56 -17.28 20.62
CA GLN A 63 -7.76 -18.05 19.67
C GLN A 63 -6.58 -18.69 20.39
N MET A 64 -6.19 -19.89 19.96
CA MET A 64 -5.17 -20.64 20.67
C MET A 64 -4.15 -21.25 19.71
N ASP A 65 -2.89 -21.29 20.13
CA ASP A 65 -1.81 -21.87 19.33
C ASP A 65 -0.69 -22.28 20.28
N CYS A 66 0.25 -23.07 19.75
CA CYS A 66 1.41 -23.53 20.50
C CYS A 66 2.68 -23.07 19.80
N THR A 67 3.75 -22.89 20.57
CA THR A 67 5.04 -22.48 20.03
C THR A 67 6.17 -23.12 20.82
N HIS A 68 7.38 -22.98 20.30
CA HIS A 68 8.57 -23.57 20.90
C HIS A 68 9.57 -22.47 21.23
N LEU A 69 10.25 -22.62 22.37
CA LEU A 69 11.28 -21.67 22.78
C LEU A 69 12.23 -22.38 23.71
N GLU A 70 13.51 -22.47 23.31
CA GLU A 70 14.60 -23.07 24.07
C GLU A 70 14.30 -24.53 24.45
N GLY A 71 13.67 -25.25 23.54
CA GLY A 71 13.34 -26.65 23.77
C GLY A 71 12.09 -26.89 24.59
N LYS A 72 11.37 -25.85 24.98
CA LYS A 72 10.13 -25.97 25.73
C LYS A 72 8.95 -25.81 24.79
N VAL A 73 7.75 -26.06 25.31
CA VAL A 73 6.51 -25.90 24.57
C VAL A 73 5.64 -24.91 25.32
N ILE A 74 5.39 -23.76 24.71
CA ILE A 74 4.52 -22.73 25.26
C ILE A 74 3.17 -22.87 24.59
N ILE A 75 2.09 -22.64 25.34
CA ILE A 75 0.75 -22.57 24.77
C ILE A 75 0.17 -21.19 25.06
N VAL A 76 -0.31 -20.53 24.02
CA VAL A 76 -0.76 -19.14 24.07
C VAL A 76 -2.24 -19.09 23.70
N ALA A 77 -3.01 -18.34 24.48
CA ALA A 77 -4.39 -18.03 24.19
C ALA A 77 -4.58 -16.53 24.23
N VAL A 78 -5.30 -15.99 23.26
CA VAL A 78 -5.46 -14.54 23.13
C VAL A 78 -6.96 -14.22 23.01
N HIS A 79 -7.41 -13.24 23.79
CA HIS A 79 -8.70 -12.61 23.59
C HIS A 79 -8.56 -11.60 22.47
N VAL A 80 -9.40 -11.76 21.44
CA VAL A 80 -9.18 -11.17 20.13
C VAL A 80 -9.59 -9.70 20.10
N ALA A 81 -10.72 -9.37 20.71
CA ALA A 81 -11.24 -8.00 20.64
C ALA A 81 -10.43 -7.01 21.47
N SER A 82 -9.60 -7.49 22.38
CA SER A 82 -8.81 -6.62 23.24
C SER A 82 -7.32 -6.87 23.18
N GLY A 83 -6.88 -8.10 22.90
CA GLY A 83 -5.47 -8.40 22.89
C GLY A 83 -4.94 -8.96 24.18
N TYR A 84 -5.74 -9.74 24.91
CA TYR A 84 -5.37 -10.17 26.25
C TYR A 84 -4.77 -11.56 26.21
N ILE A 85 -3.61 -11.73 26.84
CA ILE A 85 -2.77 -12.91 26.65
C ILE A 85 -2.76 -13.74 27.93
N GLU A 86 -3.05 -15.04 27.79
CA GLU A 86 -2.72 -16.03 28.81
C GLU A 86 -1.77 -17.06 28.21
N ALA A 87 -0.71 -17.40 28.94
CA ALA A 87 0.31 -18.28 28.41
C ALA A 87 0.79 -19.23 29.50
N GLU A 88 1.10 -20.46 29.10
CA GLU A 88 1.61 -21.46 30.03
C GLU A 88 2.69 -22.29 29.38
N VAL A 89 3.49 -22.95 30.21
CA VAL A 89 4.54 -23.85 29.77
C VAL A 89 4.07 -25.28 29.99
N LEU A 90 4.02 -26.06 28.91
CA LEU A 90 3.56 -27.43 29.03
C LEU A 90 4.74 -28.39 29.07
N PRO A 91 4.63 -29.47 29.85
CA PRO A 91 5.69 -30.49 29.82
C PRO A 91 5.65 -31.36 28.58
N ALA A 92 4.49 -31.44 27.91
CA ALA A 92 4.36 -32.22 26.69
C ALA A 92 3.29 -31.59 25.81
N GLU A 93 3.18 -32.07 24.58
CA GLU A 93 2.24 -31.53 23.60
C GLU A 93 1.08 -32.49 23.36
N THR A 94 0.59 -33.14 24.41
CA THR A 94 -0.51 -34.09 24.27
C THR A 94 -1.84 -33.35 24.41
N GLY A 95 -2.95 -34.09 24.45
CA GLY A 95 -4.26 -33.49 24.50
C GLY A 95 -4.77 -33.28 25.91
N LYS A 96 -4.19 -33.97 26.88
CA LYS A 96 -4.64 -33.86 28.26
C LYS A 96 -4.25 -32.52 28.88
N GLU A 97 -3.02 -32.06 28.63
CA GLU A 97 -2.62 -30.75 29.12
C GLU A 97 -3.33 -29.62 28.40
N THR A 98 -3.69 -29.83 27.14
CA THR A 98 -4.44 -28.81 26.41
C THR A 98 -5.87 -28.71 26.94
N ALA A 99 -6.47 -29.85 27.28
CA ALA A 99 -7.80 -29.84 27.88
C ALA A 99 -7.77 -29.21 29.28
N HIS A 100 -6.68 -29.42 30.02
CA HIS A 100 -6.57 -28.83 31.35
C HIS A 100 -6.37 -27.32 31.27
N PHE A 101 -5.56 -26.86 30.32
CA PHE A 101 -5.37 -25.42 30.12
C PHE A 101 -6.65 -24.76 29.66
N LEU A 102 -7.41 -25.41 28.78
CA LEU A 102 -8.68 -24.87 28.33
C LEU A 102 -9.70 -24.83 29.46
N LEU A 103 -9.66 -25.81 30.37
CA LEU A 103 -10.61 -25.81 31.49
C LEU A 103 -10.29 -24.69 32.48
N LYS A 104 -9.01 -24.44 32.73
CA LYS A 104 -8.63 -23.33 33.61
C LYS A 104 -9.02 -21.98 33.01
N LEU A 105 -8.78 -21.81 31.70
CA LEU A 105 -9.14 -20.57 31.03
C LEU A 105 -10.66 -20.36 31.01
N ALA A 106 -11.42 -21.43 30.81
CA ALA A 106 -12.87 -21.30 30.81
C ALA A 106 -13.43 -21.09 32.20
N ALA A 107 -12.70 -21.52 33.24
CA ALA A 107 -13.10 -21.25 34.61
C ALA A 107 -12.78 -19.83 35.06
N ARG A 108 -11.84 -19.16 34.40
CA ARG A 108 -11.50 -17.80 34.78
C ARG A 108 -12.33 -16.74 34.05
N TRP A 109 -12.38 -16.81 32.72
CA TRP A 109 -13.01 -15.81 31.88
C TRP A 109 -14.16 -16.45 31.10
N PRO A 110 -15.20 -15.67 30.77
CA PRO A 110 -16.31 -16.21 29.97
C PRO A 110 -15.91 -16.46 28.52
N VAL A 111 -15.89 -17.73 28.14
CA VAL A 111 -15.51 -18.16 26.80
C VAL A 111 -16.75 -18.75 26.14
N LYS A 112 -17.03 -18.33 24.90
CA LYS A 112 -18.14 -18.88 24.14
C LYS A 112 -17.77 -19.33 22.74
N HIS A 113 -16.56 -19.02 22.26
CA HIS A 113 -16.15 -19.40 20.93
C HIS A 113 -14.63 -19.53 20.91
N LEU A 114 -14.14 -20.66 20.42
CA LEU A 114 -12.71 -20.96 20.40
C LEU A 114 -12.30 -21.28 18.98
N HIS A 115 -11.16 -20.72 18.54
CA HIS A 115 -10.66 -20.94 17.19
C HIS A 115 -9.23 -21.44 17.26
N THR A 116 -8.95 -22.53 16.52
CA THR A 116 -7.64 -23.17 16.55
C THR A 116 -7.26 -23.63 15.14
N ASP A 117 -6.01 -24.09 15.01
CA ASP A 117 -5.57 -24.76 13.80
C ASP A 117 -5.85 -26.25 13.94
N ASN A 118 -5.32 -27.05 13.02
CA ASN A 118 -5.62 -28.48 12.95
C ASN A 118 -4.51 -29.34 13.52
N GLY A 119 -3.89 -28.91 14.62
CA GLY A 119 -2.86 -29.71 15.25
C GLY A 119 -3.41 -30.96 15.89
N ASP A 120 -2.48 -31.84 16.30
CA ASP A 120 -2.90 -33.14 16.82
C ASP A 120 -3.50 -33.04 18.21
N ASN A 121 -3.14 -32.02 18.97
CA ASN A 121 -3.66 -31.90 20.33
C ASN A 121 -4.99 -31.18 20.40
N PHE A 122 -5.26 -30.25 19.50
CA PHE A 122 -6.54 -29.55 19.50
C PHE A 122 -7.68 -30.39 18.92
N THR A 123 -7.37 -31.36 18.07
CA THR A 123 -8.37 -32.27 17.54
C THR A 123 -8.32 -33.58 18.33
N SER A 124 -8.89 -33.54 19.53
CA SER A 124 -8.80 -34.68 20.43
C SER A 124 -10.08 -34.83 21.23
N SER A 125 -10.27 -36.03 21.77
CA SER A 125 -11.49 -36.35 22.51
C SER A 125 -11.53 -35.65 23.86
N ALA A 126 -10.37 -35.40 24.47
CA ALA A 126 -10.34 -34.70 25.75
C ALA A 126 -10.75 -33.25 25.60
N VAL A 127 -10.24 -32.58 24.56
CA VAL A 127 -10.63 -31.21 24.27
C VAL A 127 -12.10 -31.15 23.85
N GLN A 128 -12.58 -32.19 23.16
CA GLN A 128 -14.00 -32.24 22.79
C GLN A 128 -14.89 -32.40 24.01
N ALA A 129 -14.46 -33.19 24.99
CA ALA A 129 -15.26 -33.39 26.19
C ALA A 129 -15.29 -32.14 27.05
N VAL A 130 -14.17 -31.41 27.12
CA VAL A 130 -14.14 -30.16 27.88
C VAL A 130 -15.00 -29.10 27.20
N CYS A 131 -14.96 -29.03 25.88
CA CYS A 131 -15.81 -28.08 25.15
C CYS A 131 -17.29 -28.44 25.28
N TRP A 132 -17.61 -29.73 25.36
CA TRP A 132 -19.01 -30.13 25.56
C TRP A 132 -19.48 -29.77 26.96
N TRP A 133 -18.64 -29.98 27.97
CA TRP A 133 -19.08 -29.72 29.35
C TRP A 133 -19.17 -28.23 29.65
N ALA A 134 -18.33 -27.43 29.00
CA ALA A 134 -18.32 -26.00 29.26
C ALA A 134 -19.07 -25.19 28.23
N GLN A 135 -19.67 -25.84 27.22
CA GLN A 135 -20.53 -25.24 26.19
C GLN A 135 -19.77 -24.18 25.37
N ILE A 136 -18.72 -24.64 24.71
CA ILE A 136 -17.87 -23.80 23.87
C ILE A 136 -17.99 -24.28 22.42
N GLU A 137 -18.12 -23.34 21.49
CA GLU A 137 -18.15 -23.65 20.07
C GLU A 137 -16.72 -23.66 19.54
N HIS A 138 -16.24 -24.83 19.16
CA HIS A 138 -14.89 -25.01 18.69
C HIS A 138 -14.87 -25.02 17.17
N THR A 139 -14.09 -24.11 16.57
CA THR A 139 -13.93 -24.05 15.13
C THR A 139 -12.46 -24.17 14.76
N PHE A 140 -12.22 -24.74 13.58
CA PHE A 140 -10.89 -25.01 13.08
C PHE A 140 -10.64 -24.19 11.82
N GLY A 141 -9.38 -23.89 11.57
CA GLY A 141 -9.03 -23.17 10.36
C GLY A 141 -8.86 -24.08 9.17
N VAL A 142 -8.84 -23.46 7.99
CA VAL A 142 -8.51 -24.14 6.74
C VAL A 142 -7.09 -24.68 6.84
N PRO A 143 -6.84 -25.96 6.49
CA PRO A 143 -5.51 -26.55 6.76
C PRO A 143 -4.40 -25.94 5.94
N TYR A 144 -3.25 -25.77 6.61
CA TYR A 144 -2.04 -25.15 6.06
C TYR A 144 -2.31 -23.73 5.57
N ASN A 145 -3.07 -22.98 6.36
CA ASN A 145 -3.35 -21.57 6.10
C ASN A 145 -3.24 -20.84 7.42
N PRO A 146 -2.03 -20.36 7.77
CA PRO A 146 -1.84 -19.76 9.09
C PRO A 146 -2.39 -18.35 9.21
N GLN A 147 -2.87 -17.75 8.14
CA GLN A 147 -3.42 -16.39 8.21
C GLN A 147 -4.80 -16.35 8.82
N SER A 148 -5.45 -17.50 9.03
CA SER A 148 -6.77 -17.50 9.65
C SER A 148 -6.67 -17.13 11.12
N GLN A 149 -5.66 -17.62 11.81
CA GLN A 149 -5.36 -17.23 13.19
C GLN A 149 -4.24 -16.20 13.24
N GLY A 150 -4.50 -15.00 12.72
CA GLY A 150 -3.44 -14.00 12.62
C GLY A 150 -3.06 -13.39 13.95
N VAL A 151 -4.01 -13.28 14.87
CA VAL A 151 -3.78 -12.57 16.12
C VAL A 151 -2.86 -13.36 17.04
N VAL A 152 -3.04 -14.69 17.10
CA VAL A 152 -2.24 -15.48 18.01
C VAL A 152 -0.80 -15.66 17.52
N GLU A 153 -0.56 -15.66 16.21
CA GLU A 153 0.83 -15.74 15.75
C GLU A 153 1.53 -14.39 15.89
N SER A 154 0.78 -13.29 15.73
CA SER A 154 1.36 -11.97 16.03
C SER A 154 1.72 -11.84 17.51
N MET A 155 0.89 -12.37 18.39
CA MET A 155 1.20 -12.33 19.82
C MET A 155 2.33 -13.29 20.18
N ASN A 156 2.54 -14.35 19.40
CA ASN A 156 3.73 -15.17 19.55
C ASN A 156 4.99 -14.36 19.29
N HIS A 157 4.98 -13.53 18.25
CA HIS A 157 6.12 -12.68 17.94
C HIS A 157 6.39 -11.66 19.03
N GLN A 158 5.33 -11.02 19.54
CA GLN A 158 5.50 -10.01 20.60
C GLN A 158 5.99 -10.64 21.89
N LEU A 159 5.49 -11.83 22.23
CA LEU A 159 5.91 -12.51 23.46
C LEU A 159 7.38 -12.91 23.38
N LYS A 160 7.84 -13.37 22.21
CA LYS A 160 9.25 -13.75 22.09
C LYS A 160 10.18 -12.54 22.18
N THR A 161 9.78 -11.38 21.65
CA THR A 161 10.62 -10.18 21.79
C THR A 161 10.71 -9.71 23.23
N ILE A 162 9.61 -9.78 23.98
CA ILE A 162 9.64 -9.38 25.38
C ILE A 162 10.50 -10.35 26.20
N ILE A 163 10.43 -11.65 25.89
CA ILE A 163 11.23 -12.64 26.60
C ILE A 163 12.72 -12.43 26.36
N THR A 164 13.10 -12.04 25.13
CA THR A 164 14.50 -11.68 24.91
C THR A 164 14.89 -10.38 25.59
N GLN A 165 13.94 -9.50 25.88
CA GLN A 165 14.29 -8.26 26.60
C GLN A 165 14.57 -8.52 28.07
N ILE A 166 13.78 -9.37 28.73
CA ILE A 166 13.90 -9.51 30.18
C ILE A 166 14.47 -10.87 30.58
N ARG A 167 15.33 -11.43 29.73
CA ARG A 167 15.80 -12.80 29.95
C ARG A 167 16.78 -12.90 31.12
N ASP A 168 17.61 -11.89 31.33
CA ASP A 168 18.68 -11.97 32.33
C ASP A 168 18.19 -11.69 33.75
N GLN A 169 16.90 -11.42 33.94
CA GLN A 169 16.37 -11.17 35.27
C GLN A 169 15.75 -12.41 35.91
N ALA A 170 15.77 -13.54 35.22
CA ALA A 170 15.15 -14.76 35.73
C ALA A 170 16.10 -15.93 35.58
N GLU A 171 15.87 -16.97 36.39
CA GLU A 171 16.66 -18.19 36.35
C GLU A 171 16.07 -19.21 35.39
N LYS A 172 14.80 -19.57 35.56
CA LYS A 172 14.15 -20.55 34.72
C LYS A 172 13.39 -19.86 33.59
N ILE A 173 12.74 -20.68 32.75
CA ILE A 173 12.04 -20.13 31.61
C ILE A 173 10.56 -19.89 31.94
N GLU A 174 10.02 -20.59 32.95
CA GLU A 174 8.63 -20.39 33.34
C GLU A 174 8.43 -19.04 34.02
N THR A 175 9.40 -18.64 34.84
CA THR A 175 9.37 -17.31 35.46
C THR A 175 9.47 -16.22 34.41
N ALA A 176 10.31 -16.42 33.40
CA ALA A 176 10.45 -15.42 32.33
C ALA A 176 9.19 -15.33 31.48
N VAL A 177 8.49 -16.45 31.29
CA VAL A 177 7.23 -16.42 30.54
C VAL A 177 6.17 -15.64 31.31
N GLN A 178 6.05 -15.87 32.62
CA GLN A 178 5.04 -15.16 33.39
C GLN A 178 5.37 -13.67 33.56
N MET A 179 6.65 -13.33 33.66
CA MET A 179 7.02 -11.92 33.68
C MET A 179 6.74 -11.24 32.35
N ALA A 180 6.91 -11.95 31.23
CA ALA A 180 6.57 -11.38 29.93
C ALA A 180 5.07 -11.18 29.77
N VAL A 181 4.26 -12.07 30.34
CA VAL A 181 2.81 -11.90 30.30
C VAL A 181 2.37 -10.68 31.09
N LEU A 182 2.99 -10.45 32.26
CA LEU A 182 2.67 -9.26 33.06
C LEU A 182 3.10 -7.97 32.35
N ILE A 183 4.28 -7.98 31.73
CA ILE A 183 4.78 -6.79 31.03
C ILE A 183 3.92 -6.46 29.82
N HIS A 184 3.43 -7.49 29.11
CA HIS A 184 2.55 -7.23 27.98
C HIS A 184 1.18 -6.72 28.42
N ASN A 185 0.61 -7.33 29.46
CA ASN A 185 -0.76 -7.00 29.83
C ASN A 185 -0.88 -5.63 30.50
N PHE A 186 0.10 -5.22 31.30
CA PHE A 186 -0.10 -4.03 32.12
C PHE A 186 0.92 -2.92 31.92
N LYS A 187 2.02 -3.15 31.20
CA LYS A 187 3.07 -2.15 31.08
C LYS A 187 3.25 -1.62 29.66
N ARG A 188 2.33 -1.93 28.75
CA ARG A 188 2.39 -1.42 27.39
C ARG A 188 1.05 -0.79 27.04
N LYS A 189 1.07 0.46 26.59
CA LYS A 189 -0.14 1.17 26.23
C LYS A 189 -0.07 1.62 24.78
N GLY A 190 -1.23 1.96 24.24
CA GLY A 190 -1.36 2.33 22.85
C GLY A 190 -2.27 1.38 22.10
N GLY A 191 -3.14 1.91 21.25
CA GLY A 191 -4.07 1.06 20.54
C GLY A 191 -5.36 1.77 20.17
N ILE A 192 -6.49 1.18 20.54
CA ILE A 192 -7.78 1.75 20.17
C ILE A 192 -8.09 2.99 21.00
N GLY A 193 -8.10 2.84 22.33
CA GLY A 193 -8.40 3.95 23.21
C GLY A 193 -7.23 4.46 24.02
N GLY A 194 -5.99 4.13 23.66
CA GLY A 194 -4.87 4.46 24.51
C GLY A 194 -4.76 3.59 25.74
N TYR A 195 -5.40 2.42 25.72
CA TYR A 195 -5.45 1.52 26.85
C TYR A 195 -4.32 0.50 26.80
N SER A 196 -4.14 -0.23 27.89
CA SER A 196 -3.41 -1.47 27.87
C SER A 196 -4.41 -2.60 27.60
N ALA A 197 -3.93 -3.85 27.63
CA ALA A 197 -4.81 -4.96 27.32
C ALA A 197 -5.77 -5.28 28.45
N GLY A 198 -5.34 -5.12 29.71
CA GLY A 198 -6.22 -5.38 30.83
C GLY A 198 -7.34 -4.37 30.96
N GLU A 199 -7.02 -3.09 30.76
CA GLU A 199 -8.06 -2.05 30.76
C GLU A 199 -9.03 -2.23 29.62
N ARG A 200 -8.54 -2.70 28.46
CA ARG A 200 -9.41 -2.87 27.31
C ARG A 200 -10.35 -4.06 27.46
N ILE A 201 -9.90 -5.16 28.06
CA ILE A 201 -10.82 -6.29 28.23
C ILE A 201 -11.85 -6.00 29.31
N ILE A 202 -11.47 -5.23 30.35
CA ILE A 202 -12.43 -4.81 31.36
C ILE A 202 -13.48 -3.89 30.76
N ASP A 203 -13.04 -2.94 29.92
CA ASP A 203 -13.95 -1.99 29.29
C ASP A 203 -14.91 -2.68 28.34
N ILE A 204 -14.43 -3.65 27.56
CA ILE A 204 -15.26 -4.33 26.56
C ILE A 204 -16.35 -5.15 27.23
N ILE A 205 -15.99 -5.96 28.24
CA ILE A 205 -16.98 -6.84 28.85
C ILE A 205 -17.99 -6.06 29.69
N ALA A 206 -17.52 -5.02 30.41
CA ALA A 206 -18.44 -4.22 31.20
C ALA A 206 -19.40 -3.43 30.34
N SER A 207 -18.93 -2.92 29.19
CA SER A 207 -19.81 -2.18 28.28
C SER A 207 -20.85 -3.09 27.64
N ASP A 208 -20.49 -4.33 27.35
CA ASP A 208 -21.45 -5.28 26.78
C ASP A 208 -22.57 -5.60 27.75
N LEU A 209 -22.22 -5.86 29.02
CA LEU A 209 -23.24 -6.16 30.03
C LEU A 209 -24.16 -4.98 30.29
N GLN A 210 -23.58 -3.77 30.37
CA GLN A 210 -24.39 -2.59 30.67
C GLN A 210 -25.33 -2.24 29.52
N THR A 211 -24.90 -2.42 28.28
CA THR A 211 -25.79 -2.07 27.18
C THR A 211 -26.90 -3.10 26.98
N THR A 212 -26.67 -4.37 27.36
CA THR A 212 -27.77 -5.34 27.31
C THR A 212 -28.83 -5.02 28.35
N LYS A 213 -28.40 -4.66 29.57
CA LYS A 213 -29.38 -4.33 30.62
C LYS A 213 -30.15 -3.06 30.28
N LEU A 214 -29.47 -2.05 29.71
CA LEU A 214 -30.14 -0.80 29.36
C LEU A 214 -31.18 -1.00 28.27
N GLN A 215 -30.85 -1.76 27.21
CA GLN A 215 -31.84 -1.90 26.16
C GLN A 215 -32.94 -2.90 26.51
N ASN A 216 -32.71 -3.79 27.48
CA ASN A 216 -33.83 -4.59 28.00
C ASN A 216 -34.84 -3.72 28.73
N GLN A 217 -34.35 -2.81 29.58
CA GLN A 217 -35.24 -1.90 30.30
C GLN A 217 -35.94 -0.93 29.36
N ILE A 218 -35.29 -0.55 28.25
CA ILE A 218 -35.94 0.33 27.29
C ILE A 218 -37.01 -0.43 26.51
N SER A 219 -36.66 -1.60 25.97
CA SER A 219 -37.55 -2.29 25.05
C SER A 219 -38.69 -3.03 25.74
N LYS A 220 -38.69 -3.11 27.08
CA LYS A 220 -39.82 -3.79 27.72
C LYS A 220 -41.07 -2.90 27.83
N ILE A 221 -40.94 -1.59 27.61
CA ILE A 221 -42.07 -0.68 27.77
C ILE A 221 -42.34 0.11 26.49
N GLN A 222 -42.13 -0.50 25.34
CA GLN A 222 -42.24 0.20 24.08
C GLN A 222 -43.64 0.09 23.49
N ASN A 223 -43.86 0.85 22.42
CA ASN A 223 -45.15 1.05 21.77
C ASN A 223 -44.87 1.50 20.34
N PHE A 224 -45.89 2.10 19.69
CA PHE A 224 -45.78 2.75 18.38
C PHE A 224 -45.38 1.75 17.28
N ARG A 225 -46.31 0.86 16.96
CA ARG A 225 -46.12 -0.07 15.85
C ARG A 225 -45.97 0.70 14.54
N VAL A 226 -45.24 0.09 13.60
CA VAL A 226 -44.89 0.74 12.33
C VAL A 226 -45.11 -0.26 11.20
N TYR A 227 -45.87 0.16 10.19
CA TYR A 227 -46.03 -0.60 8.96
C TYR A 227 -45.29 0.11 7.84
N PHE A 228 -44.44 -0.64 7.14
CA PHE A 228 -43.54 -0.07 6.15
C PHE A 228 -43.82 -0.67 4.79
N ARG A 229 -43.28 -0.03 3.75
CA ARG A 229 -43.45 -0.48 2.38
C ARG A 229 -42.09 -0.50 1.70
N GLU A 230 -41.60 -1.70 1.39
CA GLU A 230 -40.27 -1.86 0.82
C GLU A 230 -40.29 -3.04 -0.14
N GLY A 231 -39.13 -3.33 -0.72
CA GLY A 231 -38.98 -4.42 -1.67
C GLY A 231 -38.95 -3.93 -3.10
N ARG A 232 -38.68 -4.87 -4.01
CA ARG A 232 -38.72 -4.56 -5.44
C ARG A 232 -40.15 -4.28 -5.90
N ASP A 233 -41.11 -5.03 -5.35
CA ASP A 233 -42.53 -4.79 -5.60
C ASP A 233 -43.13 -4.05 -4.42
N GLN A 234 -44.09 -3.18 -4.70
CA GLN A 234 -44.69 -2.33 -3.67
C GLN A 234 -45.72 -3.15 -2.89
N GLN A 235 -45.21 -3.94 -1.96
CA GLN A 235 -46.02 -4.80 -1.12
C GLN A 235 -46.09 -4.22 0.30
N TRP A 236 -46.77 -4.93 1.20
CA TRP A 236 -46.91 -4.52 2.59
C TRP A 236 -46.60 -5.71 3.48
N LYS A 237 -45.78 -5.49 4.50
CA LYS A 237 -45.38 -6.55 5.42
C LYS A 237 -45.96 -6.30 6.81
N GLY A 238 -45.71 -7.25 7.70
CA GLY A 238 -46.41 -7.33 8.97
C GLY A 238 -46.01 -6.29 10.00
N PRO A 239 -46.41 -6.51 11.25
CA PRO A 239 -46.13 -5.53 12.31
C PRO A 239 -44.68 -5.61 12.77
N ALA A 240 -44.01 -4.47 12.78
CA ALA A 240 -42.62 -4.36 13.20
C ALA A 240 -42.51 -3.34 14.33
N THR A 241 -41.48 -3.49 15.15
CA THR A 241 -41.29 -2.63 16.31
C THR A 241 -40.43 -1.43 15.94
N LEU A 242 -40.94 -0.24 16.23
CA LEU A 242 -40.16 0.98 16.04
C LEU A 242 -39.10 1.08 17.13
N ILE A 243 -37.87 1.41 16.74
CA ILE A 243 -36.76 1.55 17.67
C ILE A 243 -36.36 3.00 17.83
N TRP A 244 -36.05 3.68 16.74
CA TRP A 244 -35.59 5.06 16.81
C TRP A 244 -36.12 5.84 15.63
N LYS A 245 -36.74 6.99 15.93
CA LYS A 245 -37.31 7.87 14.92
C LYS A 245 -36.40 9.09 14.80
N GLY A 246 -35.73 9.21 13.64
CA GLY A 246 -34.79 10.29 13.41
C GLY A 246 -35.16 11.13 12.20
N GLU A 247 -34.46 12.25 12.07
CA GLU A 247 -34.69 13.19 10.96
C GLU A 247 -34.04 12.61 9.71
N GLY A 248 -34.85 11.93 8.90
CA GLY A 248 -34.36 11.39 7.64
C GLY A 248 -34.69 9.92 7.44
N ALA A 249 -34.63 9.14 8.52
CA ALA A 249 -34.90 7.71 8.42
C ALA A 249 -35.39 7.21 9.78
N VAL A 250 -36.00 6.02 9.75
CA VAL A 250 -36.47 5.34 10.94
C VAL A 250 -35.81 3.97 11.00
N VAL A 251 -35.70 3.45 12.22
CA VAL A 251 -35.09 2.14 12.48
C VAL A 251 -36.19 1.21 12.97
N ILE A 252 -36.36 0.09 12.28
CA ILE A 252 -37.40 -0.86 12.64
C ILE A 252 -36.78 -2.23 12.91
N GLN A 253 -37.47 -3.01 13.72
CA GLN A 253 -37.08 -4.39 14.01
C GLN A 253 -38.21 -5.30 13.55
N ASP A 254 -37.91 -6.19 12.60
CA ASP A 254 -38.89 -7.10 12.03
C ASP A 254 -38.27 -8.47 11.90
N GLY A 255 -38.89 -9.46 12.55
CA GLY A 255 -38.42 -10.83 12.49
C GLY A 255 -37.03 -11.03 13.08
N GLN A 256 -36.71 -10.27 14.14
CA GLN A 256 -35.37 -10.16 14.71
C GLN A 256 -34.33 -9.75 13.66
N ASP A 257 -34.71 -8.82 12.78
CA ASP A 257 -33.79 -8.20 11.84
C ASP A 257 -33.95 -6.69 11.94
N LEU A 258 -32.82 -5.98 11.95
CA LEU A 258 -32.82 -4.53 12.03
C LEU A 258 -32.77 -3.95 10.62
N LYS A 259 -33.65 -2.97 10.35
CA LYS A 259 -33.70 -2.34 9.05
C LYS A 259 -33.78 -0.83 9.21
N VAL A 260 -33.30 -0.11 8.20
CA VAL A 260 -33.35 1.33 8.14
C VAL A 260 -34.22 1.72 6.96
N VAL A 261 -35.37 2.31 7.25
CA VAL A 261 -36.37 2.68 6.24
C VAL A 261 -36.40 4.19 6.15
N PRO A 262 -36.49 4.79 4.96
CA PRO A 262 -36.70 6.23 4.87
C PRO A 262 -38.08 6.62 5.37
N ARG A 263 -38.22 7.91 5.70
CA ARG A 263 -39.43 8.39 6.37
C ARG A 263 -40.64 8.48 5.44
N ARG A 264 -40.44 8.36 4.13
CA ARG A 264 -41.56 8.48 3.21
C ARG A 264 -42.33 7.18 3.07
N LYS A 265 -41.66 6.04 3.25
CA LYS A 265 -42.24 4.73 2.99
C LYS A 265 -42.62 3.98 4.26
N CYS A 266 -43.07 4.70 5.28
CA CYS A 266 -43.45 4.07 6.54
C CYS A 266 -44.60 4.85 7.16
N LYS A 267 -45.40 4.15 7.97
CA LYS A 267 -46.55 4.73 8.65
C LYS A 267 -46.57 4.25 10.09
N ILE A 268 -46.80 5.17 11.02
CA ILE A 268 -46.76 4.89 12.45
C ILE A 268 -48.18 4.79 12.98
N ILE A 269 -48.46 3.68 13.67
CA ILE A 269 -49.77 3.42 14.26
C ILE A 269 -49.58 3.18 15.75
N LYS A 270 -50.30 3.94 16.56
CA LYS A 270 -50.20 3.84 18.02
C LYS A 270 -50.87 2.57 18.52
N GLY D 1 -16.00 -22.13 -23.43
CA GLY D 1 -15.70 -21.04 -24.32
C GLY D 1 -16.66 -20.92 -25.48
N PHE D 2 -16.42 -19.98 -26.38
CA PHE D 2 -17.27 -19.79 -27.54
C PHE D 2 -16.53 -19.97 -28.86
N LEU D 3 -15.37 -20.63 -28.86
CA LEU D 3 -14.65 -20.86 -30.11
C LEU D 3 -15.39 -21.88 -31.00
N ASP D 4 -15.95 -22.92 -30.39
CA ASP D 4 -16.83 -23.83 -31.13
C ASP D 4 -18.11 -23.11 -31.55
N GLY D 5 -18.54 -22.11 -30.78
CA GLY D 5 -19.63 -21.26 -31.22
C GLY D 5 -19.30 -20.46 -32.47
N ILE D 6 -18.05 -20.03 -32.61
CA ILE D 6 -17.62 -19.32 -33.81
C ILE D 6 -17.62 -20.26 -35.02
N GLU D 7 -17.18 -21.51 -34.81
CA GLU D 7 -17.20 -22.49 -35.89
C GLU D 7 -18.62 -22.81 -36.34
N LYS D 8 -19.52 -23.04 -35.38
CA LYS D 8 -20.91 -23.36 -35.72
C LYS D 8 -21.64 -22.16 -36.31
N ALA D 9 -21.28 -20.94 -35.90
CA ALA D 9 -21.89 -19.76 -36.50
C ALA D 9 -21.44 -19.57 -37.94
N GLN D 10 -20.19 -19.94 -38.27
CA GLN D 10 -19.75 -19.88 -39.66
C GLN D 10 -20.48 -20.90 -40.51
N GLU D 11 -20.71 -22.09 -39.98
CA GLU D 11 -21.47 -23.10 -40.72
C GLU D 11 -22.93 -22.68 -40.90
N GLU D 12 -23.52 -22.07 -39.87
CA GLU D 12 -24.93 -21.67 -39.94
C GLU D 12 -25.12 -20.50 -40.90
N HIS D 13 -24.18 -19.57 -40.96
CA HIS D 13 -24.29 -18.52 -41.96
C HIS D 13 -23.98 -19.04 -43.35
N GLU D 14 -23.16 -20.10 -43.46
CA GLU D 14 -22.93 -20.71 -44.76
C GLU D 14 -24.18 -21.37 -45.31
N LYS D 15 -25.05 -21.87 -44.43
CA LYS D 15 -26.30 -22.48 -44.90
C LYS D 15 -27.41 -21.47 -45.09
N TYR D 16 -27.76 -20.73 -44.02
CA TYR D 16 -29.02 -19.99 -44.00
C TYR D 16 -28.89 -18.48 -44.18
N HIS D 17 -27.69 -17.92 -44.08
CA HIS D 17 -27.42 -16.49 -44.21
C HIS D 17 -28.20 -15.64 -43.19
N ASN D 18 -27.87 -15.83 -41.92
CA ASN D 18 -28.48 -15.08 -40.85
C ASN D 18 -27.93 -13.65 -40.79
N ASN D 19 -28.43 -12.88 -39.84
CA ASN D 19 -27.83 -11.60 -39.50
C ASN D 19 -26.96 -11.76 -38.26
N TRP D 20 -26.38 -10.64 -37.82
CA TRP D 20 -25.35 -10.74 -36.79
C TRP D 20 -25.93 -10.76 -35.39
N ARG D 21 -27.05 -10.06 -35.16
CA ARG D 21 -27.65 -10.03 -33.83
C ARG D 21 -28.29 -11.36 -33.48
N ALA D 22 -28.83 -12.06 -34.48
CA ALA D 22 -29.40 -13.38 -34.25
C ALA D 22 -28.33 -14.39 -33.86
N MET D 23 -27.19 -14.37 -34.57
CA MET D 23 -26.11 -15.30 -34.24
C MET D 23 -25.46 -14.96 -32.91
N ALA D 24 -25.38 -13.68 -32.58
CA ALA D 24 -24.80 -13.27 -31.31
C ALA D 24 -25.69 -13.66 -30.14
N GLU D 25 -27.01 -13.68 -30.34
CA GLU D 25 -27.89 -14.11 -29.26
C GLU D 25 -28.03 -15.63 -29.19
N ASP D 26 -27.91 -16.31 -30.33
CA ASP D 26 -28.10 -17.76 -30.33
C ASP D 26 -26.86 -18.50 -29.86
N PHE D 27 -25.68 -18.15 -30.40
CA PHE D 27 -24.47 -18.90 -30.14
C PHE D 27 -23.64 -18.33 -29.00
N GLN D 28 -24.07 -17.21 -28.41
CA GLN D 28 -23.41 -16.55 -27.27
C GLN D 28 -21.97 -16.16 -27.57
N ILE D 29 -21.76 -15.62 -28.78
CA ILE D 29 -20.47 -15.07 -29.18
C ILE D 29 -20.59 -13.56 -29.09
N PRO D 30 -19.50 -12.80 -28.96
CA PRO D 30 -19.62 -11.34 -28.91
C PRO D 30 -20.02 -10.75 -30.26
N GLN D 31 -20.30 -9.45 -30.24
CA GLN D 31 -20.85 -8.79 -31.42
C GLN D 31 -19.82 -8.51 -32.49
N VAL D 32 -18.53 -8.39 -32.13
CA VAL D 32 -17.50 -8.08 -33.11
C VAL D 32 -17.25 -9.26 -34.03
N VAL D 33 -17.19 -10.47 -33.47
CA VAL D 33 -16.92 -11.64 -34.31
C VAL D 33 -18.16 -11.99 -35.13
N ALA D 34 -19.36 -11.69 -34.63
CA ALA D 34 -20.57 -11.93 -35.40
C ALA D 34 -20.68 -10.97 -36.58
N LYS D 35 -20.34 -9.69 -36.36
CA LYS D 35 -20.31 -8.74 -37.46
C LYS D 35 -19.22 -9.07 -38.46
N GLU D 36 -18.12 -9.68 -38.02
CA GLU D 36 -17.07 -10.07 -38.95
C GLU D 36 -17.50 -11.28 -39.80
N ILE D 37 -18.27 -12.20 -39.20
CA ILE D 37 -18.80 -13.35 -39.94
C ILE D 37 -19.76 -12.88 -41.03
N VAL D 38 -20.58 -11.87 -40.71
CA VAL D 38 -21.46 -11.30 -41.74
C VAL D 38 -20.64 -10.54 -42.79
N ALA D 39 -19.58 -9.86 -42.36
CA ALA D 39 -18.80 -9.01 -43.27
C ALA D 39 -18.01 -9.82 -44.27
N GLN D 40 -17.55 -11.01 -43.91
CA GLN D 40 -16.74 -11.80 -44.84
C GLN D 40 -17.57 -12.59 -45.85
N CYS D 41 -18.89 -12.44 -45.85
CA CYS D 41 -19.71 -13.07 -46.88
C CYS D 41 -19.92 -12.09 -48.03
N PRO D 42 -19.78 -12.53 -49.29
CA PRO D 42 -19.88 -11.58 -50.40
C PRO D 42 -21.31 -11.18 -50.74
N LYS D 43 -22.30 -11.96 -50.35
CA LYS D 43 -23.68 -11.67 -50.72
C LYS D 43 -24.40 -10.83 -49.67
N CYS D 44 -23.98 -10.89 -48.41
CA CYS D 44 -24.68 -10.22 -47.32
C CYS D 44 -24.04 -8.87 -47.01
N GLN D 45 -24.84 -7.99 -46.43
CA GLN D 45 -24.39 -6.67 -46.02
C GLN D 45 -24.92 -6.40 -44.63
N VAL D 46 -24.04 -5.99 -43.72
CA VAL D 46 -24.41 -5.81 -42.31
C VAL D 46 -25.22 -4.52 -42.18
N LYS D 47 -26.41 -4.65 -41.59
CA LYS D 47 -27.30 -3.50 -41.42
C LYS D 47 -28.21 -3.72 -40.22
N ILE E 204 42.74 37.09 23.97
CA ILE E 204 43.01 35.77 24.53
C ILE E 204 41.70 35.10 24.94
N ILE E 205 40.81 35.87 25.56
CA ILE E 205 39.53 35.33 26.01
C ILE E 205 38.52 35.32 24.87
N ALA E 206 38.55 36.34 24.01
CA ALA E 206 37.59 36.41 22.92
C ALA E 206 37.85 35.34 21.87
N SER E 207 39.13 35.04 21.60
CA SER E 207 39.46 33.95 20.69
C SER E 207 39.08 32.60 21.27
N ASP E 208 39.14 32.46 22.59
CA ASP E 208 38.66 31.24 23.23
C ASP E 208 37.14 31.10 23.10
N LEU E 209 36.43 32.24 23.14
CA LEU E 209 34.98 32.20 22.93
C LEU E 209 34.64 31.79 21.50
N GLN E 210 35.37 32.31 20.52
CA GLN E 210 35.12 31.93 19.13
C GLN E 210 35.47 30.47 18.88
N THR E 211 36.55 29.99 19.52
CA THR E 211 36.94 28.59 19.36
C THR E 211 35.92 27.65 19.99
N THR E 212 35.37 28.01 21.14
CA THR E 212 34.35 27.18 21.77
C THR E 212 33.04 27.19 21.00
N LYS E 213 32.69 28.31 20.38
CA LYS E 213 31.47 28.36 19.57
C LYS E 213 31.61 27.50 18.32
N LEU E 214 32.76 27.59 17.64
CA LEU E 214 32.98 26.77 16.45
C LEU E 214 33.09 25.28 16.80
N GLN E 215 33.71 24.96 17.93
CA GLN E 215 33.77 23.57 18.36
C GLN E 215 32.40 23.03 18.76
N ASN E 216 31.54 23.89 19.31
CA ASN E 216 30.18 23.46 19.64
C ASN E 216 29.37 23.18 18.38
N GLN E 217 29.54 23.99 17.35
CA GLN E 217 28.84 23.74 16.08
C GLN E 217 29.34 22.46 15.41
N ILE E 218 30.66 22.26 15.39
CA ILE E 218 31.24 21.05 14.78
C ILE E 218 30.84 19.80 15.58
N SER E 219 30.77 19.90 16.91
CA SER E 219 30.34 18.77 17.72
C SER E 219 28.85 18.47 17.56
N LYS E 220 28.02 19.47 17.27
CA LYS E 220 26.60 19.21 17.06
C LYS E 220 26.26 18.91 15.60
N ILE E 221 27.25 18.87 14.70
CA ILE E 221 26.98 18.43 13.34
C ILE E 221 26.64 16.94 13.30
N GLN E 222 27.58 16.08 13.74
CA GLN E 222 27.52 14.67 13.38
C GLN E 222 27.80 13.76 14.58
N ASN E 223 27.07 13.96 15.67
CA ASN E 223 27.16 13.08 16.82
C ASN E 223 25.97 12.12 16.81
N PHE E 224 26.11 11.04 16.04
CA PHE E 224 25.06 10.04 15.88
C PHE E 224 25.52 8.67 16.38
N ARG E 225 24.55 7.82 16.69
CA ARG E 225 24.81 6.42 17.00
C ARG E 225 23.93 5.53 16.13
N VAL E 226 24.44 4.34 15.80
CA VAL E 226 23.76 3.44 14.88
C VAL E 226 23.66 2.05 15.52
N TYR E 227 22.45 1.52 15.59
CA TYR E 227 22.20 0.13 15.98
C TYR E 227 21.80 -0.65 14.72
N PHE E 228 22.63 -1.60 14.33
CA PHE E 228 22.48 -2.28 13.05
C PHE E 228 22.17 -3.75 13.26
N ARG E 229 21.78 -4.41 12.17
CA ARG E 229 21.49 -5.83 12.16
C ARG E 229 22.16 -6.46 10.95
N GLU E 230 23.06 -7.40 11.19
CA GLU E 230 23.85 -7.98 10.11
C GLU E 230 24.14 -9.44 10.43
N GLY E 231 24.71 -10.13 9.44
CA GLY E 231 25.14 -11.50 9.60
C GLY E 231 24.13 -12.49 9.05
N ARG E 232 24.49 -13.77 9.17
CA ARG E 232 23.57 -14.82 8.77
C ARG E 232 22.42 -14.96 9.76
N ASP E 233 22.75 -15.12 11.04
CA ASP E 233 21.76 -15.02 12.11
C ASP E 233 21.61 -13.53 12.43
N GLN E 234 20.55 -12.92 11.92
CA GLN E 234 20.40 -11.46 11.92
C GLN E 234 20.03 -10.99 13.31
N GLN E 235 21.05 -10.75 14.14
CA GLN E 235 20.87 -10.24 15.49
C GLN E 235 21.25 -8.76 15.53
N TRP E 236 20.65 -8.05 16.49
CA TRP E 236 20.94 -6.63 16.64
C TRP E 236 22.17 -6.43 17.51
N LYS E 237 23.07 -5.57 17.06
CA LYS E 237 24.36 -5.36 17.71
C LYS E 237 24.45 -3.95 18.26
N GLY E 238 25.58 -3.67 18.92
CA GLY E 238 25.74 -2.49 19.73
C GLY E 238 25.91 -1.20 18.93
N PRO E 239 26.28 -0.12 19.62
CA PRO E 239 26.41 1.17 18.95
C PRO E 239 27.65 1.23 18.06
N ALA E 240 27.60 2.16 17.12
CA ALA E 240 28.70 2.40 16.19
C ALA E 240 28.70 3.88 15.85
N THR E 241 29.55 4.27 14.91
CA THR E 241 29.63 5.66 14.48
C THR E 241 29.31 5.76 13.00
N LEU E 242 28.40 6.67 12.65
CA LEU E 242 27.99 6.86 11.27
C LEU E 242 29.03 7.68 10.52
N ILE E 243 29.41 7.22 9.33
CA ILE E 243 30.39 7.92 8.49
C ILE E 243 29.72 8.53 7.27
N TRP E 244 29.05 7.72 6.46
CA TRP E 244 28.42 8.16 5.23
C TRP E 244 26.99 7.67 5.21
N LYS E 245 26.07 8.54 4.80
CA LYS E 245 24.66 8.21 4.74
C LYS E 245 24.13 8.54 3.34
N GLY E 246 23.99 7.51 2.51
CA GLY E 246 23.35 7.65 1.23
C GLY E 246 21.95 7.09 1.26
N GLU E 247 21.19 7.41 0.22
CA GLU E 247 19.83 6.92 0.10
C GLU E 247 19.84 5.45 -0.26
N GLY E 248 19.59 4.59 0.74
CA GLY E 248 19.56 3.16 0.57
C GLY E 248 20.48 2.39 1.52
N ALA E 249 21.67 2.92 1.77
CA ALA E 249 22.61 2.23 2.64
C ALA E 249 23.44 3.25 3.40
N VAL E 250 24.05 2.77 4.50
CA VAL E 250 24.90 3.59 5.36
C VAL E 250 26.21 2.85 5.60
N VAL E 251 27.26 3.61 5.84
CA VAL E 251 28.58 3.10 6.17
C VAL E 251 28.87 3.42 7.62
N ILE E 252 29.15 2.40 8.42
CA ILE E 252 29.35 2.57 9.85
C ILE E 252 30.74 2.07 10.23
N GLN E 253 31.32 2.74 11.22
CA GLN E 253 32.59 2.36 11.81
C GLN E 253 32.31 1.70 13.15
N ASP E 254 32.76 0.47 13.32
CA ASP E 254 32.54 -0.31 14.53
C ASP E 254 33.77 -1.16 14.78
N GLY E 255 34.46 -0.89 15.89
CA GLY E 255 35.65 -1.64 16.26
C GLY E 255 36.78 -1.53 15.26
N GLN E 256 36.93 -0.36 14.65
CA GLN E 256 37.85 -0.08 13.53
C GLN E 256 37.58 -1.00 12.34
N ASP E 257 36.31 -1.37 12.16
CA ASP E 257 35.88 -2.10 10.98
C ASP E 257 34.83 -1.27 10.27
N LEU E 258 34.95 -1.15 8.95
CA LEU E 258 33.96 -0.45 8.15
C LEU E 258 32.95 -1.46 7.60
N LYS E 259 31.68 -1.19 7.83
CA LYS E 259 30.61 -2.07 7.36
C LYS E 259 29.59 -1.25 6.59
N VAL E 260 28.95 -1.90 5.62
CA VAL E 260 27.88 -1.29 4.83
C VAL E 260 26.59 -2.01 5.17
N VAL E 261 25.65 -1.28 5.77
CA VAL E 261 24.37 -1.85 6.17
C VAL E 261 23.29 -1.10 5.39
N PRO E 262 22.25 -1.75 4.87
CA PRO E 262 21.12 -0.99 4.32
C PRO E 262 20.37 -0.25 5.40
N ARG E 263 19.67 0.81 5.00
CA ARG E 263 18.92 1.62 5.95
C ARG E 263 17.69 0.91 6.49
N ARG E 264 17.26 -0.16 5.85
CA ARG E 264 16.15 -0.98 6.31
C ARG E 264 16.53 -1.90 7.46
N LYS E 265 17.83 -2.03 7.77
CA LYS E 265 18.32 -2.90 8.83
C LYS E 265 19.17 -2.15 9.84
N CYS E 266 18.88 -0.86 10.05
CA CYS E 266 19.63 -0.06 11.01
C CYS E 266 18.74 1.04 11.56
N LYS E 267 19.10 1.51 12.75
CA LYS E 267 18.39 2.59 13.41
C LYS E 267 19.40 3.65 13.87
N ILE E 268 19.19 4.88 13.45
CA ILE E 268 20.12 5.98 13.69
C ILE E 268 19.52 6.89 14.76
N ILE E 269 20.18 6.97 15.90
CA ILE E 269 19.76 7.82 17.01
C ILE E 269 20.58 9.11 16.95
N LYS E 270 19.87 10.24 16.91
CA LYS E 270 20.49 11.55 16.89
C LYS E 270 20.61 12.08 18.32
N ASP E 271 20.91 13.36 18.45
CA ASP E 271 20.91 14.04 19.74
C ASP E 271 19.93 15.20 19.70
N TYR E 272 19.44 15.58 20.87
CA TYR E 272 18.46 16.65 20.96
C TYR E 272 19.12 18.01 20.73
N SER F 58 26.72 34.67 -51.90
CA SER F 58 25.87 33.49 -51.75
C SER F 58 26.67 32.21 -51.96
N PRO F 59 26.42 31.18 -51.14
CA PRO F 59 27.25 29.97 -51.19
C PRO F 59 26.84 28.96 -52.25
N LYS F 60 25.85 29.25 -53.09
CA LYS F 60 25.42 28.28 -54.09
C LYS F 60 25.16 28.93 -55.45
N THR F 61 25.93 29.96 -55.80
CA THR F 61 25.77 30.67 -57.06
C THR F 61 26.92 30.33 -57.99
N TRP F 62 26.60 29.92 -59.20
CA TRP F 62 27.61 29.60 -60.21
C TRP F 62 27.40 30.50 -61.42
N GLN F 63 28.49 30.73 -62.16
CA GLN F 63 28.44 31.48 -63.42
C GLN F 63 29.03 30.65 -64.54
N MET F 64 28.49 30.77 -65.73
CA MET F 64 28.99 30.01 -66.86
C MET F 64 29.33 30.92 -68.04
N ASP F 65 30.31 30.49 -68.85
CA ASP F 65 30.68 31.18 -70.07
C ASP F 65 31.34 30.19 -71.00
N CYS F 66 31.49 30.60 -72.26
CA CYS F 66 32.18 29.82 -73.28
C CYS F 66 33.21 30.70 -73.99
N THR F 67 34.30 30.09 -74.44
CA THR F 67 35.38 30.80 -75.11
C THR F 67 35.95 29.93 -76.21
N HIS F 68 36.85 30.52 -77.00
CA HIS F 68 37.53 29.83 -78.09
C HIS F 68 39.02 29.78 -77.80
N LEU F 69 39.64 28.65 -78.11
CA LEU F 69 41.07 28.47 -77.89
C LEU F 69 41.60 27.48 -78.89
N GLU F 70 42.48 27.96 -79.79
CA GLU F 70 43.09 27.18 -80.88
C GLU F 70 42.02 26.54 -81.78
N GLY F 71 40.97 27.30 -82.06
CA GLY F 71 39.89 26.81 -82.91
C GLY F 71 38.92 25.87 -82.23
N LYS F 72 39.04 25.66 -80.92
CA LYS F 72 38.14 24.79 -80.19
C LYS F 72 37.10 25.63 -79.43
N VAL F 73 36.25 24.94 -78.67
CA VAL F 73 35.25 25.57 -77.83
C VAL F 73 35.44 25.06 -76.41
N ILE F 74 35.78 25.95 -75.50
CA ILE F 74 35.95 25.62 -74.09
C ILE F 74 34.79 26.21 -73.32
N ILE F 75 34.21 25.43 -72.41
CA ILE F 75 33.14 25.91 -71.55
C ILE F 75 33.65 25.92 -70.11
N VAL F 76 33.44 27.05 -69.44
CA VAL F 76 34.02 27.30 -68.12
C VAL F 76 32.90 27.69 -67.16
N ALA F 77 32.74 26.91 -66.10
CA ALA F 77 31.84 27.21 -65.01
C ALA F 77 32.65 27.57 -63.77
N VAL F 78 32.23 28.61 -63.05
CA VAL F 78 33.00 29.14 -61.94
C VAL F 78 32.09 29.35 -60.74
N HIS F 79 32.48 28.78 -59.60
CA HIS F 79 31.89 29.12 -58.31
C HIS F 79 32.49 30.43 -57.83
N VAL F 80 31.62 31.40 -57.54
CA VAL F 80 32.03 32.79 -57.39
C VAL F 80 32.70 33.04 -56.05
N ALA F 81 32.10 32.55 -54.97
CA ALA F 81 32.54 32.89 -53.62
C ALA F 81 33.89 32.27 -53.26
N SER F 82 34.39 31.31 -54.04
CA SER F 82 35.68 30.71 -53.80
C SER F 82 36.60 30.74 -55.01
N GLY F 83 36.10 31.08 -56.19
CA GLY F 83 36.91 31.03 -57.39
C GLY F 83 37.19 29.63 -57.87
N TYR F 84 36.23 28.72 -57.71
CA TYR F 84 36.44 27.32 -58.06
C TYR F 84 36.08 27.11 -59.52
N ILE F 85 36.88 26.34 -60.25
CA ILE F 85 36.80 26.26 -61.69
C ILE F 85 36.50 24.83 -62.12
N GLU F 86 35.47 24.66 -62.94
CA GLU F 86 35.26 23.45 -63.71
C GLU F 86 35.25 23.82 -65.19
N ALA F 87 35.87 23.00 -66.02
CA ALA F 87 36.02 23.33 -67.43
C ALA F 87 35.95 22.07 -68.28
N GLU F 88 35.45 22.23 -69.50
CA GLU F 88 35.38 21.13 -70.45
C GLU F 88 35.58 21.66 -71.87
N VAL F 89 35.82 20.72 -72.79
CA VAL F 89 36.04 21.02 -74.20
C VAL F 89 34.85 20.51 -74.98
N LEU F 90 34.11 21.41 -75.61
CA LEU F 90 32.96 20.97 -76.38
C LEU F 90 33.32 20.79 -77.84
N PRO F 91 32.72 19.80 -78.51
CA PRO F 91 32.92 19.68 -79.96
C PRO F 91 32.04 20.60 -80.79
N ALA F 92 31.09 21.30 -80.16
CA ALA F 92 30.21 22.21 -80.87
C ALA F 92 29.74 23.30 -79.92
N GLU F 93 28.78 24.10 -80.38
CA GLU F 93 28.16 25.13 -79.56
C GLU F 93 26.64 25.01 -79.55
N THR F 94 26.12 23.79 -79.69
CA THR F 94 24.68 23.59 -79.70
C THR F 94 24.13 23.57 -78.28
N GLY F 95 22.80 23.49 -78.18
CA GLY F 95 22.15 23.48 -76.88
C GLY F 95 22.24 22.16 -76.16
N LYS F 96 22.44 21.07 -76.88
CA LYS F 96 22.44 19.74 -76.26
C LYS F 96 23.71 19.52 -75.44
N GLU F 97 24.87 19.91 -75.96
CA GLU F 97 26.10 19.77 -75.20
C GLU F 97 26.17 20.73 -74.02
N THR F 98 25.56 21.91 -74.17
CA THR F 98 25.47 22.84 -73.04
C THR F 98 24.56 22.29 -71.94
N ALA F 99 23.44 21.67 -72.33
CA ALA F 99 22.55 21.06 -71.35
C ALA F 99 23.19 19.85 -70.69
N HIS F 100 24.02 19.10 -71.42
CA HIS F 100 24.70 17.95 -70.84
C HIS F 100 25.78 18.39 -69.85
N PHE F 101 26.51 19.46 -70.16
CA PHE F 101 27.51 19.96 -69.22
C PHE F 101 26.85 20.56 -67.98
N LEU F 102 25.71 21.23 -68.15
CA LEU F 102 24.99 21.76 -67.01
C LEU F 102 24.42 20.64 -66.15
N LEU F 103 24.01 19.53 -66.76
CA LEU F 103 23.50 18.39 -65.99
C LEU F 103 24.62 17.73 -65.19
N LYS F 104 25.81 17.59 -65.79
CA LYS F 104 26.93 16.99 -65.06
C LYS F 104 27.39 17.90 -63.92
N LEU F 105 27.35 19.22 -64.14
CA LEU F 105 27.72 20.16 -63.08
C LEU F 105 26.72 20.12 -61.93
N ALA F 106 25.42 20.07 -62.25
CA ALA F 106 24.41 20.01 -61.20
C ALA F 106 24.36 18.65 -60.51
N ALA F 107 24.87 17.60 -61.16
CA ALA F 107 24.92 16.29 -60.52
C ALA F 107 26.13 16.14 -59.62
N ARG F 108 27.22 16.85 -59.89
CA ARG F 108 28.40 16.76 -59.04
C ARG F 108 28.30 17.65 -57.81
N TRP F 109 27.97 18.92 -57.97
CA TRP F 109 27.92 19.90 -56.90
C TRP F 109 26.51 20.47 -56.76
N PRO F 110 26.11 20.91 -55.56
CA PRO F 110 24.78 21.52 -55.42
C PRO F 110 24.69 22.91 -56.03
N VAL F 111 24.04 23.00 -57.18
CA VAL F 111 23.84 24.25 -57.90
C VAL F 111 22.40 24.68 -57.72
N LYS F 112 22.18 25.94 -57.35
CA LYS F 112 20.83 26.43 -57.16
C LYS F 112 20.56 27.67 -58.00
N HIS F 113 21.60 28.49 -58.21
CA HIS F 113 21.44 29.76 -58.92
C HIS F 113 22.51 29.88 -59.99
N LEU F 114 22.09 29.82 -61.25
CA LEU F 114 23.00 29.90 -62.39
C LEU F 114 22.90 31.29 -63.01
N HIS F 115 24.05 31.88 -63.30
CA HIS F 115 24.13 33.18 -63.93
C HIS F 115 24.87 33.05 -65.27
N THR F 116 24.22 33.51 -66.33
CA THR F 116 24.80 33.49 -67.66
C THR F 116 24.55 34.84 -68.34
N ASP F 117 25.01 34.95 -69.58
CA ASP F 117 24.77 36.13 -70.39
C ASP F 117 23.66 35.85 -71.40
N ASN F 118 23.42 36.80 -72.30
CA ASN F 118 22.43 36.64 -73.36
C ASN F 118 23.13 36.07 -74.58
N GLY F 119 23.37 34.76 -74.54
CA GLY F 119 24.05 34.06 -75.61
C GLY F 119 23.08 33.37 -76.56
N ASP F 120 23.63 32.46 -77.35
CA ASP F 120 22.84 31.71 -78.32
C ASP F 120 22.39 30.36 -77.79
N ASN F 121 23.30 29.56 -77.25
CA ASN F 121 22.94 28.25 -76.71
C ASN F 121 22.45 28.32 -75.28
N PHE F 122 22.68 29.43 -74.58
CA PHE F 122 22.24 29.58 -73.20
C PHE F 122 20.77 29.97 -73.09
N THR F 123 20.10 30.25 -74.21
CA THR F 123 18.67 30.52 -74.25
C THR F 123 18.05 29.50 -75.18
N SER F 124 17.71 28.32 -74.63
CA SER F 124 17.21 27.24 -75.45
C SER F 124 16.35 26.30 -74.63
N SER F 125 15.64 25.43 -75.34
CA SER F 125 14.70 24.51 -74.70
C SER F 125 15.41 23.44 -73.89
N ALA F 126 16.61 23.02 -74.32
CA ALA F 126 17.33 21.97 -73.60
C ALA F 126 17.85 22.48 -72.27
N VAL F 127 18.43 23.68 -72.25
CA VAL F 127 18.89 24.28 -71.00
C VAL F 127 17.72 24.62 -70.10
N GLN F 128 16.59 25.04 -70.69
CA GLN F 128 15.40 25.33 -69.89
C GLN F 128 14.83 24.06 -69.27
N ALA F 129 14.85 22.94 -70.00
CA ALA F 129 14.32 21.68 -69.48
C ALA F 129 15.22 21.10 -68.39
N VAL F 130 16.54 21.21 -68.57
CA VAL F 130 17.48 20.71 -67.55
C VAL F 130 17.38 21.55 -66.28
N CYS F 131 17.23 22.87 -66.42
CA CYS F 131 17.04 23.72 -65.25
C CYS F 131 15.71 23.46 -64.56
N TRP F 132 14.67 23.10 -65.31
CA TRP F 132 13.41 22.72 -64.69
C TRP F 132 13.52 21.42 -63.93
N TRP F 133 14.19 20.42 -64.51
CA TRP F 133 14.26 19.11 -63.88
C TRP F 133 15.19 19.11 -62.67
N ALA F 134 16.20 19.97 -62.66
CA ALA F 134 17.13 20.06 -61.56
C ALA F 134 16.82 21.19 -60.59
N GLN F 135 15.75 21.96 -60.86
CA GLN F 135 15.25 23.04 -59.98
C GLN F 135 16.30 24.12 -59.75
N ILE F 136 16.89 24.59 -60.84
CA ILE F 136 17.90 25.65 -60.81
C ILE F 136 17.26 26.94 -61.29
N GLU F 137 17.55 28.03 -60.58
CA GLU F 137 17.05 29.35 -60.92
C GLU F 137 18.03 30.01 -61.88
N HIS F 138 17.56 30.37 -63.06
CA HIS F 138 18.41 30.87 -64.13
C HIS F 138 18.26 32.39 -64.24
N THR F 139 19.40 33.09 -64.33
CA THR F 139 19.40 34.54 -64.51
C THR F 139 20.32 34.92 -65.66
N PHE F 140 19.90 35.94 -66.41
CA PHE F 140 20.68 36.50 -67.50
C PHE F 140 21.19 37.88 -67.11
N GLY F 141 22.42 38.18 -67.50
CA GLY F 141 23.01 39.47 -67.21
C GLY F 141 22.83 40.46 -68.34
N VAL F 151 34.36 38.48 -63.83
CA VAL F 151 34.89 37.39 -63.03
C VAL F 151 35.31 36.23 -63.93
N VAL F 152 34.40 35.82 -64.81
CA VAL F 152 34.64 34.67 -65.67
C VAL F 152 35.67 35.00 -66.75
N GLU F 153 35.71 36.25 -67.19
CA GLU F 153 36.73 36.66 -68.15
C GLU F 153 38.12 36.69 -67.53
N SER F 154 38.21 37.11 -66.26
CA SER F 154 39.47 37.06 -65.54
C SER F 154 39.92 35.62 -65.32
N MET F 155 38.98 34.73 -64.99
CA MET F 155 39.32 33.31 -64.84
C MET F 155 39.68 32.67 -66.18
N ASN F 156 39.09 33.17 -67.27
CA ASN F 156 39.44 32.67 -68.60
C ASN F 156 40.85 33.07 -68.99
N HIS F 157 41.24 34.32 -68.69
CA HIS F 157 42.61 34.76 -68.96
C HIS F 157 43.61 34.01 -68.08
N GLN F 158 43.24 33.73 -66.82
CA GLN F 158 44.08 32.95 -65.93
C GLN F 158 44.29 31.52 -66.45
N LEU F 159 43.20 30.90 -66.94
CA LEU F 159 43.29 29.54 -67.44
C LEU F 159 44.10 29.48 -68.73
N LYS F 160 43.99 30.53 -69.57
CA LYS F 160 44.79 30.58 -70.80
C LYS F 160 46.27 30.72 -70.49
N THR F 161 46.62 31.50 -69.46
CA THR F 161 48.03 31.66 -69.09
C THR F 161 48.61 30.36 -68.53
N ILE F 162 47.84 29.64 -67.72
CA ILE F 162 48.33 28.36 -67.19
C ILE F 162 48.46 27.33 -68.31
N ILE F 163 47.53 27.34 -69.28
CA ILE F 163 47.59 26.44 -70.42
C ILE F 163 48.84 26.71 -71.26
N THR F 164 49.16 27.99 -71.49
CA THR F 164 50.38 28.32 -72.21
C THR F 164 51.64 28.05 -71.40
N GLN F 165 51.53 27.94 -70.07
CA GLN F 165 52.70 27.61 -69.27
C GLN F 165 53.04 26.12 -69.33
N ILE F 166 52.02 25.25 -69.33
CA ILE F 166 52.31 23.81 -69.31
C ILE F 166 51.93 23.17 -70.64
N ARG F 167 52.03 23.92 -71.73
CA ARG F 167 51.61 23.41 -73.03
C ARG F 167 52.54 22.35 -73.57
N ASP F 168 53.84 22.44 -73.27
CA ASP F 168 54.83 21.52 -73.81
C ASP F 168 54.94 20.22 -73.01
N GLN F 169 53.96 19.91 -72.17
CA GLN F 169 53.92 18.63 -71.47
C GLN F 169 52.78 17.73 -71.93
N ALA F 170 51.88 18.22 -72.79
CA ALA F 170 50.74 17.45 -73.24
C ALA F 170 50.66 17.48 -74.76
N GLU F 171 50.16 16.38 -75.33
CA GLU F 171 50.00 16.30 -76.78
C GLU F 171 48.74 17.05 -77.22
N LYS F 172 47.58 16.63 -76.70
CA LYS F 172 46.31 17.20 -77.10
C LYS F 172 45.93 18.36 -76.20
N ILE F 173 44.92 19.12 -76.63
CA ILE F 173 44.47 20.28 -75.86
C ILE F 173 43.63 19.87 -74.65
N GLU F 174 43.06 18.67 -74.65
CA GLU F 174 42.18 18.25 -73.58
C GLU F 174 42.95 17.94 -72.30
N THR F 175 44.10 17.28 -72.44
CA THR F 175 44.98 17.03 -71.30
C THR F 175 45.52 18.33 -70.74
N ALA F 176 45.80 19.32 -71.60
CA ALA F 176 46.26 20.63 -71.15
C ALA F 176 45.18 21.35 -70.36
N VAL F 177 43.92 21.24 -70.80
CA VAL F 177 42.81 21.88 -70.10
C VAL F 177 42.59 21.26 -68.72
N GLN F 178 42.64 19.92 -68.63
CA GLN F 178 42.40 19.27 -67.35
C GLN F 178 43.56 19.47 -66.38
N MET F 179 44.79 19.49 -66.89
CA MET F 179 45.94 19.74 -66.01
C MET F 179 45.97 21.19 -65.54
N ALA F 180 45.53 22.13 -66.39
CA ALA F 180 45.43 23.52 -65.95
C ALA F 180 44.33 23.70 -64.90
N VAL F 181 43.25 22.91 -65.01
CA VAL F 181 42.20 22.96 -63.99
C VAL F 181 42.71 22.43 -62.66
N LEU F 182 43.50 21.34 -62.69
CA LEU F 182 44.09 20.81 -61.46
C LEU F 182 45.09 21.78 -60.84
N ILE F 183 45.88 22.45 -61.67
CA ILE F 183 46.86 23.41 -61.17
C ILE F 183 46.17 24.61 -60.54
N HIS F 184 45.14 25.15 -61.21
CA HIS F 184 44.42 26.30 -60.67
C HIS F 184 43.63 25.95 -59.41
N ASN F 185 43.13 24.72 -59.30
CA ASN F 185 42.29 24.38 -58.16
C ASN F 185 43.08 23.96 -56.94
N PHE F 186 44.25 23.35 -57.09
CA PHE F 186 44.94 22.84 -55.91
C PHE F 186 46.40 23.25 -55.79
N LYS F 187 46.96 23.98 -56.76
CA LYS F 187 48.36 24.38 -56.69
C LYS F 187 48.58 25.89 -56.74
N ARG F 188 47.58 26.69 -56.46
CA ARG F 188 47.70 28.15 -56.47
C ARG F 188 47.12 28.69 -55.17
N LYS F 189 47.96 28.81 -54.15
CA LYS F 189 47.52 29.29 -52.85
C LYS F 189 47.80 30.79 -52.74
N GLY F 190 46.76 31.54 -52.39
CA GLY F 190 46.88 32.96 -52.18
C GLY F 190 45.84 33.42 -51.19
N GLY F 191 45.31 34.61 -51.39
CA GLY F 191 44.24 35.09 -50.54
C GLY F 191 44.74 35.60 -49.19
N ILE F 192 43.85 35.54 -48.21
CA ILE F 192 44.10 36.10 -46.88
C ILE F 192 44.75 35.05 -45.99
N GLY F 193 44.05 33.94 -45.75
CA GLY F 193 44.58 32.92 -44.87
C GLY F 193 45.64 32.04 -45.49
N GLY F 194 45.68 31.97 -46.81
CA GLY F 194 46.61 31.09 -47.49
C GLY F 194 45.99 29.76 -47.86
N TYR F 195 44.79 29.81 -48.44
CA TYR F 195 44.08 28.62 -48.87
C TYR F 195 43.92 28.64 -50.38
N SER F 196 43.78 27.45 -50.97
CA SER F 196 43.49 27.32 -52.38
C SER F 196 41.98 27.43 -52.61
N ALA F 197 41.52 27.11 -53.81
CA ALA F 197 40.10 27.25 -54.11
C ALA F 197 39.29 26.09 -53.55
N GLY F 198 39.86 24.89 -53.54
CA GLY F 198 39.12 23.72 -53.08
C GLY F 198 38.85 23.73 -51.59
N GLU F 199 39.83 24.21 -50.80
CA GLU F 199 39.62 24.32 -49.37
C GLU F 199 38.59 25.39 -49.04
N ARG F 200 38.54 26.46 -49.85
CA ARG F 200 37.57 27.52 -49.60
C ARG F 200 36.15 27.09 -49.94
N ILE F 201 35.96 26.36 -51.04
CA ILE F 201 34.61 25.95 -51.40
C ILE F 201 34.10 24.87 -50.44
N ILE F 202 34.99 24.00 -49.96
CA ILE F 202 34.59 22.98 -48.99
C ILE F 202 34.24 23.62 -47.65
N ASP F 203 35.00 24.64 -47.23
CA ASP F 203 34.72 25.32 -45.97
C ASP F 203 33.40 26.09 -46.00
N ILE F 204 33.12 26.76 -47.13
CA ILE F 204 31.90 27.57 -47.24
C ILE F 204 30.67 26.68 -47.23
N ILE F 205 30.68 25.60 -48.03
CA ILE F 205 29.53 24.72 -48.09
C ILE F 205 29.32 23.97 -46.77
N ALA F 206 30.40 23.60 -46.09
CA ALA F 206 30.28 22.91 -44.80
C ALA F 206 29.68 23.81 -43.73
N SER F 207 30.03 25.11 -43.75
CA SER F 207 29.46 26.04 -42.77
C SER F 207 27.96 26.23 -42.96
N ASP F 208 27.53 26.40 -44.22
CA ASP F 208 26.09 26.61 -44.48
C ASP F 208 25.27 25.37 -44.16
N LEU F 209 25.78 24.19 -44.51
CA LEU F 209 25.06 22.95 -44.22
C LEU F 209 25.01 22.68 -42.72
N GLN F 210 26.06 23.06 -41.98
CA GLN F 210 26.05 22.90 -40.53
C GLN F 210 24.98 23.75 -39.88
N THR F 211 24.76 24.96 -40.39
CA THR F 211 23.74 25.84 -39.82
C THR F 211 22.33 25.27 -40.00
N THR F 212 21.99 24.89 -41.23
CA THR F 212 20.63 24.41 -41.50
C THR F 212 20.35 23.06 -40.81
N LYS F 213 21.33 22.15 -40.83
CA LYS F 213 21.11 20.87 -40.18
C LYS F 213 21.12 20.96 -38.66
N LEU F 214 21.77 21.98 -38.08
CA LEU F 214 21.65 22.20 -36.63
C LEU F 214 20.21 22.56 -36.25
N GLN F 215 19.59 23.44 -37.05
CA GLN F 215 18.22 23.85 -36.77
C GLN F 215 17.23 22.69 -36.89
N ASN F 216 17.52 21.72 -37.75
CA ASN F 216 16.65 20.54 -37.79
C ASN F 216 16.97 19.52 -36.69
N GLN F 217 18.25 19.37 -36.33
CA GLN F 217 18.64 18.29 -35.42
C GLN F 217 18.24 18.57 -33.97
N ILE F 218 17.95 19.84 -33.64
CA ILE F 218 17.42 20.13 -32.30
C ILE F 218 16.06 19.46 -32.08
N SER F 219 15.15 19.60 -33.04
CA SER F 219 13.85 18.94 -32.93
C SER F 219 13.99 17.42 -33.05
N LYS F 220 14.97 16.96 -33.84
CA LYS F 220 15.24 15.53 -33.93
C LYS F 220 15.64 14.93 -32.58
N ILE F 221 16.45 15.65 -31.79
CA ILE F 221 16.82 15.12 -30.48
C ILE F 221 15.72 15.34 -29.45
N GLN F 222 14.78 16.25 -29.70
CA GLN F 222 13.66 16.42 -28.78
C GLN F 222 12.49 15.49 -29.10
N ASN F 223 12.62 14.62 -30.08
CA ASN F 223 11.56 13.66 -30.40
C ASN F 223 11.69 12.32 -29.67
N PHE F 224 12.40 12.26 -28.55
CA PHE F 224 12.55 11.03 -27.79
C PHE F 224 11.65 11.04 -26.55
N ARG F 225 11.51 9.88 -25.93
CA ARG F 225 10.63 9.72 -24.76
C ARG F 225 11.41 9.11 -23.60
N VAL F 226 11.18 9.65 -22.40
CA VAL F 226 11.92 9.29 -21.20
C VAL F 226 10.95 8.83 -20.13
N TYR F 227 11.19 7.66 -19.55
CA TYR F 227 10.48 7.17 -18.38
C TYR F 227 11.41 7.30 -17.18
N PHE F 228 11.01 8.08 -16.19
CA PHE F 228 11.88 8.40 -15.07
C PHE F 228 11.27 7.96 -13.75
N ARG F 229 12.06 8.08 -12.69
CA ARG F 229 11.63 7.71 -11.35
C ARG F 229 11.95 8.84 -10.38
N GLU F 230 11.02 9.13 -9.49
CA GLU F 230 11.19 10.16 -8.47
C GLU F 230 11.65 9.53 -7.16
N GLY F 231 11.68 10.33 -6.10
CA GLY F 231 12.16 9.86 -4.82
C GLY F 231 11.12 9.18 -3.97
N ARG F 232 11.45 7.97 -3.49
CA ARG F 232 10.61 7.14 -2.61
C ARG F 232 9.24 6.85 -3.23
N ASP F 233 9.23 6.41 -4.47
CA ASP F 233 8.04 5.91 -5.14
C ASP F 233 8.49 4.86 -6.14
N GLN F 234 7.80 3.71 -6.17
CA GLN F 234 8.25 2.57 -6.94
C GLN F 234 7.44 2.37 -8.23
N GLN F 235 7.00 3.44 -8.86
CA GLN F 235 6.32 3.36 -10.15
C GLN F 235 7.02 4.30 -11.14
N TRP F 236 7.09 3.86 -12.39
CA TRP F 236 7.76 4.64 -13.43
C TRP F 236 6.82 5.70 -13.99
N LYS F 237 7.26 6.95 -13.98
CA LYS F 237 6.40 8.05 -14.37
C LYS F 237 6.28 8.12 -15.89
N GLY F 238 5.45 9.06 -16.36
CA GLY F 238 5.01 9.07 -17.73
C GLY F 238 6.08 9.57 -18.68
N PRO F 239 5.76 9.53 -19.97
CA PRO F 239 6.76 9.85 -21.01
C PRO F 239 7.07 11.33 -21.14
N ALA F 240 7.98 11.86 -20.32
CA ALA F 240 8.45 13.22 -20.48
C ALA F 240 9.33 13.33 -21.73
N THR F 241 9.62 14.57 -22.12
CA THR F 241 10.38 14.82 -23.34
C THR F 241 11.84 15.11 -22.99
N LEU F 242 12.75 14.48 -23.74
CA LEU F 242 14.17 14.66 -23.53
C LEU F 242 14.62 16.02 -24.08
N ILE F 243 15.51 16.69 -23.34
CA ILE F 243 16.13 17.93 -23.81
C ILE F 243 17.62 17.75 -24.03
N TRP F 244 18.33 17.24 -23.03
CA TRP F 244 19.76 17.00 -23.17
C TRP F 244 20.14 15.83 -22.28
N LYS F 245 21.06 15.00 -22.75
CA LYS F 245 21.51 13.82 -22.04
C LYS F 245 22.99 13.98 -21.71
N GLY F 246 23.30 14.24 -20.45
CA GLY F 246 24.67 14.40 -20.01
C GLY F 246 25.35 13.08 -19.73
N GLU F 247 26.38 13.14 -18.89
CA GLU F 247 27.11 11.94 -18.50
C GLU F 247 26.58 11.35 -17.20
N GLY F 248 26.13 12.19 -16.28
CA GLY F 248 25.58 11.72 -15.03
C GLY F 248 24.24 12.35 -14.70
N ALA F 249 23.66 13.05 -15.66
CA ALA F 249 22.39 13.71 -15.45
C ALA F 249 21.63 13.78 -16.77
N VAL F 250 20.30 13.93 -16.67
CA VAL F 250 19.41 13.99 -17.82
C VAL F 250 18.40 15.10 -17.58
N VAL F 251 18.31 16.04 -18.52
CA VAL F 251 17.37 17.15 -18.44
C VAL F 251 16.12 16.79 -19.22
N ILE F 252 14.97 16.79 -18.54
CA ILE F 252 13.71 16.46 -19.17
C ILE F 252 12.72 17.59 -18.94
N GLN F 253 11.74 17.68 -19.84
CA GLN F 253 10.62 18.58 -19.72
C GLN F 253 9.36 17.75 -19.50
N ASP F 254 8.67 18.00 -18.39
CA ASP F 254 7.49 17.25 -17.99
C ASP F 254 6.44 18.25 -17.54
N GLY F 255 5.34 18.34 -18.30
CA GLY F 255 4.24 19.24 -17.99
C GLY F 255 4.65 20.70 -17.97
N GLN F 256 5.49 21.08 -18.93
CA GLN F 256 6.15 22.39 -19.01
C GLN F 256 6.94 22.71 -17.73
N ASP F 257 7.60 21.69 -17.15
CA ASP F 257 8.48 21.88 -16.02
C ASP F 257 9.80 21.20 -16.33
N LEU F 258 10.90 21.96 -16.30
CA LEU F 258 12.21 21.40 -16.56
C LEU F 258 12.80 20.85 -15.27
N LYS F 259 13.38 19.65 -15.35
CA LYS F 259 14.01 19.06 -14.18
C LYS F 259 15.19 18.20 -14.59
N VAL F 260 16.03 17.89 -13.61
CA VAL F 260 17.28 17.15 -13.80
C VAL F 260 17.21 15.88 -12.97
N VAL F 261 17.28 14.73 -13.65
CA VAL F 261 17.23 13.43 -12.99
C VAL F 261 18.58 12.76 -13.17
N PRO F 262 19.03 11.91 -12.25
CA PRO F 262 20.25 11.12 -12.49
C PRO F 262 20.09 10.13 -13.63
N ARG F 263 21.23 9.66 -14.13
CA ARG F 263 21.24 8.75 -15.27
C ARG F 263 20.74 7.37 -14.90
N ARG F 264 20.87 6.99 -13.63
CA ARG F 264 20.46 5.66 -13.19
C ARG F 264 18.99 5.57 -12.80
N LYS F 265 18.19 6.60 -13.09
CA LYS F 265 16.76 6.61 -12.78
C LYS F 265 15.92 6.90 -14.01
N CYS F 266 16.45 6.67 -15.20
CA CYS F 266 15.80 7.02 -16.45
C CYS F 266 15.92 5.89 -17.46
N LYS F 267 14.93 5.82 -18.36
CA LYS F 267 14.95 4.91 -19.51
C LYS F 267 14.53 5.70 -20.72
N ILE F 268 15.41 5.80 -21.71
CA ILE F 268 15.17 6.64 -22.89
C ILE F 268 14.91 5.73 -24.08
N ILE F 269 13.68 5.77 -24.60
CA ILE F 269 13.29 5.00 -25.76
C ILE F 269 12.63 5.92 -26.78
N LYS F 270 12.33 5.35 -27.94
CA LYS F 270 11.62 6.08 -28.98
C LYS F 270 10.15 5.69 -29.07
N ASP F 271 9.79 4.49 -28.62
CA ASP F 271 8.41 4.03 -28.38
C ASP F 271 7.57 4.08 -29.65
N TYR F 272 7.91 3.20 -30.59
CA TYR F 272 7.14 3.08 -31.82
C TYR F 272 5.77 2.49 -31.53
N GLY F 273 4.78 3.36 -31.31
CA GLY F 273 3.44 2.91 -30.99
C GLY F 273 2.71 3.83 -30.03
N GLY G 5 47.39 9.35 -22.36
CA GLY G 5 46.85 8.85 -23.61
C GLY G 5 47.71 7.80 -24.27
N ILE G 6 49.04 7.98 -24.17
CA ILE G 6 49.97 7.04 -24.78
C ILE G 6 49.94 5.71 -24.04
N GLU G 7 49.82 5.76 -22.71
CA GLU G 7 49.75 4.53 -21.92
C GLU G 7 48.44 3.78 -22.17
N LYS G 8 47.34 4.52 -22.29
CA LYS G 8 46.06 3.90 -22.59
C LYS G 8 46.04 3.29 -23.99
N ALA G 9 46.69 3.96 -24.95
CA ALA G 9 46.78 3.41 -26.30
C ALA G 9 47.66 2.17 -26.35
N GLN G 10 48.75 2.15 -25.57
CA GLN G 10 49.60 0.96 -25.53
C GLN G 10 48.90 -0.22 -24.87
N GLU G 11 48.13 0.03 -23.81
CA GLU G 11 47.39 -1.04 -23.15
C GLU G 11 46.25 -1.56 -24.04
N GLU G 12 45.57 -0.65 -24.74
CA GLU G 12 44.49 -1.06 -25.64
C GLU G 12 45.02 -1.85 -26.82
N HIS G 13 46.18 -1.46 -27.37
CA HIS G 13 46.75 -2.21 -28.47
C HIS G 13 47.34 -3.54 -28.01
N GLU G 14 47.83 -3.60 -26.77
CA GLU G 14 48.33 -4.87 -26.26
C GLU G 14 47.19 -5.86 -26.04
N LYS G 15 46.02 -5.37 -25.64
CA LYS G 15 44.88 -6.25 -25.46
C LYS G 15 44.25 -6.66 -26.80
N TYR G 16 43.81 -5.68 -27.59
CA TYR G 16 42.89 -5.95 -28.68
C TYR G 16 43.49 -5.78 -30.08
N HIS G 17 44.70 -5.21 -30.19
CA HIS G 17 45.41 -4.98 -31.44
C HIS G 17 44.60 -4.11 -32.42
N ASN G 18 44.35 -2.87 -32.00
CA ASN G 18 43.67 -1.91 -32.85
C ASN G 18 44.66 -1.26 -33.80
N ASN G 19 44.12 -0.59 -34.82
CA ASN G 19 44.95 0.13 -35.77
C ASN G 19 45.28 1.52 -35.22
N TRP G 20 46.04 2.30 -36.00
CA TRP G 20 46.54 3.58 -35.50
C TRP G 20 45.51 4.69 -35.64
N ARG G 21 44.64 4.61 -36.65
CA ARG G 21 43.67 5.68 -36.88
C ARG G 21 42.57 5.68 -35.83
N ALA G 22 42.07 4.50 -35.46
CA ALA G 22 41.03 4.41 -34.44
C ALA G 22 41.57 4.79 -33.07
N MET G 23 42.84 4.45 -32.78
CA MET G 23 43.45 4.87 -31.53
C MET G 23 43.66 6.37 -31.49
N ALA G 24 44.10 6.97 -32.60
CA ALA G 24 44.32 8.41 -32.64
C ALA G 24 43.00 9.18 -32.59
N GLU G 25 41.91 8.57 -33.03
CA GLU G 25 40.61 9.22 -32.89
C GLU G 25 40.08 9.09 -31.46
N ASP G 26 40.09 7.87 -30.91
CA ASP G 26 39.44 7.63 -29.63
C ASP G 26 40.26 8.11 -28.43
N PHE G 27 41.55 8.35 -28.61
CA PHE G 27 42.39 8.79 -27.50
C PHE G 27 43.00 10.17 -27.71
N GLN G 28 42.76 10.80 -28.87
CA GLN G 28 43.16 12.17 -29.20
C GLN G 28 44.68 12.35 -29.12
N ILE G 29 45.38 11.52 -29.88
CA ILE G 29 46.85 11.51 -29.93
C ILE G 29 47.24 11.95 -31.34
N PRO G 30 48.39 12.61 -31.53
CA PRO G 30 48.94 12.74 -32.89
C PRO G 30 49.21 11.39 -33.53
N GLN G 31 49.06 11.35 -34.86
CA GLN G 31 48.99 10.08 -35.57
C GLN G 31 50.35 9.38 -35.70
N VAL G 32 51.46 10.11 -35.57
CA VAL G 32 52.77 9.48 -35.69
C VAL G 32 53.08 8.63 -34.47
N VAL G 33 52.56 9.02 -33.31
CA VAL G 33 52.77 8.24 -32.09
C VAL G 33 52.01 6.92 -32.17
N ALA G 34 50.78 6.95 -32.67
CA ALA G 34 50.01 5.71 -32.86
C ALA G 34 50.60 4.88 -33.98
N LYS G 35 51.18 5.53 -35.00
CA LYS G 35 51.88 4.80 -36.05
C LYS G 35 53.09 4.04 -35.51
N GLU G 36 53.84 4.66 -34.59
CA GLU G 36 54.99 3.98 -34.01
C GLU G 36 54.56 2.90 -33.01
N ILE G 37 53.41 3.09 -32.35
CA ILE G 37 52.88 2.05 -31.46
C ILE G 37 52.48 0.82 -32.25
N VAL G 38 51.81 1.02 -33.39
CA VAL G 38 51.45 -0.10 -34.26
C VAL G 38 52.70 -0.74 -34.87
N ALA G 39 53.68 0.08 -35.28
CA ALA G 39 54.89 -0.44 -35.90
C ALA G 39 55.79 -1.19 -34.93
N GLN G 40 55.71 -0.89 -33.63
CA GLN G 40 56.50 -1.60 -32.65
C GLN G 40 55.88 -2.91 -32.19
N CYS G 41 54.69 -3.25 -32.70
CA CYS G 41 54.14 -4.55 -32.31
C CYS G 41 54.61 -5.62 -33.29
N PRO G 42 55.21 -6.71 -32.79
CA PRO G 42 55.65 -7.77 -33.71
C PRO G 42 54.52 -8.59 -34.29
N LYS G 43 53.38 -8.64 -33.62
CA LYS G 43 52.26 -9.46 -34.08
C LYS G 43 51.50 -8.84 -35.25
N CYS G 44 51.77 -7.58 -35.59
CA CYS G 44 51.08 -6.93 -36.69
C CYS G 44 51.98 -6.76 -37.90
N SER G 58 40.76 6.64 -43.95
CA SER G 58 41.46 7.09 -45.14
C SER G 58 40.52 7.91 -46.03
N PRO G 59 40.51 9.23 -45.84
CA PRO G 59 39.56 10.08 -46.57
C PRO G 59 40.01 10.46 -47.98
N LYS G 60 41.02 9.80 -48.55
CA LYS G 60 41.42 10.07 -49.91
C LYS G 60 41.53 8.80 -50.75
N THR G 61 40.72 7.79 -50.47
CA THR G 61 40.77 6.53 -51.19
C THR G 61 39.57 6.44 -52.12
N TRP G 62 39.82 6.07 -53.38
CA TRP G 62 38.78 5.92 -54.39
C TRP G 62 38.89 4.54 -55.02
N GLN G 63 37.75 3.86 -55.16
CA GLN G 63 37.69 2.56 -55.80
C GLN G 63 37.04 2.68 -57.16
N MET G 64 37.69 2.15 -58.19
CA MET G 64 37.20 2.28 -59.56
C MET G 64 36.78 0.91 -60.10
N ASP G 65 35.79 0.92 -60.98
CA ASP G 65 35.29 -0.30 -61.59
C ASP G 65 34.61 0.05 -62.91
N CYS G 66 34.35 -0.98 -63.71
CA CYS G 66 33.68 -0.83 -65.00
C CYS G 66 32.58 -1.86 -65.12
N THR G 67 31.53 -1.53 -65.88
CA THR G 67 30.40 -2.43 -66.06
C THR G 67 29.80 -2.20 -67.45
N HIS G 68 28.89 -3.09 -67.83
CA HIS G 68 28.22 -3.04 -69.12
C HIS G 68 26.73 -2.81 -68.91
N LEU G 69 26.13 -1.99 -69.79
CA LEU G 69 24.70 -1.72 -69.72
C LEU G 69 24.23 -1.27 -71.09
N GLU G 70 23.33 -2.06 -71.70
CA GLU G 70 22.71 -1.77 -73.00
C GLU G 70 23.74 -1.61 -74.11
N GLY G 71 24.78 -2.44 -74.08
CA GLY G 71 25.83 -2.38 -75.07
C GLY G 71 26.86 -1.30 -74.86
N LYS G 72 26.74 -0.50 -73.80
CA LYS G 72 27.68 0.56 -73.50
C LYS G 72 28.65 0.11 -72.40
N VAL G 73 29.70 0.89 -72.21
CA VAL G 73 30.69 0.67 -71.16
C VAL G 73 30.63 1.84 -70.20
N ILE G 74 30.30 1.56 -68.95
CA ILE G 74 30.13 2.59 -67.93
C ILE G 74 31.22 2.42 -66.89
N ILE G 75 31.94 3.50 -66.60
CA ILE G 75 33.01 3.46 -65.59
C ILE G 75 32.55 4.25 -64.37
N VAL G 76 32.70 3.63 -63.20
CA VAL G 76 32.14 4.13 -61.95
C VAL G 76 33.24 4.18 -60.90
N ALA G 77 33.43 5.34 -60.28
CA ALA G 77 34.37 5.52 -59.18
C ALA G 77 33.59 5.89 -57.93
N VAL G 78 33.96 5.30 -56.80
CA VAL G 78 33.24 5.53 -55.54
C VAL G 78 34.24 5.94 -54.47
N HIS G 79 33.98 7.09 -53.84
CA HIS G 79 34.64 7.45 -52.60
C HIS G 79 34.09 6.60 -51.46
N VAL G 80 35.00 5.90 -50.77
CA VAL G 80 34.63 4.76 -49.94
C VAL G 80 34.13 5.20 -48.56
N ALA G 81 34.72 6.24 -47.97
CA ALA G 81 34.33 6.64 -46.63
C ALA G 81 32.99 7.36 -46.57
N SER G 82 32.39 7.68 -47.72
CA SER G 82 31.09 8.33 -47.74
C SER G 82 30.12 7.74 -48.74
N GLY G 83 30.57 6.89 -49.66
CA GLY G 83 29.69 6.37 -50.69
C GLY G 83 29.38 7.36 -51.79
N TYR G 84 30.36 8.17 -52.18
CA TYR G 84 30.13 9.23 -53.16
C TYR G 84 30.45 8.72 -54.55
N ILE G 85 29.46 8.74 -55.44
CA ILE G 85 29.57 8.09 -56.74
C ILE G 85 29.99 9.10 -57.79
N GLU G 86 30.60 8.59 -58.86
CA GLU G 86 30.96 9.39 -60.03
C GLU G 86 31.04 8.45 -61.22
N ALA G 87 30.16 8.64 -62.20
CA ALA G 87 30.05 7.71 -63.31
C ALA G 87 30.30 8.43 -64.63
N GLU G 88 30.62 7.64 -65.65
CA GLU G 88 30.80 8.18 -67.00
C GLU G 88 30.49 7.09 -68.03
N VAL G 89 30.04 7.54 -69.20
CA VAL G 89 29.77 6.64 -70.31
C VAL G 89 30.98 6.65 -71.24
N LEU G 90 31.53 5.46 -71.51
CA LEU G 90 32.70 5.47 -72.36
C LEU G 90 32.37 4.98 -73.76
N PRO G 91 33.02 5.51 -74.79
CA PRO G 91 32.85 4.96 -76.14
C PRO G 91 33.64 3.69 -76.40
N ALA G 92 34.63 3.37 -75.57
CA ALA G 92 35.41 2.16 -75.73
C ALA G 92 35.98 1.76 -74.38
N GLU G 93 36.63 0.59 -74.35
CA GLU G 93 37.28 0.09 -73.14
C GLU G 93 38.79 0.15 -73.26
N THR G 94 39.32 1.20 -73.89
CA THR G 94 40.75 1.34 -74.08
C THR G 94 41.38 1.94 -72.83
N GLY G 95 42.68 2.23 -72.91
CA GLY G 95 43.40 2.78 -71.77
C GLY G 95 43.44 4.30 -71.77
N LYS G 96 43.33 4.90 -72.95
CA LYS G 96 43.39 6.35 -73.07
C LYS G 96 42.16 7.01 -72.45
N GLU G 97 40.98 6.41 -72.64
CA GLU G 97 39.76 6.98 -72.08
C GLU G 97 39.68 6.77 -70.57
N THR G 98 40.22 5.64 -70.08
CA THR G 98 40.29 5.43 -68.64
C THR G 98 41.27 6.41 -68.00
N ALA G 99 42.38 6.70 -68.68
CA ALA G 99 43.33 7.70 -68.18
C ALA G 99 42.72 9.10 -68.22
N HIS G 100 41.89 9.39 -69.22
CA HIS G 100 41.24 10.70 -69.29
C HIS G 100 40.21 10.87 -68.17
N PHE G 101 39.43 9.81 -67.88
CA PHE G 101 38.50 9.87 -66.77
C PHE G 101 39.22 9.99 -65.43
N LEU G 102 40.36 9.32 -65.29
CA LEU G 102 41.13 9.43 -64.05
C LEU G 102 41.75 10.81 -63.89
N LEU G 103 42.14 11.45 -64.98
CA LEU G 103 42.67 12.80 -64.90
C LEU G 103 41.58 13.81 -64.55
N LYS G 104 40.37 13.62 -65.07
CA LYS G 104 39.26 14.49 -64.69
C LYS G 104 38.87 14.30 -63.23
N LEU G 105 38.89 13.06 -62.74
CA LEU G 105 38.59 12.80 -61.34
C LEU G 105 39.65 13.39 -60.41
N ALA G 106 40.92 13.35 -60.84
CA ALA G 106 41.96 13.95 -60.02
C ALA G 106 41.92 15.48 -60.07
N ALA G 107 41.44 16.05 -61.17
CA ALA G 107 41.35 17.49 -61.28
C ALA G 107 40.12 18.06 -60.60
N ARG G 108 39.11 17.24 -60.29
CA ARG G 108 37.93 17.72 -59.59
C ARG G 108 38.00 17.58 -58.08
N TRP G 109 38.50 16.46 -57.58
CA TRP G 109 38.57 16.16 -56.16
C TRP G 109 40.01 15.81 -55.77
N PRO G 110 40.38 15.97 -54.49
CA PRO G 110 41.69 15.49 -54.05
C PRO G 110 41.75 13.98 -53.94
N VAL G 111 42.54 13.35 -54.81
CA VAL G 111 42.69 11.89 -54.87
C VAL G 111 44.13 11.54 -54.54
N LYS G 112 44.32 10.61 -53.62
CA LYS G 112 45.65 10.15 -53.23
C LYS G 112 45.86 8.65 -53.35
N HIS G 113 44.85 7.82 -53.07
CA HIS G 113 44.98 6.37 -53.13
C HIS G 113 43.89 5.83 -54.04
N LEU G 114 44.28 4.95 -54.96
CA LEU G 114 43.38 4.40 -55.96
C LEU G 114 43.40 2.88 -55.86
N HIS G 115 42.22 2.27 -55.87
CA HIS G 115 42.08 0.83 -55.81
C HIS G 115 41.33 0.34 -57.04
N THR G 116 41.85 -0.72 -57.67
CA THR G 116 41.23 -1.32 -58.83
C THR G 116 41.30 -2.84 -58.71
N ASP G 117 40.80 -3.53 -59.72
CA ASP G 117 40.88 -4.98 -59.79
C ASP G 117 41.81 -5.39 -60.94
N ASN G 118 42.05 -6.71 -61.03
CA ASN G 118 42.97 -7.25 -62.03
C ASN G 118 42.28 -7.23 -63.39
N GLY G 119 42.35 -6.07 -64.05
CA GLY G 119 41.73 -5.86 -65.33
C GLY G 119 42.74 -5.63 -66.45
N ASP G 120 42.20 -5.17 -67.58
CA ASP G 120 43.01 -4.94 -68.77
C ASP G 120 43.40 -3.48 -68.94
N ASN G 121 42.42 -2.57 -68.91
CA ASN G 121 42.72 -1.16 -69.08
C ASN G 121 43.28 -0.52 -67.82
N PHE G 122 43.19 -1.20 -66.68
CA PHE G 122 43.73 -0.67 -65.44
C PHE G 122 45.22 -0.92 -65.28
N THR G 123 45.86 -1.59 -66.24
CA THR G 123 47.30 -1.79 -66.27
C THR G 123 47.79 -1.32 -67.64
N SER G 124 48.06 -0.02 -67.76
CA SER G 124 48.42 0.55 -69.04
C SER G 124 49.43 1.68 -68.84
N SER G 125 50.03 2.09 -69.96
CA SER G 125 51.08 3.11 -69.92
C SER G 125 50.49 4.48 -69.63
N ALA G 126 49.35 4.82 -70.24
CA ALA G 126 48.74 6.11 -70.01
C ALA G 126 48.15 6.21 -68.60
N VAL G 127 47.63 5.11 -68.08
CA VAL G 127 47.12 5.08 -66.72
C VAL G 127 48.26 5.25 -65.71
N GLN G 128 49.39 4.58 -65.96
CA GLN G 128 50.55 4.74 -65.09
C GLN G 128 51.17 6.13 -65.21
N ALA G 129 51.08 6.75 -66.40
CA ALA G 129 51.61 8.09 -66.57
C ALA G 129 50.76 9.13 -65.84
N VAL G 130 49.43 8.97 -65.87
CA VAL G 130 48.54 9.87 -65.14
C VAL G 130 48.71 9.68 -63.63
N CYS G 131 48.85 8.42 -63.19
CA CYS G 131 49.07 8.16 -61.77
C CYS G 131 50.41 8.69 -61.29
N TRP G 132 51.43 8.67 -62.16
CA TRP G 132 52.72 9.25 -61.79
C TRP G 132 52.65 10.77 -61.75
N TRP G 133 51.95 11.38 -62.72
CA TRP G 133 51.90 12.84 -62.79
C TRP G 133 51.06 13.43 -61.67
N ALA G 134 50.04 12.70 -61.21
CA ALA G 134 49.19 13.17 -60.12
C ALA G 134 49.58 12.60 -58.77
N GLN G 135 50.57 11.70 -58.74
CA GLN G 135 51.11 11.08 -57.51
C GLN G 135 50.02 10.33 -56.75
N ILE G 136 49.46 9.32 -57.40
CA ILE G 136 48.40 8.49 -56.82
C ILE G 136 48.95 7.09 -56.61
N GLU G 137 48.69 6.53 -55.43
CA GLU G 137 49.15 5.18 -55.10
C GLU G 137 48.14 4.17 -55.63
N HIS G 138 48.55 3.42 -56.64
CA HIS G 138 47.68 2.45 -57.31
C HIS G 138 47.84 1.08 -56.66
N THR G 139 46.73 0.47 -56.28
CA THR G 139 46.72 -0.88 -55.75
C THR G 139 45.69 -1.72 -56.50
N PHE G 140 45.96 -3.02 -56.56
CA PHE G 140 45.12 -3.97 -57.27
C PHE G 140 44.58 -5.01 -56.29
N GLY G 141 43.39 -5.53 -56.60
CA GLY G 141 42.77 -6.54 -55.76
C GLY G 141 42.09 -7.64 -56.57
N GLY G 150 33.98 -4.96 -50.65
CA GLY G 150 32.68 -5.31 -51.17
C GLY G 150 31.68 -4.18 -51.11
N VAL G 151 32.09 -3.00 -51.56
CA VAL G 151 31.25 -1.82 -51.55
C VAL G 151 30.86 -1.40 -52.96
N VAL G 152 31.77 -1.58 -53.93
CA VAL G 152 31.55 -1.10 -55.30
C VAL G 152 30.45 -1.90 -55.99
N GLU G 153 30.30 -3.18 -55.65
CA GLU G 153 29.25 -3.99 -56.25
C GLU G 153 27.88 -3.56 -55.73
N SER G 154 27.79 -3.20 -54.44
CA SER G 154 26.55 -2.67 -53.91
C SER G 154 26.21 -1.31 -54.51
N MET G 155 27.22 -0.48 -54.77
CA MET G 155 26.97 0.81 -55.41
C MET G 155 26.52 0.64 -56.85
N ASN G 156 27.10 -0.32 -57.56
CA ASN G 156 26.67 -0.59 -58.94
C ASN G 156 25.27 -1.18 -58.97
N HIS G 157 24.91 -1.98 -57.97
CA HIS G 157 23.57 -2.54 -57.89
C HIS G 157 22.53 -1.45 -57.64
N GLN G 158 22.84 -0.51 -56.73
CA GLN G 158 21.93 0.61 -56.48
C GLN G 158 21.82 1.52 -57.69
N LEU G 159 22.93 1.71 -58.42
CA LEU G 159 22.90 2.56 -59.61
C LEU G 159 22.07 1.92 -60.72
N LYS G 160 22.14 0.59 -60.85
CA LYS G 160 21.32 -0.12 -61.82
C LYS G 160 19.83 -0.01 -61.49
N THR G 161 19.48 -0.08 -60.20
CA THR G 161 18.07 0.05 -59.82
C THR G 161 17.53 1.44 -60.11
N ILE G 162 18.33 2.48 -59.85
CA ILE G 162 17.88 3.85 -60.12
C ILE G 162 17.77 4.10 -61.63
N ILE G 163 18.72 3.56 -62.40
CA ILE G 163 18.71 3.72 -63.86
C ILE G 163 17.46 3.07 -64.46
N THR G 164 17.13 1.86 -64.01
CA THR G 164 15.88 1.24 -64.47
C THR G 164 14.64 1.89 -63.88
N GLN G 165 14.78 2.69 -62.82
CA GLN G 165 13.62 3.36 -62.25
C GLN G 165 13.23 4.61 -63.05
N ILE G 166 14.21 5.39 -63.53
CA ILE G 166 13.89 6.61 -64.25
C ILE G 166 14.36 6.54 -65.69
N ARG G 167 14.31 5.35 -66.29
CA ARG G 167 14.76 5.18 -67.68
C ARG G 167 13.81 5.86 -68.65
N ASP G 168 12.52 5.89 -68.34
CA ASP G 168 11.51 6.38 -69.28
C ASP G 168 11.33 7.89 -69.24
N GLN G 169 12.26 8.62 -68.63
CA GLN G 169 12.22 10.08 -68.63
C GLN G 169 13.24 10.71 -69.57
N ALA G 170 14.22 9.94 -70.03
CA ALA G 170 15.25 10.46 -70.92
C ALA G 170 15.44 9.50 -72.08
N GLU G 171 15.67 10.06 -73.27
CA GLU G 171 15.80 9.27 -74.48
C GLU G 171 17.17 8.59 -74.55
N LYS G 172 18.24 9.35 -74.34
CA LYS G 172 19.58 8.80 -74.38
C LYS G 172 19.90 8.03 -73.10
N ILE G 173 20.96 7.22 -73.18
CA ILE G 173 21.42 6.49 -72.01
C ILE G 173 22.32 7.35 -71.13
N GLU G 174 23.07 8.29 -71.73
CA GLU G 174 24.00 9.13 -70.96
C GLU G 174 23.24 10.09 -70.05
N THR G 175 22.14 10.65 -70.53
CA THR G 175 21.31 11.53 -69.72
C THR G 175 20.69 10.78 -68.54
N ALA G 176 20.29 9.53 -68.77
CA ALA G 176 19.72 8.72 -67.69
C ALA G 176 20.76 8.37 -66.65
N VAL G 177 22.01 8.15 -67.07
CA VAL G 177 23.09 7.86 -66.13
C VAL G 177 23.39 9.08 -65.27
N GLN G 178 23.41 10.26 -65.88
CA GLN G 178 23.69 11.47 -65.09
C GLN G 178 22.55 11.84 -64.16
N MET G 179 21.30 11.59 -64.56
CA MET G 179 20.18 11.81 -63.65
C MET G 179 20.18 10.80 -62.50
N ALA G 180 20.61 9.55 -62.76
CA ALA G 180 20.74 8.59 -61.68
C ALA G 180 21.85 8.95 -60.71
N VAL G 181 22.93 9.56 -61.21
CA VAL G 181 24.01 10.01 -60.34
C VAL G 181 23.53 11.17 -59.45
N LEU G 182 22.73 12.08 -60.01
CA LEU G 182 22.16 13.18 -59.22
C LEU G 182 21.20 12.67 -58.15
N ILE G 183 20.36 11.69 -58.50
CA ILE G 183 19.42 11.12 -57.55
C ILE G 183 20.14 10.36 -56.44
N HIS G 184 21.18 9.60 -56.80
CA HIS G 184 21.92 8.83 -55.81
C HIS G 184 22.73 9.72 -54.88
N ASN G 185 23.24 10.84 -55.38
CA ASN G 185 24.08 11.68 -54.54
C ASN G 185 23.26 12.59 -53.63
N PHE G 186 22.20 13.22 -54.12
CA PHE G 186 21.56 14.27 -53.34
C PHE G 186 20.12 14.00 -52.94
N LYS G 187 19.54 12.86 -53.29
CA LYS G 187 18.14 12.60 -53.00
C LYS G 187 17.91 11.36 -52.14
N ARG G 188 18.95 10.58 -51.86
CA ARG G 188 18.82 9.35 -51.09
C ARG G 188 19.44 9.55 -49.72
N LYS G 189 18.60 9.81 -48.73
CA LYS G 189 19.05 9.99 -47.35
C LYS G 189 18.87 8.68 -46.60
N GLY G 190 19.80 7.76 -46.81
CA GLY G 190 19.78 6.47 -46.16
C GLY G 190 20.91 6.34 -45.15
N GLY G 191 21.01 5.15 -44.58
CA GLY G 191 22.05 4.82 -43.64
C GLY G 191 21.62 5.04 -42.20
N ILE G 192 22.61 5.07 -41.32
CA ILE G 192 22.34 5.21 -39.90
C ILE G 192 22.08 6.67 -39.52
N GLY G 193 22.98 7.57 -39.88
CA GLY G 193 22.86 8.97 -39.47
C GLY G 193 21.77 9.73 -40.19
N GLY G 194 21.35 9.25 -41.36
CA GLY G 194 20.35 9.94 -42.14
C GLY G 194 20.94 11.11 -42.91
N TYR G 195 22.04 10.85 -43.61
CA TYR G 195 22.76 11.87 -44.36
C TYR G 195 22.97 11.42 -45.80
N SER G 196 22.91 12.37 -46.71
CA SER G 196 23.19 12.09 -48.11
C SER G 196 24.70 11.96 -48.32
N ALA G 197 25.07 11.55 -49.54
CA ALA G 197 26.47 11.25 -49.81
C ALA G 197 27.30 12.51 -49.96
N GLY G 198 26.75 13.55 -50.59
CA GLY G 198 27.52 14.78 -50.79
C GLY G 198 27.82 15.52 -49.51
N GLU G 199 26.85 15.55 -48.59
CA GLU G 199 27.07 16.14 -47.28
C GLU G 199 28.11 15.36 -46.49
N ARG G 200 28.15 14.04 -46.67
CA ARG G 200 29.11 13.22 -45.94
C ARG G 200 30.53 13.44 -46.46
N ILE G 201 30.72 13.52 -47.78
CA ILE G 201 32.08 13.70 -48.29
C ILE G 201 32.58 15.11 -47.99
N ILE G 202 31.69 16.11 -48.00
CA ILE G 202 32.10 17.48 -47.68
C ILE G 202 32.47 17.58 -46.20
N ASP G 203 31.69 16.96 -45.32
CA ASP G 203 31.98 17.00 -43.89
C ASP G 203 33.25 16.22 -43.55
N ILE G 204 33.50 15.10 -44.24
CA ILE G 204 34.68 14.29 -43.97
C ILE G 204 35.96 15.03 -44.37
N ILE G 205 35.96 15.63 -45.56
CA ILE G 205 37.16 16.33 -46.01
C ILE G 205 37.38 17.62 -45.24
N ALA G 206 36.32 18.30 -44.83
CA ALA G 206 36.48 19.52 -44.03
C ALA G 206 37.01 19.22 -42.63
N SER G 207 36.49 18.15 -42.00
CA SER G 207 36.98 17.78 -40.67
C SER G 207 38.40 17.26 -40.72
N ASP G 208 38.77 16.55 -41.80
CA ASP G 208 40.14 16.07 -41.95
C ASP G 208 41.11 17.22 -42.17
N LEU G 209 40.67 18.26 -42.91
CA LEU G 209 41.53 19.41 -43.13
C LEU G 209 41.75 20.20 -41.83
N GLN G 210 40.69 20.36 -41.03
CA GLN G 210 40.85 21.03 -39.74
C GLN G 210 41.69 20.22 -38.77
N THR G 211 41.59 18.88 -38.83
CA THR G 211 42.40 18.04 -37.95
C THR G 211 43.88 18.09 -38.33
N THR G 212 44.18 18.09 -39.64
CA THR G 212 45.56 18.21 -40.06
C THR G 212 46.13 19.60 -39.77
N LYS G 213 45.29 20.64 -39.84
CA LYS G 213 45.75 21.98 -39.49
C LYS G 213 46.07 22.09 -38.00
N LEU G 214 45.22 21.51 -37.14
CA LEU G 214 45.48 21.58 -35.70
C LEU G 214 46.66 20.71 -35.30
N GLN G 215 46.84 19.56 -35.96
CA GLN G 215 48.02 18.73 -35.66
C GLN G 215 49.31 19.33 -36.22
N ASN G 216 49.22 20.14 -37.27
CA ASN G 216 50.40 20.84 -37.76
C ASN G 216 50.75 22.05 -36.91
N GLN G 217 49.74 22.72 -36.35
CA GLN G 217 50.01 23.85 -35.47
C GLN G 217 50.52 23.40 -34.11
N ILE G 218 49.81 22.47 -33.47
CA ILE G 218 50.22 21.97 -32.16
C ILE G 218 51.32 20.93 -32.32
N PHE H 2 0.18 22.73 -45.27
CA PHE H 2 -0.10 21.31 -45.12
C PHE H 2 -0.45 20.69 -46.47
N LEU H 3 -1.52 21.21 -47.08
CA LEU H 3 -1.90 20.78 -48.43
C LEU H 3 -0.82 21.16 -49.44
N ASP H 4 -0.15 22.29 -49.24
CA ASP H 4 1.00 22.65 -50.05
C ASP H 4 2.15 21.66 -49.84
N GLY H 5 2.29 21.15 -48.61
CA GLY H 5 3.28 20.13 -48.35
C GLY H 5 2.98 18.82 -49.04
N ILE H 6 1.71 18.45 -49.12
CA ILE H 6 1.32 17.22 -49.81
C ILE H 6 1.53 17.36 -51.32
N GLU H 7 1.21 18.53 -51.87
CA GLU H 7 1.41 18.76 -53.31
C GLU H 7 2.89 18.79 -53.67
N LYS H 8 3.71 19.42 -52.83
CA LYS H 8 5.16 19.44 -53.08
C LYS H 8 5.77 18.06 -52.92
N ALA H 9 5.26 17.26 -51.98
CA ALA H 9 5.78 15.90 -51.81
C ALA H 9 5.40 15.02 -52.98
N GLN H 10 4.20 15.20 -53.54
CA GLN H 10 3.81 14.39 -54.69
C GLN H 10 4.59 14.76 -55.94
N GLU H 11 4.88 16.06 -56.13
CA GLU H 11 5.70 16.46 -57.28
C GLU H 11 7.14 16.01 -57.12
N GLU H 12 7.67 16.06 -55.89
CA GLU H 12 9.03 15.61 -55.64
C GLU H 12 9.18 14.11 -55.84
N HIS H 13 8.17 13.33 -55.43
CA HIS H 13 8.21 11.90 -55.68
C HIS H 13 7.99 11.59 -57.16
N GLU H 14 7.24 12.44 -57.87
CA GLU H 14 7.06 12.26 -59.30
C GLU H 14 8.36 12.47 -60.06
N LYS H 15 9.22 13.36 -59.57
CA LYS H 15 10.51 13.59 -60.23
C LYS H 15 11.55 12.56 -59.79
N TYR H 16 11.80 12.43 -58.49
CA TYR H 16 13.00 11.77 -58.00
C TYR H 16 12.76 10.42 -57.33
N HIS H 17 11.50 10.06 -57.03
CA HIS H 17 11.13 8.79 -56.37
C HIS H 17 11.82 8.61 -55.02
N ASN H 18 11.50 9.49 -54.08
CA ASN H 18 12.11 9.45 -52.77
C ASN H 18 11.53 8.31 -51.93
N ASN H 19 12.04 8.18 -50.70
CA ASN H 19 11.49 7.27 -49.73
C ASN H 19 10.62 8.05 -48.74
N TRP H 20 9.89 7.32 -47.89
CA TRP H 20 8.89 7.97 -47.06
C TRP H 20 9.49 8.64 -45.82
N ARG H 21 10.64 8.16 -45.34
CA ARG H 21 11.29 8.79 -44.21
C ARG H 21 11.84 10.17 -44.58
N ALA H 22 12.44 10.28 -45.77
CA ALA H 22 12.98 11.55 -46.23
C ALA H 22 11.88 12.57 -46.50
N MET H 23 10.76 12.12 -47.08
CA MET H 23 9.65 13.03 -47.34
C MET H 23 8.98 13.48 -46.05
N ALA H 24 8.85 12.58 -45.08
CA ALA H 24 8.26 12.94 -43.80
C ALA H 24 9.16 13.91 -43.02
N GLU H 25 10.48 13.79 -43.16
CA GLU H 25 11.37 14.73 -42.49
C GLU H 25 11.42 16.07 -43.20
N ASP H 26 11.42 16.09 -44.53
CA ASP H 26 11.56 17.32 -45.29
C ASP H 26 10.27 18.15 -45.31
N PHE H 27 9.19 17.58 -45.84
CA PHE H 27 8.00 18.36 -46.11
C PHE H 27 7.06 18.46 -44.92
N GLN H 28 7.45 17.90 -43.77
CA GLN H 28 6.72 18.01 -42.49
C GLN H 28 5.30 17.46 -42.58
N ILE H 29 5.18 16.30 -43.20
CA ILE H 29 3.92 15.56 -43.27
C ILE H 29 4.07 14.34 -42.39
N PRO H 30 2.96 13.81 -41.83
CA PRO H 30 3.05 12.60 -41.02
C PRO H 30 3.46 11.38 -41.85
N GLN H 31 3.86 10.33 -41.13
CA GLN H 31 4.50 9.18 -41.77
C GLN H 31 3.53 8.33 -42.56
N VAL H 32 2.27 8.27 -42.15
CA VAL H 32 1.29 7.43 -42.85
C VAL H 32 0.92 8.04 -44.20
N VAL H 33 0.96 9.37 -44.31
CA VAL H 33 0.65 10.02 -45.58
C VAL H 33 1.78 9.82 -46.58
N ALA H 34 3.03 9.96 -46.12
CA ALA H 34 4.17 9.72 -47.00
C ALA H 34 4.27 8.25 -47.40
N LYS H 35 3.90 7.35 -46.49
CA LYS H 35 3.88 5.93 -46.83
C LYS H 35 2.77 5.62 -47.84
N GLU H 36 1.66 6.36 -47.81
CA GLU H 36 0.63 6.17 -48.82
C GLU H 36 1.06 6.72 -50.18
N ILE H 37 1.83 7.82 -50.17
CA ILE H 37 2.37 8.37 -51.42
C ILE H 37 3.33 7.39 -52.07
N VAL H 38 4.13 6.70 -51.27
CA VAL H 38 5.00 5.65 -51.80
C VAL H 38 4.18 4.45 -52.25
N ALA H 39 3.11 4.13 -51.51
CA ALA H 39 2.29 2.95 -51.84
C ALA H 39 1.42 3.15 -53.07
N GLN H 40 1.24 4.38 -53.53
CA GLN H 40 0.45 4.63 -54.73
C GLN H 40 1.29 4.69 -56.01
N CYS H 41 2.62 4.65 -55.89
CA CYS H 41 3.44 4.74 -57.09
C CYS H 41 3.53 3.39 -57.78
N PRO H 42 3.25 3.32 -59.09
CA PRO H 42 3.32 2.03 -59.78
C PRO H 42 4.74 1.53 -60.06
N LYS H 43 5.74 2.41 -59.98
CA LYS H 43 7.12 2.02 -60.26
C LYS H 43 7.91 1.64 -59.01
N CYS H 44 7.29 1.71 -57.83
CA CYS H 44 7.94 1.31 -56.60
C CYS H 44 7.39 0.01 -56.03
N GLN H 45 6.66 -0.76 -56.84
CA GLN H 45 6.10 -2.02 -56.38
C GLN H 45 5.90 -2.98 -57.55
N SER H 58 17.91 -9.26 -46.42
CA SER H 58 16.84 -9.47 -45.46
C SER H 58 17.38 -9.39 -44.03
N PRO H 59 16.61 -8.77 -43.12
CA PRO H 59 17.11 -8.57 -41.77
C PRO H 59 17.00 -9.78 -40.85
N LYS H 60 16.55 -10.94 -41.34
CA LYS H 60 16.37 -12.10 -40.49
C LYS H 60 16.90 -13.37 -41.12
N THR H 61 17.93 -13.27 -41.96
CA THR H 61 18.54 -14.42 -42.59
C THR H 61 19.91 -14.69 -41.98
N TRP H 62 20.17 -15.96 -41.67
CA TRP H 62 21.44 -16.37 -41.11
C TRP H 62 22.02 -17.51 -41.92
N GLN H 63 23.34 -17.63 -41.94
CA GLN H 63 24.03 -18.73 -42.61
C GLN H 63 24.90 -19.49 -41.60
N MET H 64 24.90 -20.82 -41.71
CA MET H 64 25.67 -21.65 -40.78
C MET H 64 26.68 -22.51 -41.51
N ASP H 65 27.80 -22.79 -40.84
CA ASP H 65 28.84 -23.64 -41.39
C ASP H 65 29.68 -24.21 -40.25
N CYS H 66 30.45 -25.26 -40.58
CA CYS H 66 31.36 -25.89 -39.63
C CYS H 66 32.78 -25.82 -40.19
N THR H 67 33.76 -25.93 -39.29
CA THR H 67 35.17 -25.93 -39.68
C THR H 67 35.99 -26.68 -38.62
N HIS H 68 37.25 -26.89 -38.94
CA HIS H 68 38.18 -27.58 -38.04
C HIS H 68 39.33 -26.64 -37.68
N LEU H 69 39.80 -26.75 -36.44
CA LEU H 69 40.90 -25.93 -35.95
C LEU H 69 41.56 -26.64 -34.78
N GLU H 70 42.81 -27.08 -34.99
CA GLU H 70 43.63 -27.76 -33.97
C GLU H 70 42.96 -29.00 -33.40
N GLY H 71 42.29 -29.75 -34.27
CA GLY H 71 41.59 -30.95 -33.84
C GLY H 71 40.23 -30.71 -33.23
N LYS H 72 39.79 -29.46 -33.13
CA LYS H 72 38.48 -29.12 -32.60
C LYS H 72 37.54 -28.76 -33.72
N VAL H 73 36.24 -28.97 -33.48
CA VAL H 73 35.21 -28.69 -34.46
C VAL H 73 34.49 -27.41 -34.05
N ILE H 74 34.70 -26.34 -34.83
CA ILE H 74 34.06 -25.05 -34.57
C ILE H 74 32.84 -24.95 -35.46
N ILE H 75 31.78 -24.33 -34.96
CA ILE H 75 30.59 -24.05 -35.76
C ILE H 75 30.33 -22.55 -35.71
N VAL H 76 30.12 -21.95 -36.89
CA VAL H 76 30.02 -20.51 -37.05
C VAL H 76 28.67 -20.19 -37.68
N ALA H 77 27.96 -19.23 -37.10
CA ALA H 77 26.72 -18.70 -37.65
C ALA H 77 26.86 -17.20 -37.85
N VAL H 78 26.54 -16.74 -39.06
CA VAL H 78 26.79 -15.36 -39.45
C VAL H 78 25.50 -14.72 -39.94
N HIS H 79 25.15 -13.59 -39.32
CA HIS H 79 24.11 -12.70 -39.83
C HIS H 79 24.66 -11.98 -41.05
N VAL H 80 23.95 -12.11 -42.17
CA VAL H 80 24.50 -11.77 -43.48
C VAL H 80 24.53 -10.27 -43.72
N ALA H 81 23.44 -9.57 -43.39
CA ALA H 81 23.30 -8.17 -43.75
C ALA H 81 24.19 -7.23 -42.94
N SER H 82 24.78 -7.71 -41.85
CA SER H 82 25.71 -6.90 -41.07
C SER H 82 27.06 -7.56 -40.86
N GLY H 83 27.17 -8.87 -40.98
CA GLY H 83 28.42 -9.55 -40.68
C GLY H 83 28.60 -9.89 -39.23
N TYR H 84 27.57 -10.41 -38.56
CA TYR H 84 27.63 -10.63 -37.13
C TYR H 84 27.84 -12.11 -36.84
N ILE H 85 28.90 -12.42 -36.11
CA ILE H 85 29.39 -13.79 -35.97
C ILE H 85 29.07 -14.30 -34.57
N GLU H 86 28.50 -15.50 -34.48
CA GLU H 86 28.39 -16.26 -33.26
C GLU H 86 29.01 -17.63 -33.47
N ALA H 87 29.95 -18.02 -32.61
CA ALA H 87 30.71 -19.23 -32.79
C ALA H 87 30.64 -20.11 -31.54
N GLU H 88 30.90 -21.40 -31.73
CA GLU H 88 30.96 -22.33 -30.61
C GLU H 88 31.88 -23.49 -30.96
N VAL H 89 32.34 -24.18 -29.92
CA VAL H 89 33.21 -25.36 -30.05
C VAL H 89 32.37 -26.58 -29.71
N LEU H 90 32.21 -27.47 -30.68
CA LEU H 90 31.38 -28.65 -30.49
C LEU H 90 32.23 -29.83 -30.03
N PRO H 91 31.66 -30.70 -29.19
CA PRO H 91 32.40 -31.92 -28.80
C PRO H 91 32.44 -32.98 -29.89
N ALA H 92 31.46 -32.99 -30.79
CA ALA H 92 31.42 -33.94 -31.89
C ALA H 92 30.77 -33.25 -33.10
N GLU H 93 30.41 -34.04 -34.10
CA GLU H 93 29.77 -33.48 -35.27
C GLU H 93 28.50 -34.24 -35.62
N THR H 94 27.66 -34.50 -34.61
CA THR H 94 26.41 -35.20 -34.81
C THR H 94 25.27 -34.18 -34.97
N GLY H 95 24.04 -34.69 -35.02
CA GLY H 95 22.90 -33.83 -35.28
C GLY H 95 22.31 -33.19 -34.05
N LYS H 96 22.49 -33.82 -32.88
CA LYS H 96 21.88 -33.31 -31.66
C LYS H 96 22.61 -32.06 -31.16
N GLU H 97 23.93 -32.01 -31.34
CA GLU H 97 24.66 -30.81 -30.92
C GLU H 97 24.42 -29.65 -31.87
N THR H 98 24.26 -29.92 -33.17
CA THR H 98 23.91 -28.87 -34.11
C THR H 98 22.50 -28.36 -33.86
N ALA H 99 21.60 -29.26 -33.47
CA ALA H 99 20.25 -28.85 -33.10
C ALA H 99 20.24 -28.02 -31.83
N HIS H 100 21.12 -28.33 -30.88
CA HIS H 100 21.19 -27.55 -29.66
C HIS H 100 21.77 -26.16 -29.92
N PHE H 101 22.77 -26.06 -30.80
CA PHE H 101 23.33 -24.75 -31.15
C PHE H 101 22.32 -23.92 -31.92
N LEU H 102 21.51 -24.55 -32.77
CA LEU H 102 20.48 -23.83 -33.50
C LEU H 102 19.37 -23.36 -32.56
N LEU H 103 19.06 -24.15 -31.53
CA LEU H 103 18.03 -23.74 -30.58
C LEU H 103 18.49 -22.57 -29.71
N LYS H 104 19.77 -22.55 -29.32
CA LYS H 104 20.29 -21.40 -28.58
C LYS H 104 20.33 -20.15 -29.44
N LEU H 105 20.72 -20.28 -30.71
CA LEU H 105 20.74 -19.13 -31.61
C LEU H 105 19.34 -18.60 -31.87
N ALA H 106 18.37 -19.48 -32.05
CA ALA H 106 17.00 -19.04 -32.25
C ALA H 106 16.35 -18.50 -30.97
N ALA H 107 16.89 -18.86 -29.81
CA ALA H 107 16.35 -18.33 -28.57
C ALA H 107 16.93 -16.96 -28.22
N ARG H 108 18.06 -16.58 -28.81
CA ARG H 108 18.63 -15.27 -28.49
C ARG H 108 18.37 -14.20 -29.54
N TRP H 109 18.31 -14.55 -30.82
CA TRP H 109 18.05 -13.59 -31.88
C TRP H 109 16.84 -14.03 -32.70
N PRO H 110 16.11 -13.10 -33.32
CA PRO H 110 15.01 -13.51 -34.20
C PRO H 110 15.49 -14.13 -35.50
N VAL H 111 15.40 -15.44 -35.61
CA VAL H 111 15.85 -16.19 -36.79
C VAL H 111 14.62 -16.67 -37.54
N LYS H 112 14.54 -16.29 -38.82
CA LYS H 112 13.39 -16.62 -39.64
C LYS H 112 13.75 -17.38 -40.92
N HIS H 113 15.00 -17.38 -41.35
CA HIS H 113 15.41 -18.04 -42.59
C HIS H 113 16.86 -18.47 -42.45
N LEU H 114 17.08 -19.77 -42.47
CA LEU H 114 18.40 -20.36 -42.25
C LEU H 114 18.92 -20.94 -43.55
N HIS H 115 20.18 -20.68 -43.85
CA HIS H 115 20.82 -21.18 -45.06
C HIS H 115 22.05 -21.99 -44.66
N THR H 116 22.11 -23.23 -45.13
CA THR H 116 23.20 -24.14 -44.80
C THR H 116 23.68 -24.84 -46.07
N ASP H 117 24.69 -25.69 -45.92
CA ASP H 117 25.16 -26.54 -47.00
C ASP H 117 24.55 -27.93 -46.82
N ASN H 118 24.83 -28.80 -47.79
CA ASN H 118 24.24 -30.14 -47.81
C ASN H 118 25.12 -31.15 -47.08
N GLY H 119 25.45 -30.87 -45.82
CA GLY H 119 26.21 -31.78 -45.01
C GLY H 119 25.35 -32.89 -44.45
N ASP H 120 25.98 -33.72 -43.62
CA ASP H 120 25.25 -34.82 -42.98
C ASP H 120 24.46 -34.31 -41.78
N ASN H 121 25.13 -33.64 -40.85
CA ASN H 121 24.50 -33.20 -39.60
C ASN H 121 23.47 -32.09 -39.83
N PHE H 122 23.56 -31.35 -40.93
CA PHE H 122 22.54 -30.37 -41.24
C PHE H 122 21.32 -30.98 -41.90
N THR H 123 21.42 -32.24 -42.35
CA THR H 123 20.27 -32.98 -42.87
C THR H 123 19.96 -34.09 -41.86
N SER H 124 19.17 -33.75 -40.83
CA SER H 124 18.93 -34.68 -39.75
C SER H 124 17.56 -34.41 -39.14
N SER H 125 17.04 -35.44 -38.46
CA SER H 125 15.71 -35.35 -37.89
C SER H 125 15.67 -34.41 -36.69
N ALA H 126 16.77 -34.30 -35.94
CA ALA H 126 16.80 -33.41 -34.79
C ALA H 126 16.80 -31.95 -35.23
N VAL H 127 17.58 -31.63 -36.27
CA VAL H 127 17.60 -30.27 -36.81
C VAL H 127 16.26 -29.93 -37.47
N GLN H 128 15.63 -30.93 -38.09
CA GLN H 128 14.32 -30.68 -38.70
C GLN H 128 13.24 -30.48 -37.65
N ALA H 129 13.35 -31.17 -36.50
CA ALA H 129 12.39 -30.97 -35.42
C ALA H 129 12.58 -29.61 -34.74
N VAL H 130 13.84 -29.17 -34.62
CA VAL H 130 14.11 -27.86 -34.04
C VAL H 130 13.60 -26.75 -34.97
N CYS H 131 13.79 -26.92 -36.28
CA CYS H 131 13.27 -25.95 -37.24
C CYS H 131 11.74 -25.95 -37.27
N TRP H 132 11.11 -27.11 -37.03
CA TRP H 132 9.66 -27.14 -36.98
C TRP H 132 9.12 -26.45 -35.74
N TRP H 133 9.77 -26.65 -34.59
CA TRP H 133 9.26 -26.06 -33.35
C TRP H 133 9.53 -24.56 -33.31
N ALA H 134 10.65 -24.11 -33.86
CA ALA H 134 11.00 -22.70 -33.82
C ALA H 134 10.56 -21.93 -35.06
N GLN H 135 9.93 -22.60 -36.03
CA GLN H 135 9.36 -22.00 -37.25
C GLN H 135 10.42 -21.28 -38.08
N ILE H 136 11.40 -22.06 -38.53
CA ILE H 136 12.50 -21.56 -39.34
C ILE H 136 12.44 -22.26 -40.70
N GLU H 137 12.61 -21.48 -41.77
CA GLU H 137 12.67 -22.03 -43.12
C GLU H 137 14.11 -22.40 -43.44
N HIS H 138 14.35 -23.68 -43.66
CA HIS H 138 15.69 -24.21 -43.90
C HIS H 138 15.92 -24.33 -45.40
N THR H 139 17.04 -23.80 -45.87
CA THR H 139 17.37 -23.79 -47.29
C THR H 139 18.79 -24.28 -47.49
N PHE H 140 18.97 -25.22 -48.42
CA PHE H 140 20.27 -25.81 -48.72
C PHE H 140 20.86 -25.18 -49.96
N GLY H 141 22.14 -24.84 -49.89
CA GLY H 141 22.82 -24.21 -51.01
C GLY H 141 23.19 -25.21 -52.10
N VAL H 151 30.12 -15.94 -48.12
CA VAL H 151 30.32 -15.00 -47.03
C VAL H 151 30.91 -15.73 -45.82
N VAL H 152 30.45 -16.95 -45.60
CA VAL H 152 30.85 -17.70 -44.41
C VAL H 152 32.29 -18.19 -44.53
N GLU H 153 32.76 -18.48 -45.74
CA GLU H 153 34.16 -18.89 -45.88
C GLU H 153 35.10 -17.72 -45.67
N SER H 154 34.69 -16.52 -46.10
CA SER H 154 35.48 -15.33 -45.81
C SER H 154 35.47 -15.00 -44.32
N MET H 155 34.35 -15.24 -43.64
CA MET H 155 34.29 -15.01 -42.21
C MET H 155 35.09 -16.05 -41.44
N ASN H 156 35.13 -17.30 -41.91
CA ASN H 156 35.98 -18.31 -41.31
C ASN H 156 37.45 -17.98 -41.49
N HIS H 157 37.82 -17.43 -42.65
CA HIS H 157 39.20 -17.01 -42.89
C HIS H 157 39.61 -15.85 -41.98
N GLN H 158 38.73 -14.87 -41.83
CA GLN H 158 39.04 -13.72 -40.97
C GLN H 158 39.09 -14.12 -39.51
N LEU H 159 38.20 -15.02 -39.08
CA LEU H 159 38.20 -15.50 -37.70
C LEU H 159 39.45 -16.31 -37.40
N LYS H 160 39.93 -17.10 -38.36
CA LYS H 160 41.15 -17.87 -38.12
C LYS H 160 42.39 -16.98 -38.10
N THR H 161 42.38 -15.86 -38.83
CA THR H 161 43.49 -14.92 -38.72
C THR H 161 43.52 -14.26 -37.35
N ILE H 162 42.35 -13.89 -36.80
CA ILE H 162 42.32 -13.28 -35.47
C ILE H 162 42.71 -14.30 -34.40
N ILE H 163 42.29 -15.57 -34.58
CA ILE H 163 42.61 -16.63 -33.63
C ILE H 163 44.12 -16.89 -33.60
N THR H 164 44.77 -16.92 -34.77
CA THR H 164 46.22 -17.04 -34.77
C THR H 164 46.93 -15.76 -34.34
N GLN H 165 46.20 -14.63 -34.29
CA GLN H 165 46.83 -13.40 -33.84
C GLN H 165 46.85 -13.28 -32.31
N ILE H 166 45.82 -13.77 -31.62
CA ILE H 166 45.76 -13.60 -30.16
C ILE H 166 45.87 -14.95 -29.44
N ARG H 167 46.57 -15.91 -30.04
CA ARG H 167 46.59 -17.27 -29.51
C ARG H 167 47.41 -17.37 -28.22
N ASP H 168 48.45 -16.55 -28.06
CA ASP H 168 49.36 -16.66 -26.94
C ASP H 168 48.79 -16.12 -25.63
N GLN H 169 47.61 -15.51 -25.64
CA GLN H 169 47.00 -14.95 -24.45
C GLN H 169 46.04 -15.90 -23.77
N ALA H 170 45.81 -17.09 -24.33
CA ALA H 170 44.86 -18.04 -23.78
C ALA H 170 45.54 -19.39 -23.58
N GLU H 171 44.93 -20.21 -22.73
CA GLU H 171 45.44 -21.55 -22.48
C GLU H 171 44.68 -22.59 -23.30
N LYS H 172 43.36 -22.56 -23.26
CA LYS H 172 42.53 -23.49 -24.03
C LYS H 172 42.07 -22.81 -25.32
N ILE H 173 41.37 -23.58 -26.14
CA ILE H 173 40.98 -23.08 -27.46
C ILE H 173 39.63 -22.36 -27.43
N GLU H 174 38.77 -22.68 -26.45
CA GLU H 174 37.45 -22.04 -26.38
C GLU H 174 37.56 -20.58 -25.96
N THR H 175 38.51 -20.28 -25.07
CA THR H 175 38.75 -18.89 -24.67
C THR H 175 39.29 -18.07 -25.83
N ALA H 176 40.14 -18.66 -26.66
CA ALA H 176 40.66 -17.96 -27.84
C ALA H 176 39.58 -17.72 -28.88
N VAL H 177 38.66 -18.68 -29.05
CA VAL H 177 37.56 -18.51 -30.00
C VAL H 177 36.64 -17.38 -29.55
N GLN H 178 36.30 -17.33 -28.26
CA GLN H 178 35.39 -16.30 -27.78
C GLN H 178 36.05 -14.92 -27.75
N MET H 179 37.36 -14.86 -27.48
CA MET H 179 38.04 -13.57 -27.55
C MET H 179 38.15 -13.06 -28.98
N ALA H 180 38.33 -13.95 -29.95
CA ALA H 180 38.32 -13.53 -31.35
C ALA H 180 36.95 -13.07 -31.80
N VAL H 181 35.88 -13.68 -31.28
CA VAL H 181 34.52 -13.24 -31.59
C VAL H 181 34.27 -11.85 -31.04
N LEU H 182 34.75 -11.57 -29.83
CA LEU H 182 34.60 -10.24 -29.23
C LEU H 182 35.37 -9.18 -30.01
N ILE H 183 36.60 -9.49 -30.41
CA ILE H 183 37.42 -8.54 -31.15
C ILE H 183 36.84 -8.27 -32.53
N HIS H 184 36.27 -9.28 -33.18
CA HIS H 184 35.66 -9.07 -34.49
C HIS H 184 34.37 -8.28 -34.38
N ASN H 185 33.56 -8.52 -33.34
CA ASN H 185 32.26 -7.87 -33.26
C ASN H 185 32.36 -6.42 -32.83
N PHE H 186 33.20 -6.09 -31.85
CA PHE H 186 33.14 -4.77 -31.26
C PHE H 186 34.39 -3.92 -31.43
N LYS H 187 35.49 -4.47 -31.94
CA LYS H 187 36.73 -3.72 -32.03
C LYS H 187 37.17 -3.39 -33.46
N ARG H 188 36.66 -4.10 -34.46
CA ARG H 188 37.01 -3.83 -35.85
C ARG H 188 35.95 -2.91 -36.45
N LYS H 189 36.39 -1.77 -36.97
CA LYS H 189 35.49 -0.77 -37.56
C LYS H 189 35.83 -0.58 -39.03
N GLY H 190 34.80 -0.37 -39.84
CA GLY H 190 35.00 -0.15 -41.24
C GLY H 190 33.70 0.15 -41.94
N GLY H 191 33.73 0.06 -43.27
CA GLY H 191 32.54 0.26 -44.06
C GLY H 191 32.30 1.73 -44.39
N ILE H 192 31.03 2.08 -44.59
CA ILE H 192 30.66 3.42 -45.01
C ILE H 192 30.79 4.40 -43.85
N GLY H 193 30.00 4.18 -42.80
CA GLY H 193 30.00 5.13 -41.70
C GLY H 193 31.10 4.94 -40.69
N GLY H 194 31.80 3.81 -40.73
CA GLY H 194 32.83 3.54 -39.74
C GLY H 194 32.27 2.96 -38.46
N TYR H 195 31.37 2.00 -38.58
CA TYR H 195 30.79 1.31 -37.44
C TYR H 195 31.25 -0.14 -37.41
N SER H 196 31.07 -0.76 -36.25
CA SER H 196 31.35 -2.19 -36.10
C SER H 196 30.14 -3.01 -36.52
N ALA H 197 30.17 -4.30 -36.21
CA ALA H 197 29.07 -5.17 -36.62
C ALA H 197 27.87 -5.07 -35.68
N GLY H 198 28.11 -4.80 -34.39
CA GLY H 198 27.01 -4.75 -33.44
C GLY H 198 26.09 -3.57 -33.63
N GLU H 199 26.66 -2.40 -33.97
CA GLU H 199 25.84 -1.24 -34.27
C GLU H 199 25.04 -1.44 -35.55
N ARG H 200 25.61 -2.15 -36.52
CA ARG H 200 24.91 -2.41 -37.77
C ARG H 200 23.72 -3.34 -37.58
N ILE H 201 23.90 -4.42 -36.81
CA ILE H 201 22.80 -5.36 -36.63
C ILE H 201 21.69 -4.75 -35.78
N ILE H 202 22.05 -3.92 -34.79
CA ILE H 202 21.04 -3.29 -33.95
C ILE H 202 20.24 -2.24 -34.74
N ASP H 203 20.92 -1.48 -35.59
CA ASP H 203 20.23 -0.47 -36.40
C ASP H 203 19.30 -1.11 -37.44
N ILE H 204 19.73 -2.23 -38.04
CA ILE H 204 18.92 -2.90 -39.06
C ILE H 204 17.65 -3.48 -38.44
N ILE H 205 17.78 -4.16 -37.30
CA ILE H 205 16.60 -4.75 -36.66
C ILE H 205 15.66 -3.67 -36.11
N ALA H 206 16.21 -2.53 -35.64
CA ALA H 206 15.35 -1.46 -35.15
C ALA H 206 14.56 -0.79 -36.27
N SER H 207 15.16 -0.70 -37.47
CA SER H 207 14.43 -0.15 -38.61
C SER H 207 13.29 -1.08 -39.04
N ASP H 208 13.52 -2.39 -38.99
CA ASP H 208 12.45 -3.33 -39.33
C ASP H 208 11.31 -3.30 -38.32
N LEU H 209 11.65 -3.10 -37.03
CA LEU H 209 10.63 -2.99 -35.99
C LEU H 209 9.76 -1.75 -36.19
N GLN H 210 10.37 -0.63 -36.57
CA GLN H 210 9.61 0.59 -36.84
C GLN H 210 8.65 0.41 -38.01
N THR H 211 9.09 -0.32 -39.04
CA THR H 211 8.22 -0.56 -40.20
C THR H 211 7.01 -1.42 -39.83
N THR H 212 7.19 -2.43 -38.98
CA THR H 212 6.06 -3.30 -38.62
C THR H 212 5.04 -2.57 -37.75
N LYS H 213 5.51 -1.73 -36.81
CA LYS H 213 4.58 -0.97 -35.99
C LYS H 213 3.77 0.03 -36.82
N LEU H 214 4.43 0.67 -37.79
CA LEU H 214 3.71 1.60 -38.66
C LEU H 214 2.70 0.90 -39.55
N GLN H 215 2.99 -0.34 -39.96
CA GLN H 215 2.04 -1.08 -40.79
C GLN H 215 0.79 -1.46 -40.00
N ASN H 216 0.95 -1.81 -38.72
CA ASN H 216 -0.21 -2.10 -37.88
C ASN H 216 -1.11 -0.88 -37.71
N GLN H 217 -0.50 0.30 -37.49
CA GLN H 217 -1.29 1.52 -37.36
C GLN H 217 -2.00 1.87 -38.67
N ILE H 218 -1.35 1.59 -39.81
CA ILE H 218 -1.92 1.92 -41.11
C ILE H 218 -3.19 1.11 -41.38
N SER H 219 -3.17 -0.20 -41.09
CA SER H 219 -4.35 -1.01 -41.32
C SER H 219 -5.48 -0.65 -40.37
N LYS H 220 -5.15 -0.35 -39.11
CA LYS H 220 -6.17 -0.02 -38.12
C LYS H 220 -6.86 1.31 -38.44
N ILE H 221 -6.12 2.26 -39.02
CA ILE H 221 -6.77 3.50 -39.45
C ILE H 221 -7.58 3.28 -40.72
N GLN H 222 -7.06 2.49 -41.66
CA GLN H 222 -7.72 2.30 -42.95
C GLN H 222 -8.90 1.34 -42.90
N ASN H 223 -9.34 0.90 -41.72
CA ASN H 223 -10.62 0.19 -41.63
C ASN H 223 -11.85 1.13 -41.54
N PHE H 224 -11.77 2.39 -41.96
CA PHE H 224 -12.88 3.34 -41.82
C PHE H 224 -13.35 3.83 -43.18
N ARG H 225 -14.27 4.80 -43.16
CA ARG H 225 -14.85 5.37 -44.37
C ARG H 225 -15.40 6.75 -44.05
N VAL H 226 -15.39 7.65 -45.05
CA VAL H 226 -15.68 9.06 -44.85
C VAL H 226 -16.66 9.53 -45.91
N TYR H 227 -17.78 10.14 -45.47
CA TYR H 227 -18.68 10.91 -46.33
C TYR H 227 -18.41 12.38 -46.09
N PHE H 228 -18.01 13.10 -47.15
CA PHE H 228 -17.64 14.51 -47.02
C PHE H 228 -18.55 15.37 -47.88
N ARG H 229 -18.72 16.62 -47.46
CA ARG H 229 -19.58 17.59 -48.12
C ARG H 229 -18.73 18.72 -48.66
N GLU H 230 -18.81 18.95 -49.97
CA GLU H 230 -18.05 20.02 -50.60
C GLU H 230 -18.63 21.39 -50.24
N GLY H 231 -17.87 22.43 -50.56
CA GLY H 231 -18.33 23.78 -50.32
C GLY H 231 -19.40 24.17 -51.32
N ARG H 232 -20.37 24.98 -50.86
CA ARG H 232 -21.50 25.49 -51.66
C ARG H 232 -22.34 24.34 -52.24
N ASP H 233 -22.59 23.33 -51.41
CA ASP H 233 -23.42 22.20 -51.81
C ASP H 233 -23.98 21.55 -50.54
N GLN H 234 -25.13 20.91 -50.67
CA GLN H 234 -25.78 20.25 -49.54
C GLN H 234 -25.85 18.73 -49.71
N GLN H 235 -25.16 18.18 -50.71
CA GLN H 235 -25.14 16.75 -50.94
C GLN H 235 -23.86 16.14 -50.39
N TRP H 236 -23.98 14.93 -49.86
CA TRP H 236 -22.80 14.17 -49.46
C TRP H 236 -22.17 13.50 -50.68
N LYS H 237 -20.85 13.46 -50.71
CA LYS H 237 -20.13 12.91 -51.84
C LYS H 237 -19.87 11.42 -51.62
N GLY H 238 -19.05 10.83 -52.49
CA GLY H 238 -18.80 9.41 -52.45
C GLY H 238 -17.97 8.98 -51.25
N PRO H 239 -17.98 7.68 -50.94
CA PRO H 239 -17.23 7.18 -49.78
C PRO H 239 -15.73 7.12 -50.09
N ALA H 240 -14.98 8.05 -49.52
CA ALA H 240 -13.54 8.11 -49.71
C ALA H 240 -12.84 7.45 -48.53
N THR H 241 -11.67 6.87 -48.78
CA THR H 241 -10.98 6.13 -47.74
C THR H 241 -10.18 7.07 -46.84
N LEU H 242 -10.35 6.89 -45.53
CA LEU H 242 -9.64 7.69 -44.55
C LEU H 242 -8.16 7.30 -44.53
N ILE H 243 -7.29 8.29 -44.36
CA ILE H 243 -5.85 8.07 -44.26
C ILE H 243 -5.30 8.59 -42.94
N TRP H 244 -5.64 9.83 -42.60
CA TRP H 244 -5.18 10.43 -41.36
C TRP H 244 -6.29 11.29 -40.78
N LYS H 245 -6.61 11.05 -39.51
CA LYS H 245 -7.67 11.77 -38.81
C LYS H 245 -7.03 12.67 -37.78
N GLY H 246 -6.91 13.96 -38.11
CA GLY H 246 -6.30 14.94 -37.24
C GLY H 246 -7.31 15.58 -36.30
N GLU H 247 -6.84 16.63 -35.62
CA GLU H 247 -7.72 17.35 -34.70
C GLU H 247 -8.71 18.25 -35.44
N GLY H 248 -8.28 18.86 -36.54
CA GLY H 248 -9.15 19.74 -37.30
C GLY H 248 -9.14 19.46 -38.78
N ALA H 249 -8.29 18.54 -39.23
CA ALA H 249 -8.17 18.20 -40.64
C ALA H 249 -8.33 16.70 -40.81
N VAL H 250 -8.76 16.31 -42.01
CA VAL H 250 -8.97 14.91 -42.37
C VAL H 250 -8.44 14.71 -43.78
N VAL H 251 -7.52 13.76 -43.94
CA VAL H 251 -6.94 13.45 -45.24
C VAL H 251 -7.64 12.21 -45.78
N ILE H 252 -8.19 12.31 -46.99
CA ILE H 252 -8.90 11.20 -47.61
C ILE H 252 -8.30 10.93 -48.98
N GLN H 253 -8.44 9.68 -49.42
CA GLN H 253 -8.09 9.27 -50.77
C GLN H 253 -9.36 8.98 -51.55
N ASP H 254 -9.47 9.57 -52.73
CA ASP H 254 -10.60 9.39 -53.62
C ASP H 254 -10.13 9.58 -55.05
N GLY H 255 -10.39 8.59 -55.90
CA GLY H 255 -10.06 8.68 -57.31
C GLY H 255 -8.59 8.86 -57.62
N GLN H 256 -7.73 8.15 -56.88
CA GLN H 256 -6.26 8.30 -56.91
C GLN H 256 -5.84 9.75 -56.62
N ASP H 257 -6.57 10.41 -55.72
CA ASP H 257 -6.27 11.78 -55.36
C ASP H 257 -6.38 11.93 -53.85
N LEU H 258 -5.40 12.60 -53.26
CA LEU H 258 -5.41 12.90 -51.83
C LEU H 258 -5.95 14.31 -51.63
N LYS H 259 -6.85 14.48 -50.67
CA LYS H 259 -7.37 15.81 -50.40
C LYS H 259 -7.62 15.98 -48.91
N VAL H 260 -7.54 17.23 -48.46
CA VAL H 260 -7.65 17.60 -47.05
C VAL H 260 -8.97 18.35 -46.87
N VAL H 261 -9.86 17.76 -46.08
CA VAL H 261 -11.17 18.35 -45.79
C VAL H 261 -11.21 18.65 -44.29
N PRO H 262 -11.76 19.79 -43.86
CA PRO H 262 -11.92 20.03 -42.42
C PRO H 262 -12.96 19.10 -41.81
N ARG H 263 -12.88 18.98 -40.48
CA ARG H 263 -13.65 17.98 -39.77
C ARG H 263 -15.13 18.32 -39.65
N ARG H 264 -15.50 19.59 -39.81
CA ARG H 264 -16.91 19.97 -39.67
C ARG H 264 -17.70 19.77 -40.95
N LYS H 265 -17.13 19.14 -41.97
CA LYS H 265 -17.83 18.80 -43.21
C LYS H 265 -17.72 17.31 -43.52
N CYS H 266 -17.39 16.50 -42.52
CA CYS H 266 -17.10 15.09 -42.72
C CYS H 266 -17.84 14.24 -41.70
N LYS H 267 -18.23 13.04 -42.13
CA LYS H 267 -18.85 12.05 -41.26
C LYS H 267 -18.10 10.74 -41.44
N ILE H 268 -17.54 10.21 -40.36
CA ILE H 268 -16.74 9.00 -40.39
C ILE H 268 -17.60 7.84 -39.93
N ILE H 269 -17.73 6.82 -40.78
CA ILE H 269 -18.45 5.59 -40.43
C ILE H 269 -17.49 4.42 -40.55
N LYS H 270 -17.85 3.32 -39.90
CA LYS H 270 -17.11 2.08 -40.08
C LYS H 270 -17.47 1.46 -41.43
N ASP H 271 -16.58 0.61 -41.93
CA ASP H 271 -16.76 -0.04 -43.22
C ASP H 271 -16.44 -1.52 -43.07
N TYR H 272 -17.46 -2.36 -43.25
CA TYR H 272 -17.27 -3.81 -43.23
C TYR H 272 -17.30 -4.29 -44.68
N GLY H 273 -16.14 -4.18 -45.33
CA GLY H 273 -16.06 -4.44 -46.76
C GLY H 273 -14.96 -5.41 -47.14
N ARG H 274 -14.77 -6.46 -46.35
CA ARG H 274 -13.73 -7.45 -46.57
C ARG H 274 -13.89 -8.21 -47.89
N GLY I 1 5.10 19.40 40.60
CA GLY I 1 5.99 19.19 39.48
C GLY I 1 6.08 17.73 39.05
N PHE I 2 7.08 17.41 38.23
CA PHE I 2 7.24 16.05 37.73
C PHE I 2 8.68 15.57 37.72
N LEU I 3 9.56 16.18 38.53
CA LEU I 3 10.95 15.75 38.55
C LEU I 3 11.11 14.42 39.30
N ASP I 4 10.38 14.26 40.40
CA ASP I 4 10.29 12.96 41.05
C ASP I 4 9.61 11.94 40.16
N GLY I 5 8.67 12.38 39.33
CA GLY I 5 8.11 11.52 38.31
C GLY I 5 9.13 11.05 37.28
N ILE I 6 10.09 11.91 36.95
CA ILE I 6 11.14 11.53 36.01
C ILE I 6 12.05 10.48 36.61
N GLU I 7 12.40 10.64 37.90
CA GLU I 7 13.25 9.65 38.57
C GLU I 7 12.54 8.30 38.73
N LYS I 8 11.26 8.32 39.11
CA LYS I 8 10.49 7.09 39.23
C LYS I 8 10.26 6.43 37.88
N ALA I 9 10.12 7.22 36.80
CA ALA I 9 9.96 6.64 35.47
C ALA I 9 11.25 5.98 35.00
N GLN I 10 12.41 6.51 35.38
CA GLN I 10 13.67 5.87 35.01
C GLN I 10 13.83 4.53 35.73
N GLU I 11 13.48 4.46 37.00
CA GLU I 11 13.56 3.19 37.72
C GLU I 11 12.52 2.19 37.21
N GLU I 12 11.35 2.69 36.80
CA GLU I 12 10.30 1.83 36.27
C GLU I 12 10.71 1.22 34.92
N HIS I 13 11.34 2.02 34.06
CA HIS I 13 11.83 1.46 32.79
C HIS I 13 13.02 0.53 33.02
N GLU I 14 13.81 0.78 34.06
CA GLU I 14 14.93 -0.10 34.38
C GLU I 14 14.45 -1.49 34.79
N LYS I 15 13.26 -1.58 35.39
CA LYS I 15 12.74 -2.88 35.80
C LYS I 15 11.84 -3.52 34.74
N TYR I 16 10.89 -2.76 34.18
CA TYR I 16 9.79 -3.33 33.41
C TYR I 16 9.90 -3.13 31.91
N HIS I 17 10.72 -2.17 31.44
CA HIS I 17 10.89 -1.81 30.03
C HIS I 17 9.57 -1.39 29.38
N ASN I 18 9.02 -0.29 29.87
CA ASN I 18 7.80 0.27 29.30
C ASN I 18 8.08 0.93 27.95
N ASN I 19 7.01 1.27 27.25
CA ASN I 19 7.12 2.16 26.11
C ASN I 19 6.78 3.57 26.59
N TRP I 20 6.85 4.55 25.70
CA TRP I 20 6.81 5.93 26.16
C TRP I 20 5.41 6.40 26.52
N ARG I 21 4.37 5.80 25.94
CA ARG I 21 3.01 6.24 26.24
C ARG I 21 2.58 5.79 27.62
N ALA I 22 3.06 4.64 28.09
CA ALA I 22 2.74 4.18 29.43
C ALA I 22 3.36 5.07 30.49
N MET I 23 4.61 5.49 30.29
CA MET I 23 5.25 6.38 31.26
C MET I 23 4.66 7.77 31.22
N ALA I 24 4.36 8.28 30.03
CA ALA I 24 3.76 9.60 29.90
C ALA I 24 2.35 9.67 30.44
N GLU I 25 1.65 8.54 30.51
CA GLU I 25 0.30 8.54 31.10
C GLU I 25 0.31 8.25 32.59
N ASP I 26 1.22 7.40 33.07
CA ASP I 26 1.17 7.01 34.48
C ASP I 26 1.92 7.98 35.37
N PHE I 27 2.94 8.66 34.85
CA PHE I 27 3.75 9.55 35.68
C PHE I 27 3.56 11.02 35.35
N GLN I 28 2.74 11.34 34.34
CA GLN I 28 2.33 12.70 33.96
C GLN I 28 3.53 13.58 33.61
N ILE I 29 4.53 12.98 32.96
CA ILE I 29 5.68 13.71 32.43
C ILE I 29 5.37 14.02 30.97
N PRO I 30 5.97 15.05 30.37
CA PRO I 30 5.72 15.31 28.94
C PRO I 30 6.37 14.25 28.07
N GLN I 31 5.92 14.20 26.82
CA GLN I 31 6.26 13.09 25.93
C GLN I 31 7.70 13.13 25.44
N VAL I 32 8.35 14.29 25.43
CA VAL I 32 9.74 14.35 25.00
C VAL I 32 10.65 13.67 26.00
N VAL I 33 10.33 13.79 27.29
CA VAL I 33 11.14 13.16 28.32
C VAL I 33 10.96 11.64 28.30
N ALA I 34 9.73 11.19 28.04
CA ALA I 34 9.46 9.76 27.97
C ALA I 34 10.11 9.13 26.74
N LYS I 35 10.10 9.85 25.62
CA LYS I 35 10.80 9.37 24.43
C LYS I 35 12.30 9.33 24.63
N GLU I 36 12.85 10.27 25.42
CA GLU I 36 14.28 10.22 25.70
C GLU I 36 14.64 9.06 26.61
N ILE I 37 13.77 8.75 27.59
CA ILE I 37 14.01 7.63 28.49
C ILE I 37 14.01 6.31 27.72
N VAL I 38 13.11 6.16 26.75
CA VAL I 38 13.10 4.96 25.93
C VAL I 38 14.31 4.95 24.99
N ALA I 39 14.69 6.11 24.45
CA ALA I 39 15.76 6.14 23.44
C ALA I 39 17.15 5.95 24.02
N GLN I 40 17.32 6.08 25.34
CA GLN I 40 18.63 5.84 25.94
C GLN I 40 18.76 4.46 26.56
N CYS I 41 18.10 3.44 25.99
CA CYS I 41 18.15 2.08 26.51
C CYS I 41 18.71 1.14 25.45
N PRO I 42 19.65 0.25 25.81
CA PRO I 42 20.20 -0.68 24.82
C PRO I 42 19.41 -1.98 24.65
N LYS I 43 18.63 -2.40 25.64
CA LYS I 43 17.85 -3.63 25.51
C LYS I 43 16.67 -3.44 24.56
N CYS I 44 16.22 -2.20 24.43
CA CYS I 44 15.28 -1.79 23.39
C CYS I 44 16.04 -1.53 22.10
N GLN I 45 15.43 -0.74 21.19
CA GLN I 45 15.99 -0.38 19.88
C GLN I 45 16.18 -1.62 19.00
N VAL I 46 15.07 -2.30 18.72
CA VAL I 46 15.09 -3.40 17.77
C VAL I 46 13.99 -3.21 16.73
N LYS I 47 14.29 -2.43 15.68
CA LYS I 47 13.36 -2.10 14.61
C LYS I 47 14.09 -1.36 13.49
N GLY I 48 13.72 -1.62 12.24
CA GLY I 48 14.24 -0.87 11.12
C GLY I 48 13.56 0.48 10.97
N GLU I 49 13.72 1.08 9.79
CA GLU I 49 13.14 2.40 9.56
C GLU I 49 12.07 2.41 8.47
N ALA I 50 11.75 1.24 7.89
CA ALA I 50 10.61 1.03 6.99
C ALA I 50 10.68 1.88 5.72
N MET I 51 11.69 1.58 4.90
CA MET I 51 11.79 2.16 3.56
C MET I 51 12.52 1.18 2.66
N HIS I 52 12.41 1.41 1.35
CA HIS I 52 13.09 0.60 0.35
C HIS I 52 13.94 1.50 -0.54
N GLY I 53 15.00 0.92 -1.11
CA GLY I 53 15.86 1.62 -2.03
C GLY I 53 15.47 1.37 -3.48
N GLN I 54 16.38 1.76 -4.37
CA GLN I 54 16.15 1.66 -5.82
C GLN I 54 17.45 1.27 -6.50
N VAL I 55 17.45 0.14 -7.21
CA VAL I 55 18.68 -0.41 -7.77
C VAL I 55 19.08 0.38 -9.02
N ASP I 56 20.30 0.10 -9.49
CA ASP I 56 20.85 0.76 -10.68
C ASP I 56 20.17 0.25 -11.94
N ALA I 57 19.86 1.17 -12.85
CA ALA I 57 19.18 0.85 -14.11
C ALA I 57 19.83 1.58 -15.28
N SER I 58 21.16 1.54 -15.33
CA SER I 58 21.90 2.09 -16.45
C SER I 58 21.70 1.21 -17.69
N PRO I 59 21.88 1.75 -18.91
CA PRO I 59 21.61 0.94 -20.11
C PRO I 59 22.65 -0.12 -20.44
N LYS I 60 23.68 -0.30 -19.60
CA LYS I 60 24.65 -1.36 -19.82
C LYS I 60 24.97 -2.09 -18.53
N THR I 61 23.98 -2.27 -17.66
CA THR I 61 24.13 -2.98 -16.40
C THR I 61 23.49 -4.36 -16.51
N TRP I 62 24.21 -5.38 -16.05
CA TRP I 62 23.71 -6.74 -16.04
C TRP I 62 23.79 -7.29 -14.62
N GLN I 63 22.89 -8.21 -14.30
CA GLN I 63 22.89 -8.87 -12.99
C GLN I 63 22.93 -10.38 -13.18
N MET I 64 23.60 -11.09 -12.27
CA MET I 64 23.80 -12.52 -12.45
C MET I 64 23.56 -13.27 -11.14
N ASP I 65 22.98 -14.47 -11.26
CA ASP I 65 22.72 -15.33 -10.11
C ASP I 65 22.64 -16.77 -10.59
N CYS I 66 22.67 -17.70 -9.64
CA CYS I 66 22.55 -19.13 -9.92
C CYS I 66 21.34 -19.70 -9.19
N THR I 67 20.78 -20.78 -9.74
CA THR I 67 19.64 -21.44 -9.13
C THR I 67 19.72 -22.94 -9.39
N HIS I 68 18.83 -23.68 -8.72
CA HIS I 68 18.78 -25.13 -8.82
C HIS I 68 17.41 -25.57 -9.31
N LEU I 69 17.40 -26.59 -10.15
CA LEU I 69 16.14 -27.15 -10.66
C LEU I 69 16.39 -28.59 -11.07
N GLU I 70 15.69 -29.52 -10.40
CA GLU I 70 15.76 -30.97 -10.66
C GLU I 70 17.17 -31.52 -10.55
N GLY I 71 17.93 -30.99 -9.58
CA GLY I 71 19.28 -31.45 -9.36
C GLY I 71 20.33 -30.83 -10.27
N LYS I 72 19.94 -29.91 -11.15
CA LYS I 72 20.86 -29.23 -12.04
C LYS I 72 21.19 -27.85 -11.48
N VAL I 73 22.14 -27.19 -12.11
CA VAL I 73 22.54 -25.83 -11.74
C VAL I 73 22.35 -24.94 -12.96
N ILE I 74 21.42 -24.00 -12.86
CA ILE I 74 21.17 -23.02 -13.91
C ILE I 74 21.88 -21.74 -13.53
N ILE I 75 22.43 -21.02 -14.50
CA ILE I 75 22.99 -19.70 -14.29
C ILE I 75 22.23 -18.71 -15.16
N VAL I 76 21.75 -17.63 -14.55
CA VAL I 76 20.87 -16.66 -15.19
C VAL I 76 21.55 -15.31 -15.17
N ALA I 77 21.52 -14.62 -16.32
CA ALA I 77 21.96 -13.24 -16.44
C ALA I 77 20.85 -12.42 -17.05
N VAL I 78 20.60 -11.24 -16.50
CA VAL I 78 19.49 -10.40 -16.94
C VAL I 78 20.00 -9.00 -17.24
N HIS I 79 19.61 -8.47 -18.41
CA HIS I 79 19.75 -7.05 -18.71
C HIS I 79 18.63 -6.31 -18.01
N VAL I 80 19.01 -5.31 -17.21
CA VAL I 80 18.14 -4.76 -16.18
C VAL I 80 17.16 -3.75 -16.75
N ALA I 81 17.63 -2.90 -17.67
CA ALA I 81 16.77 -1.83 -18.20
C ALA I 81 15.70 -2.33 -19.14
N SER I 82 15.82 -3.56 -19.63
CA SER I 82 14.85 -4.13 -20.57
C SER I 82 14.23 -5.43 -20.11
N GLY I 83 14.95 -6.24 -19.33
CA GLY I 83 14.42 -7.52 -18.92
C GLY I 83 14.85 -8.68 -19.80
N TYR I 84 16.07 -8.64 -20.34
CA TYR I 84 16.49 -9.62 -21.34
C TYR I 84 17.29 -10.72 -20.67
N ILE I 85 16.92 -11.98 -20.95
CA ILE I 85 17.39 -13.13 -20.19
C ILE I 85 18.32 -13.97 -21.05
N GLU I 86 19.51 -14.28 -20.51
CA GLU I 86 20.35 -15.36 -21.02
C GLU I 86 20.55 -16.38 -19.92
N ALA I 87 20.40 -17.66 -20.25
CA ALA I 87 20.47 -18.70 -19.23
C ALA I 87 21.20 -19.91 -19.78
N GLU I 88 21.94 -20.58 -18.91
CA GLU I 88 22.67 -21.79 -19.31
C GLU I 88 22.63 -22.81 -18.19
N VAL I 89 22.91 -24.06 -18.55
CA VAL I 89 22.98 -25.17 -17.61
C VAL I 89 24.45 -25.51 -17.39
N LEU I 90 24.90 -25.43 -16.15
CA LEU I 90 26.28 -25.72 -15.85
C LEU I 90 26.44 -27.14 -15.30
N PRO I 91 27.53 -27.82 -15.65
CA PRO I 91 27.79 -29.13 -15.04
C PRO I 91 28.27 -29.05 -13.61
N ALA I 92 28.82 -27.89 -13.20
CA ALA I 92 29.29 -27.71 -11.84
C ALA I 92 29.18 -26.23 -11.49
N GLU I 93 29.38 -25.92 -10.21
CA GLU I 93 29.26 -24.55 -9.70
C GLU I 93 30.62 -23.95 -9.38
N THR I 94 31.63 -24.22 -10.19
CA THR I 94 32.97 -23.71 -9.95
C THR I 94 33.12 -22.34 -10.62
N GLY I 95 34.32 -21.79 -10.60
CA GLY I 95 34.56 -20.47 -11.14
C GLY I 95 34.94 -20.45 -12.60
N LYS I 96 35.39 -21.60 -13.12
CA LYS I 96 35.82 -21.68 -14.50
C LYS I 96 34.64 -21.60 -15.47
N GLU I 97 33.55 -22.31 -15.16
CA GLU I 97 32.37 -22.23 -16.00
C GLU I 97 31.69 -20.88 -15.90
N THR I 98 31.79 -20.22 -14.74
CA THR I 98 31.22 -18.88 -14.60
C THR I 98 32.02 -17.87 -15.39
N ALA I 99 33.35 -18.02 -15.42
CA ALA I 99 34.18 -17.14 -16.25
C ALA I 99 33.93 -17.38 -17.73
N HIS I 100 33.67 -18.64 -18.12
CA HIS I 100 33.39 -18.94 -19.51
C HIS I 100 32.04 -18.39 -19.95
N PHE I 101 31.03 -18.50 -19.08
CA PHE I 101 29.71 -17.93 -19.37
C PHE I 101 29.77 -16.42 -19.46
N LEU I 102 30.54 -15.78 -18.58
CA LEU I 102 30.69 -14.33 -18.62
C LEU I 102 31.44 -13.89 -19.87
N LEU I 103 32.40 -14.69 -20.34
CA LEU I 103 33.14 -14.32 -21.55
C LEU I 103 32.26 -14.43 -22.79
N LYS I 104 31.41 -15.46 -22.85
CA LYS I 104 30.47 -15.58 -23.97
C LYS I 104 29.46 -14.44 -23.99
N LEU I 105 28.93 -14.08 -22.81
CA LEU I 105 27.98 -12.98 -22.71
C LEU I 105 28.62 -11.64 -23.08
N ALA I 106 29.88 -11.44 -22.67
CA ALA I 106 30.56 -10.19 -23.00
C ALA I 106 30.97 -10.15 -24.47
N ALA I 107 31.12 -11.31 -25.11
CA ALA I 107 31.40 -11.35 -26.54
C ALA I 107 30.16 -11.13 -27.39
N ARG I 108 28.97 -11.36 -26.84
CA ARG I 108 27.74 -11.16 -27.61
C ARG I 108 27.19 -9.74 -27.49
N TRP I 109 27.01 -9.25 -26.27
CA TRP I 109 26.37 -7.97 -25.99
C TRP I 109 27.35 -7.05 -25.29
N PRO I 110 27.22 -5.73 -25.46
CA PRO I 110 28.10 -4.78 -24.78
C PRO I 110 27.80 -4.70 -23.29
N VAL I 111 28.74 -5.15 -22.47
CA VAL I 111 28.61 -5.17 -21.02
C VAL I 111 29.64 -4.19 -20.46
N LYS I 112 29.20 -3.32 -19.54
CA LYS I 112 30.09 -2.40 -18.87
C LYS I 112 29.98 -2.40 -17.36
N HIS I 113 28.97 -3.06 -16.79
CA HIS I 113 28.79 -3.09 -15.36
C HIS I 113 28.07 -4.38 -14.99
N LEU I 114 28.63 -5.12 -14.03
CA LEU I 114 28.09 -6.41 -13.62
C LEU I 114 27.84 -6.38 -12.12
N HIS I 115 26.69 -6.90 -11.69
CA HIS I 115 26.32 -6.92 -10.28
C HIS I 115 25.97 -8.35 -9.88
N THR I 116 26.56 -8.79 -8.76
CA THR I 116 26.37 -10.17 -8.29
C THR I 116 26.26 -10.17 -6.77
N ASP I 117 25.93 -11.34 -6.22
CA ASP I 117 26.00 -11.57 -4.79
C ASP I 117 27.40 -12.09 -4.43
N ASN I 118 27.58 -12.55 -3.20
CA ASN I 118 28.89 -12.92 -2.69
C ASN I 118 29.10 -14.42 -2.68
N GLY I 119 28.63 -15.13 -3.70
CA GLY I 119 28.85 -16.56 -3.78
C GLY I 119 30.30 -16.91 -4.02
N ASP I 120 30.60 -18.20 -3.90
CA ASP I 120 31.99 -18.65 -3.98
C ASP I 120 32.52 -18.61 -5.41
N ASN I 121 31.64 -18.72 -6.41
CA ASN I 121 32.10 -18.73 -7.79
C ASN I 121 32.25 -17.34 -8.38
N PHE I 122 31.46 -16.38 -7.94
CA PHE I 122 31.58 -15.01 -8.46
C PHE I 122 32.76 -14.26 -7.86
N THR I 123 33.21 -14.64 -6.68
CA THR I 123 34.39 -14.05 -6.06
C THR I 123 35.59 -14.97 -6.30
N SER I 124 36.12 -14.92 -7.52
CA SER I 124 37.18 -15.83 -7.92
C SER I 124 38.16 -15.14 -8.86
N SER I 125 39.35 -15.74 -8.95
CA SER I 125 40.42 -15.15 -9.76
C SER I 125 40.15 -15.28 -11.25
N ALA I 126 39.43 -16.34 -11.66
CA ALA I 126 39.10 -16.51 -13.07
C ALA I 126 38.10 -15.46 -13.54
N VAL I 127 37.08 -15.20 -12.72
CA VAL I 127 36.11 -14.15 -13.03
C VAL I 127 36.77 -12.78 -12.97
N GLN I 128 37.75 -12.61 -12.08
CA GLN I 128 38.47 -11.34 -12.00
C GLN I 128 39.34 -11.12 -13.24
N ALA I 129 39.95 -12.18 -13.75
CA ALA I 129 40.79 -12.06 -14.95
C ALA I 129 39.95 -11.78 -16.19
N VAL I 130 38.77 -12.38 -16.28
CA VAL I 130 37.88 -12.12 -17.42
C VAL I 130 37.35 -10.69 -17.36
N CYS I 131 37.00 -10.20 -16.16
CA CYS I 131 36.54 -8.83 -16.02
C CYS I 131 37.67 -7.83 -16.30
N TRP I 132 38.91 -8.18 -15.98
CA TRP I 132 40.03 -7.31 -16.31
C TRP I 132 40.28 -7.25 -17.81
N TRP I 133 40.19 -8.40 -18.49
CA TRP I 133 40.50 -8.43 -19.91
C TRP I 133 39.40 -7.78 -20.73
N ALA I 134 38.15 -7.87 -20.28
CA ALA I 134 37.03 -7.32 -21.02
C ALA I 134 36.57 -5.96 -20.52
N GLN I 135 37.23 -5.41 -19.49
CA GLN I 135 36.98 -4.07 -18.94
C GLN I 135 35.55 -3.91 -18.42
N ILE I 136 35.22 -4.73 -17.44
CA ILE I 136 33.91 -4.74 -16.80
C ILE I 136 34.08 -4.35 -15.35
N GLU I 137 33.19 -3.47 -14.87
CA GLU I 137 33.16 -3.08 -13.46
C GLU I 137 32.30 -4.05 -12.68
N HIS I 138 32.93 -4.85 -11.82
CA HIS I 138 32.23 -5.87 -11.04
C HIS I 138 31.93 -5.33 -9.66
N THR I 139 30.65 -5.33 -9.28
CA THR I 139 30.23 -4.93 -7.95
C THR I 139 29.45 -6.04 -7.27
N PHE I 140 29.54 -6.07 -5.95
CA PHE I 140 28.94 -7.10 -5.13
C PHE I 140 27.89 -6.47 -4.22
N GLY I 141 26.90 -7.28 -3.84
CA GLY I 141 25.89 -6.80 -2.94
C GLY I 141 26.29 -6.92 -1.49
N VAL I 142 25.54 -6.23 -0.64
CA VAL I 142 25.67 -6.37 0.82
C VAL I 142 25.36 -7.80 1.22
N PRO I 143 26.18 -8.46 2.04
CA PRO I 143 26.02 -9.90 2.27
C PRO I 143 24.75 -10.24 3.03
N TYR I 144 24.12 -11.34 2.60
CA TYR I 144 22.84 -11.85 3.11
C TYR I 144 21.73 -10.80 3.00
N ASN I 145 21.70 -10.13 1.85
CA ASN I 145 20.64 -9.17 1.54
C ASN I 145 20.25 -9.41 0.09
N PRO I 146 19.28 -10.29 -0.16
CA PRO I 146 18.95 -10.66 -1.55
C PRO I 146 18.13 -9.61 -2.28
N GLN I 147 17.67 -8.56 -1.60
CA GLN I 147 16.88 -7.53 -2.26
C GLN I 147 17.72 -6.60 -3.12
N SER I 148 19.05 -6.66 -3.03
CA SER I 148 19.89 -5.81 -3.87
C SER I 148 19.83 -6.25 -5.32
N GLN I 149 19.81 -7.56 -5.57
CA GLN I 149 19.62 -8.12 -6.89
C GLN I 149 18.17 -8.58 -7.08
N GLY I 150 17.23 -7.63 -7.09
CA GLY I 150 15.83 -8.01 -7.14
C GLY I 150 15.39 -8.53 -8.50
N VAL I 151 16.00 -8.04 -9.57
CA VAL I 151 15.55 -8.35 -10.93
C VAL I 151 15.89 -9.79 -11.29
N VAL I 152 17.07 -10.26 -10.91
CA VAL I 152 17.47 -11.61 -11.29
C VAL I 152 16.74 -12.68 -10.49
N GLU I 153 16.35 -12.41 -9.24
CA GLU I 153 15.56 -13.41 -8.51
C GLU I 153 14.11 -13.42 -8.98
N SER I 154 13.57 -12.26 -9.38
CA SER I 154 12.26 -12.24 -10.00
C SER I 154 12.25 -13.00 -11.32
N MET I 155 13.32 -12.89 -12.12
CA MET I 155 13.39 -13.64 -13.37
C MET I 155 13.63 -15.13 -13.13
N ASN I 156 14.23 -15.49 -11.99
CA ASN I 156 14.29 -16.90 -11.60
C ASN I 156 12.89 -17.47 -11.39
N HIS I 157 12.01 -16.69 -10.75
CA HIS I 157 10.63 -17.13 -10.53
C HIS I 157 9.87 -17.28 -11.84
N GLN I 158 10.04 -16.31 -12.75
CA GLN I 158 9.34 -16.37 -14.03
C GLN I 158 9.84 -17.53 -14.89
N LEU I 159 11.14 -17.78 -14.88
CA LEU I 159 11.72 -18.87 -15.66
C LEU I 159 11.24 -20.22 -15.15
N LYS I 160 11.12 -20.38 -13.83
CA LYS I 160 10.64 -21.65 -13.29
C LYS I 160 9.17 -21.91 -13.62
N THR I 161 8.33 -20.86 -13.64
CA THR I 161 6.94 -21.06 -14.01
C THR I 161 6.78 -21.43 -15.48
N ILE I 162 7.59 -20.83 -16.36
CA ILE I 162 7.54 -21.19 -17.78
C ILE I 162 8.02 -22.61 -18.00
N ILE I 163 9.06 -23.04 -17.27
CA ILE I 163 9.58 -24.40 -17.39
C ILE I 163 8.54 -25.43 -16.95
N THR I 164 7.77 -25.12 -15.90
CA THR I 164 6.68 -26.02 -15.54
C THR I 164 5.54 -26.00 -16.55
N GLN I 165 5.39 -24.92 -17.32
CA GLN I 165 4.35 -24.90 -18.35
C GLN I 165 4.70 -25.79 -19.54
N ILE I 166 5.96 -25.77 -19.98
CA ILE I 166 6.29 -26.45 -21.24
C ILE I 166 7.17 -27.67 -21.00
N ARG I 167 6.99 -28.33 -19.84
CA ARG I 167 7.90 -29.41 -19.47
C ARG I 167 7.68 -30.67 -20.29
N ASP I 168 6.45 -30.97 -20.68
CA ASP I 168 6.14 -32.23 -21.34
C ASP I 168 6.45 -32.22 -22.84
N GLN I 169 6.97 -31.12 -23.38
CA GLN I 169 7.33 -31.04 -24.79
C GLN I 169 8.80 -31.33 -25.04
N ALA I 170 9.59 -31.62 -24.01
CA ALA I 170 11.01 -31.85 -24.15
C ALA I 170 11.42 -33.10 -23.40
N GLU I 171 12.56 -33.66 -23.82
CA GLU I 171 13.12 -34.86 -23.18
C GLU I 171 14.08 -34.49 -22.06
N LYS I 172 15.09 -33.68 -22.35
CA LYS I 172 16.08 -33.29 -21.36
C LYS I 172 15.70 -31.95 -20.73
N ILE I 173 16.54 -31.50 -19.80
CA ILE I 173 16.25 -30.25 -19.11
C ILE I 173 16.93 -29.06 -19.79
N GLU I 174 17.99 -29.31 -20.57
CA GLU I 174 18.66 -28.22 -21.27
C GLU I 174 17.80 -27.69 -22.41
N THR I 175 17.11 -28.59 -23.12
CA THR I 175 16.18 -28.19 -24.16
C THR I 175 15.02 -27.40 -23.58
N ALA I 176 14.52 -27.81 -22.41
CA ALA I 176 13.42 -27.09 -21.78
C ALA I 176 13.85 -25.72 -21.29
N VAL I 177 15.11 -25.58 -20.85
CA VAL I 177 15.62 -24.28 -20.44
C VAL I 177 15.71 -23.33 -21.64
N GLN I 178 16.22 -23.82 -22.77
CA GLN I 178 16.35 -22.95 -23.93
C GLN I 178 15.00 -22.59 -24.55
N MET I 179 14.04 -23.52 -24.51
CA MET I 179 12.69 -23.19 -24.96
C MET I 179 12.02 -22.18 -24.05
N ALA I 180 12.29 -22.23 -22.74
CA ALA I 180 11.74 -21.24 -21.83
C ALA I 180 12.36 -19.86 -22.05
N VAL I 181 13.64 -19.80 -22.43
CA VAL I 181 14.28 -18.53 -22.74
C VAL I 181 13.67 -17.91 -23.99
N LEU I 182 13.39 -18.73 -25.01
CA LEU I 182 12.75 -18.22 -26.23
C LEU I 182 11.33 -17.73 -25.96
N ILE I 183 10.57 -18.47 -25.14
CA ILE I 183 9.19 -18.09 -24.84
C ILE I 183 9.14 -16.80 -24.03
N HIS I 184 10.10 -16.61 -23.12
CA HIS I 184 10.14 -15.37 -22.35
C HIS I 184 10.56 -14.18 -23.21
N ASN I 185 11.58 -14.36 -24.06
CA ASN I 185 12.12 -13.23 -24.81
C ASN I 185 11.21 -12.75 -25.93
N PHE I 186 10.50 -13.66 -26.61
CA PHE I 186 9.80 -13.25 -27.81
C PHE I 186 8.30 -13.51 -27.83
N LYS I 187 7.75 -14.25 -26.86
CA LYS I 187 6.33 -14.61 -26.91
C LYS I 187 5.52 -14.00 -25.78
N ARG I 188 6.08 -13.06 -25.01
CA ARG I 188 5.37 -12.39 -23.94
C ARG I 188 5.51 -10.89 -24.11
N LYS I 189 4.40 -10.18 -24.16
CA LYS I 189 4.39 -8.74 -24.34
C LYS I 189 3.71 -8.07 -23.16
N GLY I 190 3.94 -6.77 -23.03
CA GLY I 190 3.44 -6.00 -21.91
C GLY I 190 4.56 -5.42 -21.08
N GLY I 191 4.43 -4.16 -20.67
CA GLY I 191 5.47 -3.53 -19.90
C GLY I 191 5.52 -2.03 -20.09
N ILE I 192 6.70 -1.51 -20.44
CA ILE I 192 6.85 -0.05 -20.57
C ILE I 192 6.18 0.45 -21.84
N GLY I 193 6.57 -0.08 -22.99
CA GLY I 193 6.00 0.34 -24.26
C GLY I 193 5.11 -0.67 -24.94
N GLY I 194 4.63 -1.69 -24.24
CA GLY I 194 3.93 -2.78 -24.91
C GLY I 194 4.84 -3.69 -25.69
N TYR I 195 6.13 -3.70 -25.38
CA TYR I 195 7.12 -4.48 -26.10
C TYR I 195 7.33 -5.84 -25.45
N SER I 196 8.04 -6.70 -26.16
CA SER I 196 8.66 -7.86 -25.54
C SER I 196 10.07 -7.46 -25.09
N ALA I 197 10.82 -8.44 -24.58
CA ALA I 197 12.15 -8.10 -24.06
C ALA I 197 13.17 -7.88 -25.18
N GLY I 198 13.04 -8.61 -26.29
CA GLY I 198 13.97 -8.41 -27.40
C GLY I 198 13.77 -7.08 -28.10
N GLU I 199 12.52 -6.69 -28.33
CA GLU I 199 12.23 -5.39 -28.91
C GLU I 199 12.66 -4.25 -27.99
N ARG I 200 12.56 -4.45 -26.68
CA ARG I 200 12.95 -3.40 -25.75
C ARG I 200 14.45 -3.23 -25.65
N ILE I 201 15.23 -4.31 -25.70
CA ILE I 201 16.68 -4.14 -25.63
C ILE I 201 17.22 -3.55 -26.93
N ILE I 202 16.59 -3.89 -28.08
CA ILE I 202 16.97 -3.28 -29.35
C ILE I 202 16.67 -1.78 -29.34
N ASP I 203 15.49 -1.40 -28.84
CA ASP I 203 15.08 0.00 -28.78
C ASP I 203 15.97 0.81 -27.86
N ILE I 204 16.35 0.24 -26.71
CA ILE I 204 17.15 0.98 -25.72
C ILE I 204 18.55 1.25 -26.25
N ILE I 205 19.20 0.23 -26.82
CA ILE I 205 20.59 0.41 -27.26
C ILE I 205 20.67 1.28 -28.50
N ALA I 206 19.72 1.12 -29.44
CA ALA I 206 19.71 1.94 -30.64
C ALA I 206 19.42 3.41 -30.33
N SER I 207 18.51 3.66 -29.37
CA SER I 207 18.21 5.04 -29.00
C SER I 207 19.39 5.71 -28.30
N ASP I 208 20.15 4.96 -27.50
CA ASP I 208 21.32 5.51 -26.83
C ASP I 208 22.39 5.94 -27.83
N LEU I 209 22.67 5.07 -28.82
CA LEU I 209 23.67 5.40 -29.84
C LEU I 209 23.25 6.59 -30.69
N GLN I 210 21.97 6.65 -31.09
CA GLN I 210 21.51 7.73 -31.94
C GLN I 210 21.50 9.07 -31.22
N THR I 211 21.16 9.08 -29.92
CA THR I 211 21.14 10.37 -29.24
C THR I 211 22.55 10.87 -28.91
N THR I 212 23.53 9.98 -28.75
CA THR I 212 24.91 10.45 -28.58
C THR I 212 25.44 11.08 -29.86
N LYS I 213 25.15 10.46 -31.02
CA LYS I 213 25.63 11.03 -32.28
C LYS I 213 24.94 12.35 -32.60
N LEU I 214 23.64 12.46 -32.29
CA LEU I 214 22.91 13.69 -32.56
C LEU I 214 23.41 14.86 -31.71
N GLN I 215 23.63 14.62 -30.41
CA GLN I 215 24.08 15.74 -29.60
C GLN I 215 25.56 16.06 -29.78
N ASN I 216 26.37 15.11 -30.30
CA ASN I 216 27.73 15.47 -30.71
C ASN I 216 27.71 16.43 -31.89
N GLN I 217 26.87 16.14 -32.89
CA GLN I 217 26.76 17.02 -34.05
C GLN I 217 26.15 18.37 -33.69
N ILE I 218 25.27 18.41 -32.69
CA ILE I 218 24.71 19.70 -32.26
C ILE I 218 25.76 20.50 -31.49
N SER I 219 26.40 19.87 -30.50
CA SER I 219 27.27 20.63 -29.60
C SER I 219 28.63 20.96 -30.20
N LYS I 220 28.97 20.45 -31.39
CA LYS I 220 30.26 20.84 -31.96
C LYS I 220 30.23 22.21 -32.62
N ILE I 221 29.05 22.78 -32.86
CA ILE I 221 28.95 24.06 -33.58
C ILE I 221 28.19 25.10 -32.76
N GLN I 222 28.36 25.06 -31.44
CA GLN I 222 27.58 25.92 -30.56
C GLN I 222 28.32 27.24 -30.27
N ASN I 223 27.59 28.14 -29.62
CA ASN I 223 28.01 29.52 -29.36
C ASN I 223 27.20 30.01 -28.17
N PHE I 224 27.13 31.33 -27.99
CA PHE I 224 26.29 32.02 -27.01
C PHE I 224 26.65 31.63 -25.57
N ARG I 225 27.83 32.11 -25.15
CA ARG I 225 28.25 31.93 -23.76
C ARG I 225 27.28 32.63 -22.80
N VAL I 226 27.19 32.09 -21.59
CA VAL I 226 26.22 32.56 -20.60
C VAL I 226 26.92 32.70 -19.26
N TYR I 227 26.80 33.87 -18.64
CA TYR I 227 27.26 34.10 -17.28
C TYR I 227 26.05 34.22 -16.36
N PHE I 228 26.05 33.45 -15.29
CA PHE I 228 24.90 33.31 -14.41
C PHE I 228 25.28 33.77 -13.01
N ARG I 229 24.26 33.99 -12.18
CA ARG I 229 24.43 34.43 -10.81
C ARG I 229 23.58 33.55 -9.90
N GLU I 230 24.22 32.72 -9.09
CA GLU I 230 23.52 31.77 -8.24
C GLU I 230 24.30 31.59 -6.95
N GLY I 231 23.80 30.73 -6.07
CA GLY I 231 24.40 30.45 -4.79
C GLY I 231 23.70 31.17 -3.66
N ARG I 232 24.14 30.85 -2.44
CA ARG I 232 23.63 31.53 -1.25
C ARG I 232 24.09 32.99 -1.23
N ASP I 233 25.32 33.24 -1.65
CA ASP I 233 25.85 34.59 -1.79
C ASP I 233 25.82 34.99 -3.26
N GLN I 234 25.57 36.27 -3.51
CA GLN I 234 25.40 36.77 -4.88
C GLN I 234 26.79 36.96 -5.50
N GLN I 235 27.35 35.86 -5.96
CA GLN I 235 28.66 35.83 -6.59
C GLN I 235 28.50 35.63 -8.10
N TRP I 236 29.63 35.54 -8.80
CA TRP I 236 29.65 35.33 -10.24
C TRP I 236 30.65 34.23 -10.57
N LYS I 237 30.22 33.29 -11.41
CA LYS I 237 31.05 32.15 -11.79
C LYS I 237 31.44 32.24 -13.26
N GLY I 238 32.26 31.27 -13.68
CA GLY I 238 32.95 31.35 -14.94
C GLY I 238 32.10 31.12 -16.17
N PRO I 239 32.75 30.90 -17.32
CA PRO I 239 32.01 30.74 -18.58
C PRO I 239 31.39 29.35 -18.67
N ALA I 240 30.08 29.32 -18.96
CA ALA I 240 29.34 28.08 -19.10
C ALA I 240 28.66 28.06 -20.47
N THR I 241 28.39 26.85 -20.95
CA THR I 241 27.83 26.67 -22.28
C THR I 241 26.30 26.64 -22.20
N LEU I 242 25.65 27.49 -22.99
CA LEU I 242 24.20 27.48 -23.10
C LEU I 242 23.77 26.27 -23.91
N ILE I 243 22.76 25.56 -23.42
CA ILE I 243 22.23 24.38 -24.09
C ILE I 243 20.85 24.65 -24.70
N TRP I 244 19.92 25.10 -23.87
CA TRP I 244 18.55 25.32 -24.34
C TRP I 244 17.97 26.54 -23.66
N LYS I 245 17.43 27.45 -24.46
CA LYS I 245 16.81 28.68 -23.99
C LYS I 245 15.30 28.53 -24.11
N GLY I 246 14.61 28.46 -22.98
CA GLY I 246 13.18 28.26 -22.96
C GLY I 246 12.45 29.38 -22.23
N GLU I 247 11.12 29.38 -22.37
CA GLU I 247 10.27 30.38 -21.75
C GLU I 247 10.13 30.04 -20.27
N GLY I 248 10.95 30.68 -19.45
CA GLY I 248 10.88 30.49 -18.02
C GLY I 248 12.22 30.17 -17.38
N ALA I 249 13.04 29.39 -18.06
CA ALA I 249 14.33 28.99 -17.52
C ALA I 249 15.29 28.67 -18.66
N VAL I 250 16.57 28.64 -18.34
CA VAL I 250 17.62 28.28 -19.28
C VAL I 250 18.40 27.10 -18.71
N VAL I 251 19.01 26.34 -19.60
CA VAL I 251 19.80 25.15 -19.25
C VAL I 251 21.25 25.45 -19.59
N ILE I 252 22.13 25.33 -18.59
CA ILE I 252 23.54 25.62 -18.79
C ILE I 252 24.36 24.39 -18.41
N GLN I 253 25.54 24.31 -19.01
CA GLN I 253 26.52 23.27 -18.70
C GLN I 253 27.78 23.94 -18.19
N ASP I 254 28.15 23.63 -16.94
CA ASP I 254 29.31 24.23 -16.29
C ASP I 254 30.06 23.15 -15.56
N GLY I 255 31.34 22.97 -15.91
CA GLY I 255 32.19 21.98 -15.27
C GLY I 255 31.72 20.55 -15.46
N GLN I 256 31.13 20.26 -16.62
CA GLN I 256 30.42 19.00 -16.91
C GLN I 256 29.32 18.72 -15.89
N ASP I 257 28.59 19.76 -15.51
CA ASP I 257 27.40 19.64 -14.69
C ASP I 257 26.26 20.41 -15.35
N LEU I 258 25.08 19.81 -15.38
CA LEU I 258 23.91 20.45 -15.98
C LEU I 258 23.14 21.18 -14.90
N LYS I 259 22.75 22.42 -15.18
CA LYS I 259 22.01 23.24 -14.23
C LYS I 259 20.85 23.91 -14.94
N VAL I 260 19.81 24.21 -14.17
CA VAL I 260 18.63 24.93 -14.65
C VAL I 260 18.56 26.24 -13.89
N VAL I 261 18.76 27.35 -14.61
CA VAL I 261 18.80 28.69 -14.02
C VAL I 261 17.55 29.43 -14.49
N PRO I 262 16.88 30.20 -13.63
CA PRO I 262 15.80 31.07 -14.12
C PRO I 262 16.33 32.19 -14.99
N ARG I 263 15.43 32.77 -15.78
CA ARG I 263 15.82 33.73 -16.81
C ARG I 263 16.22 35.08 -16.24
N ARG I 264 15.94 35.34 -14.96
CA ARG I 264 16.27 36.65 -14.39
C ARG I 264 17.72 36.73 -13.95
N LYS I 265 18.33 35.60 -13.57
CA LYS I 265 19.66 35.58 -12.98
C LYS I 265 20.73 35.09 -13.95
N CYS I 266 20.59 35.41 -15.24
CA CYS I 266 21.56 34.99 -16.23
C CYS I 266 21.67 36.06 -17.31
N LYS I 267 22.84 36.10 -17.95
CA LYS I 267 23.12 37.05 -19.02
C LYS I 267 23.83 36.33 -20.16
N ILE I 268 23.38 36.60 -21.38
CA ILE I 268 23.87 35.92 -22.57
C ILE I 268 24.83 36.84 -23.31
N ILE I 269 26.03 36.33 -23.60
CA ILE I 269 27.07 37.07 -24.30
C ILE I 269 27.46 36.26 -25.53
N LYS I 270 27.40 36.89 -26.70
CA LYS I 270 27.72 36.25 -27.96
C LYS I 270 29.23 36.04 -28.10
N GLY L 1 22.02 11.40 26.16
CA GLY L 1 20.77 11.98 26.62
C GLY L 1 20.98 13.23 27.45
N PHE L 2 19.89 13.79 27.98
CA PHE L 2 19.96 14.98 28.80
C PHE L 2 19.43 14.77 30.21
N LEU L 3 19.36 13.53 30.68
CA LEU L 3 18.90 13.29 32.05
C LEU L 3 19.94 13.74 33.08
N ASP L 4 21.23 13.51 32.79
CA ASP L 4 22.29 14.08 33.60
C ASP L 4 22.31 15.60 33.47
N GLY L 5 21.88 16.13 32.33
CA GLY L 5 21.69 17.57 32.20
C GLY L 5 20.61 18.10 33.11
N ILE L 6 19.55 17.33 33.34
CA ILE L 6 18.50 17.74 34.27
C ILE L 6 19.03 17.75 35.70
N GLU L 7 19.83 16.75 36.05
CA GLU L 7 20.44 16.71 37.40
C GLU L 7 21.39 17.88 37.62
N LYS L 8 22.25 18.17 36.65
CA LYS L 8 23.20 19.28 36.79
C LYS L 8 22.49 20.63 36.75
N ALA L 9 21.38 20.74 36.01
CA ALA L 9 20.62 21.99 36.01
C ALA L 9 19.94 22.23 37.35
N GLN L 10 19.49 21.16 38.02
CA GLN L 10 18.92 21.33 39.36
C GLN L 10 19.99 21.77 40.36
N GLU L 11 21.20 21.22 40.27
CA GLU L 11 22.28 21.66 41.15
C GLU L 11 22.69 23.11 40.86
N GLU L 12 22.72 23.49 39.58
CA GLU L 12 23.13 24.84 39.20
C GLU L 12 22.10 25.88 39.63
N HIS L 13 20.81 25.55 39.54
CA HIS L 13 19.80 26.47 40.06
C HIS L 13 19.79 26.49 41.58
N GLU L 14 20.19 25.38 42.21
CA GLU L 14 20.30 25.38 43.67
C GLU L 14 21.41 26.30 44.15
N LYS L 15 22.46 26.47 43.36
CA LYS L 15 23.54 27.37 43.75
C LYS L 15 23.28 28.81 43.33
N TYR L 16 23.08 29.06 42.03
CA TYR L 16 23.17 30.40 41.48
C TYR L 16 21.83 31.05 41.12
N HIS L 17 20.74 30.28 41.07
CA HIS L 17 19.39 30.75 40.74
C HIS L 17 19.34 31.40 39.36
N ASN L 18 19.57 30.58 38.33
CA ASN L 18 19.50 31.05 36.95
C ASN L 18 18.05 31.22 36.50
N ASN L 19 17.89 31.65 35.25
CA ASN L 19 16.59 31.62 34.61
C ASN L 19 16.49 30.39 33.71
N TRP L 20 15.35 30.25 33.02
CA TRP L 20 15.08 29.00 32.33
C TRP L 20 15.70 28.97 30.94
N ARG L 21 15.78 30.11 30.26
CA ARG L 21 16.34 30.13 28.91
C ARG L 21 17.85 29.93 28.94
N ALA L 22 18.51 30.41 29.99
CA ALA L 22 19.94 30.19 30.14
C ALA L 22 20.26 28.73 30.38
N MET L 23 19.50 28.05 31.24
CA MET L 23 19.73 26.64 31.50
C MET L 23 19.38 25.78 30.30
N ALA L 24 18.34 26.18 29.54
CA ALA L 24 17.95 25.43 28.36
C ALA L 24 19.00 25.55 27.25
N GLU L 25 19.68 26.69 27.17
CA GLU L 25 20.73 26.83 26.16
C GLU L 25 22.05 26.23 26.62
N ASP L 26 22.32 26.24 27.94
CA ASP L 26 23.61 25.74 28.41
C ASP L 26 23.63 24.22 28.51
N PHE L 27 22.60 23.61 29.11
CA PHE L 27 22.62 22.19 29.38
C PHE L 27 21.92 21.36 28.31
N GLN L 28 21.36 22.00 27.28
CA GLN L 28 20.70 21.36 26.14
C GLN L 28 19.54 20.47 26.57
N ILE L 29 18.74 20.98 27.51
CA ILE L 29 17.51 20.31 27.95
C ILE L 29 16.36 21.07 27.30
N PRO L 30 15.18 20.47 27.12
CA PRO L 30 14.06 21.22 26.53
C PRO L 30 13.53 22.29 27.47
N GLN L 31 12.62 23.10 26.92
CA GLN L 31 12.14 24.27 27.64
C GLN L 31 11.14 23.93 28.74
N VAL L 32 10.42 22.81 28.62
CA VAL L 32 9.40 22.47 29.61
C VAL L 32 10.04 22.07 30.93
N VAL L 33 11.11 21.27 30.87
CA VAL L 33 11.75 20.82 32.09
C VAL L 33 12.54 21.97 32.73
N ALA L 34 13.05 22.90 31.92
CA ALA L 34 13.75 24.06 32.46
C ALA L 34 12.78 25.01 33.16
N LYS L 35 11.61 25.23 32.57
CA LYS L 35 10.60 26.04 33.24
C LYS L 35 10.06 25.35 34.49
N GLU L 36 10.05 24.02 34.53
CA GLU L 36 9.62 23.33 35.74
C GLU L 36 10.66 23.43 36.85
N ILE L 37 11.95 23.42 36.48
CA ILE L 37 13.03 23.61 37.47
C ILE L 37 12.94 25.00 38.09
N VAL L 38 12.63 26.01 37.28
CA VAL L 38 12.44 27.35 37.83
C VAL L 38 11.16 27.42 38.67
N ALA L 39 10.12 26.69 38.25
CA ALA L 39 8.83 26.78 38.93
C ALA L 39 8.84 26.12 40.31
N GLN L 40 9.64 25.08 40.50
CA GLN L 40 9.66 24.40 41.79
C GLN L 40 10.55 25.07 42.82
N CYS L 41 11.14 26.21 42.51
CA CYS L 41 11.89 26.99 43.49
C CYS L 41 10.98 28.01 44.15
N PRO L 42 10.99 28.14 45.48
CA PRO L 42 10.05 29.06 46.13
C PRO L 42 10.43 30.52 46.01
N LYS L 43 11.70 30.84 45.74
CA LYS L 43 12.12 32.23 45.68
C LYS L 43 12.05 32.82 44.28
N CYS L 44 12.11 31.99 43.25
CA CYS L 44 12.16 32.48 41.87
C CYS L 44 10.78 32.45 41.23
N GLN L 45 10.62 33.30 40.22
CA GLN L 45 9.37 33.38 39.46
C GLN L 45 9.73 33.43 37.98
N VAL L 46 9.10 32.57 37.19
CA VAL L 46 9.43 32.45 35.77
C VAL L 46 8.86 33.64 35.02
N LYS L 47 9.71 34.35 34.30
CA LYS L 47 9.30 35.53 33.55
C LYS L 47 10.21 35.74 32.34
N ILE M 204 -48.49 -26.70 -26.57
CA ILE M 204 -47.44 -27.72 -26.56
C ILE M 204 -46.11 -27.10 -26.96
N ILE M 205 -46.13 -26.24 -27.98
CA ILE M 205 -44.90 -25.61 -28.45
C ILE M 205 -44.58 -24.38 -27.60
N ALA M 206 -45.59 -23.63 -27.19
CA ALA M 206 -45.36 -22.42 -26.40
C ALA M 206 -44.85 -22.75 -25.01
N SER M 207 -45.34 -23.82 -24.40
CA SER M 207 -44.82 -24.26 -23.11
C SER M 207 -43.40 -24.78 -23.23
N ASP M 208 -43.04 -25.37 -24.38
CA ASP M 208 -41.65 -25.76 -24.61
C ASP M 208 -40.75 -24.54 -24.75
N LEU M 209 -41.27 -23.45 -25.34
CA LEU M 209 -40.51 -22.21 -25.43
C LEU M 209 -40.27 -21.60 -24.05
N GLN M 210 -41.30 -21.61 -23.20
CA GLN M 210 -41.14 -21.07 -21.84
C GLN M 210 -40.19 -21.93 -21.01
N THR M 211 -40.25 -23.26 -21.21
CA THR M 211 -39.36 -24.16 -20.49
C THR M 211 -37.91 -23.98 -20.91
N THR M 212 -37.67 -23.77 -22.22
CA THR M 212 -36.30 -23.56 -22.69
C THR M 212 -35.76 -22.21 -22.26
N LYS M 213 -36.61 -21.18 -22.16
CA LYS M 213 -36.16 -19.87 -21.69
C LYS M 213 -35.79 -19.92 -20.21
N LEU M 214 -36.61 -20.59 -19.40
CA LEU M 214 -36.31 -20.70 -17.97
C LEU M 214 -35.09 -21.59 -17.73
N GLN M 215 -34.93 -22.66 -18.51
CA GLN M 215 -33.74 -23.49 -18.40
C GLN M 215 -32.48 -22.76 -18.84
N ASN M 216 -32.60 -21.86 -19.83
CA ASN M 216 -31.45 -21.07 -20.24
C ASN M 216 -31.03 -20.08 -19.16
N GLN M 217 -32.00 -19.48 -18.47
CA GLN M 217 -31.67 -18.57 -17.37
C GLN M 217 -31.04 -19.32 -16.19
N ILE M 218 -31.59 -20.48 -15.84
CA ILE M 218 -31.04 -21.28 -14.75
C ILE M 218 -29.64 -21.81 -15.10
N SER M 219 -29.42 -22.18 -16.35
CA SER M 219 -28.09 -22.63 -16.77
C SER M 219 -27.07 -21.51 -16.81
N LYS M 220 -27.50 -20.26 -17.08
CA LYS M 220 -26.56 -19.15 -17.08
C LYS M 220 -26.43 -18.48 -15.72
N ILE M 221 -27.12 -18.99 -14.68
CA ILE M 221 -26.89 -18.48 -13.33
C ILE M 221 -25.50 -18.87 -12.83
N GLN M 222 -25.22 -20.16 -12.74
CA GLN M 222 -24.11 -20.63 -11.90
C GLN M 222 -23.27 -21.70 -12.62
N ASN M 223 -22.83 -21.41 -13.83
CA ASN M 223 -21.91 -22.31 -14.55
C ASN M 223 -20.49 -21.75 -14.42
N PHE M 224 -19.84 -22.08 -13.31
CA PHE M 224 -18.49 -21.62 -13.00
C PHE M 224 -17.53 -22.80 -12.89
N ARG M 225 -16.24 -22.50 -13.05
CA ARG M 225 -15.17 -23.46 -12.78
C ARG M 225 -14.15 -22.84 -11.84
N VAL M 226 -13.52 -23.66 -11.01
CA VAL M 226 -12.59 -23.20 -9.98
C VAL M 226 -11.29 -23.97 -10.09
N TYR M 227 -10.18 -23.24 -10.20
CA TYR M 227 -8.84 -23.82 -10.10
C TYR M 227 -8.24 -23.40 -8.77
N PHE M 228 -7.99 -24.37 -7.89
CA PHE M 228 -7.62 -24.08 -6.51
C PHE M 228 -6.21 -24.57 -6.23
N ARG M 229 -5.69 -24.17 -5.08
CA ARG M 229 -4.37 -24.56 -4.63
C ARG M 229 -4.46 -24.97 -3.15
N GLU M 230 -4.14 -26.21 -2.85
CA GLU M 230 -4.31 -26.73 -1.51
C GLU M 230 -3.21 -27.75 -1.21
N GLY M 231 -3.16 -28.16 0.05
CA GLY M 231 -2.24 -29.20 0.49
C GLY M 231 -1.00 -28.62 1.13
N ARG M 232 -0.13 -29.53 1.56
CA ARG M 232 1.15 -29.12 2.13
C ARG M 232 2.07 -28.60 1.04
N ASP M 233 2.29 -29.40 0.01
CA ASP M 233 2.95 -28.94 -1.21
C ASP M 233 1.90 -28.26 -2.08
N GLN M 234 1.87 -26.93 -2.04
CA GLN M 234 0.76 -26.15 -2.58
C GLN M 234 0.85 -26.13 -4.10
N GLN M 235 0.28 -27.15 -4.73
CA GLN M 235 0.22 -27.25 -6.18
C GLN M 235 -1.17 -26.90 -6.69
N TRP M 236 -1.24 -26.45 -7.93
CA TRP M 236 -2.51 -26.08 -8.53
C TRP M 236 -3.17 -27.32 -9.14
N LYS M 237 -4.44 -27.51 -8.86
CA LYS M 237 -5.19 -28.69 -9.27
C LYS M 237 -6.28 -28.32 -10.27
N GLY M 238 -6.97 -29.36 -10.74
CA GLY M 238 -7.87 -29.24 -11.86
C GLY M 238 -9.17 -28.52 -11.57
N PRO M 239 -10.11 -28.57 -12.51
CA PRO M 239 -11.37 -27.86 -12.34
C PRO M 239 -12.27 -28.52 -11.30
N ALA M 240 -13.19 -27.71 -10.78
CA ALA M 240 -14.18 -28.17 -9.82
C ALA M 240 -15.45 -27.37 -10.04
N THR M 241 -16.42 -27.56 -9.15
CA THR M 241 -17.68 -26.83 -9.24
C THR M 241 -17.89 -26.00 -7.98
N LEU M 242 -18.21 -24.72 -8.19
CA LEU M 242 -18.42 -23.80 -7.07
C LEU M 242 -19.80 -24.01 -6.48
N ILE M 243 -19.88 -24.10 -5.15
CA ILE M 243 -21.15 -24.28 -4.44
C ILE M 243 -21.54 -23.02 -3.68
N TRP M 244 -20.68 -22.56 -2.79
CA TRP M 244 -20.95 -21.39 -1.96
C TRP M 244 -19.78 -20.43 -2.05
N LYS M 245 -20.07 -19.15 -2.18
CA LYS M 245 -19.05 -18.12 -2.29
C LYS M 245 -19.31 -17.05 -1.24
N GLY M 246 -18.56 -17.10 -0.14
CA GLY M 246 -18.59 -16.06 0.86
C GLY M 246 -17.37 -15.16 0.75
N GLU M 247 -17.43 -14.03 1.43
CA GLU M 247 -16.32 -13.10 1.44
C GLU M 247 -15.19 -13.65 2.30
N GLY M 248 -14.16 -14.19 1.64
CA GLY M 248 -13.01 -14.75 2.32
C GLY M 248 -12.69 -16.18 1.91
N ALA M 249 -13.71 -17.02 1.73
CA ALA M 249 -13.49 -18.41 1.37
C ALA M 249 -14.61 -18.90 0.48
N VAL M 250 -14.33 -20.00 -0.23
CA VAL M 250 -15.28 -20.64 -1.14
C VAL M 250 -15.34 -22.13 -0.82
N VAL M 251 -16.49 -22.72 -1.11
CA VAL M 251 -16.71 -24.16 -0.95
C VAL M 251 -16.85 -24.76 -2.34
N ILE M 252 -15.99 -25.74 -2.64
CA ILE M 252 -15.95 -26.35 -3.96
C ILE M 252 -16.23 -27.84 -3.84
N GLN M 253 -16.89 -28.37 -4.87
CA GLN M 253 -17.14 -29.79 -5.02
C GLN M 253 -16.18 -30.33 -6.06
N ASP M 254 -15.38 -31.32 -5.67
CA ASP M 254 -14.39 -31.93 -6.54
C ASP M 254 -14.30 -33.41 -6.23
N GLY M 255 -14.68 -34.25 -7.20
CA GLY M 255 -14.64 -35.70 -7.02
C GLY M 255 -15.54 -36.21 -5.92
N GLN M 256 -16.71 -35.58 -5.76
CA GLN M 256 -17.66 -35.81 -4.66
C GLN M 256 -17.00 -35.57 -3.29
N ASP M 257 -16.05 -34.64 -3.25
CA ASP M 257 -15.45 -34.20 -2.00
C ASP M 257 -15.70 -32.71 -1.86
N LEU M 258 -16.13 -32.28 -0.68
CA LEU M 258 -16.33 -30.87 -0.39
C LEU M 258 -15.08 -30.31 0.27
N LYS M 259 -14.55 -29.22 -0.31
CA LYS M 259 -13.37 -28.59 0.24
C LYS M 259 -13.63 -27.10 0.43
N VAL M 260 -12.96 -26.52 1.42
CA VAL M 260 -13.03 -25.09 1.70
C VAL M 260 -11.68 -24.49 1.39
N VAL M 261 -11.63 -23.61 0.39
CA VAL M 261 -10.40 -22.95 -0.01
C VAL M 261 -10.58 -21.46 0.21
N PRO M 262 -9.59 -20.72 0.69
CA PRO M 262 -9.71 -19.26 0.71
C PRO M 262 -9.67 -18.70 -0.71
N ARG M 263 -10.25 -17.50 -0.86
CA ARG M 263 -10.31 -16.86 -2.17
C ARG M 263 -8.96 -16.38 -2.66
N ARG M 264 -7.98 -16.28 -1.76
CA ARG M 264 -6.62 -15.91 -2.11
C ARG M 264 -5.84 -17.06 -2.75
N LYS M 265 -6.38 -18.28 -2.73
CA LYS M 265 -5.72 -19.45 -3.28
C LYS M 265 -6.59 -20.17 -4.30
N CYS M 266 -7.44 -19.42 -5.01
CA CYS M 266 -8.30 -20.02 -6.02
C CYS M 266 -8.60 -19.00 -7.10
N LYS M 267 -8.95 -19.50 -8.28
CA LYS M 267 -9.31 -18.67 -9.42
C LYS M 267 -10.61 -19.18 -10.01
N ILE M 268 -11.59 -18.29 -10.12
CA ILE M 268 -12.94 -18.65 -10.55
C ILE M 268 -13.14 -18.13 -11.97
N ILE M 269 -13.34 -19.05 -12.90
CA ILE M 269 -13.58 -18.71 -14.30
C ILE M 269 -15.08 -18.77 -14.55
N LYS M 270 -15.63 -17.68 -15.06
CA LYS M 270 -17.04 -17.56 -15.39
C LYS M 270 -17.25 -17.95 -16.85
N ASP M 271 -18.43 -17.65 -17.38
CA ASP M 271 -18.72 -17.83 -18.80
C ASP M 271 -19.14 -16.48 -19.38
N TYR M 272 -18.95 -16.32 -20.68
CA TYR M 272 -19.27 -15.07 -21.35
C TYR M 272 -20.79 -14.90 -21.49
N SER N 58 -53.23 12.54 40.18
CA SER N 58 -51.77 12.64 40.30
C SER N 58 -51.21 11.49 41.12
N PRO N 59 -50.08 10.92 40.69
CA PRO N 59 -49.54 9.72 41.33
C PRO N 59 -48.71 9.98 42.58
N LYS N 60 -48.59 11.22 43.06
CA LYS N 60 -47.77 11.49 44.23
C LYS N 60 -48.43 12.48 45.18
N THR N 61 -49.75 12.45 45.27
CA THR N 61 -50.50 13.36 46.13
C THR N 61 -51.04 12.59 47.33
N TRP N 62 -50.77 13.10 48.52
CA TRP N 62 -51.27 12.51 49.76
C TRP N 62 -52.13 13.51 50.51
N GLN N 63 -53.06 13.00 51.31
CA GLN N 63 -53.90 13.83 52.16
C GLN N 63 -53.77 13.36 53.60
N MET N 64 -53.83 14.30 54.54
CA MET N 64 -53.70 13.95 55.95
C MET N 64 -54.86 14.51 56.77
N ASP N 65 -55.20 13.80 57.84
CA ASP N 65 -56.22 14.26 58.79
C ASP N 65 -55.97 13.60 60.13
N CYS N 66 -56.64 14.12 61.16
CA CYS N 66 -56.58 13.56 62.51
C CYS N 66 -58.00 13.38 63.03
N THR N 67 -58.17 12.39 63.89
CA THR N 67 -59.48 12.06 64.46
C THR N 67 -59.30 11.59 65.90
N HIS N 68 -60.44 11.42 66.57
CA HIS N 68 -60.47 10.94 67.95
C HIS N 68 -61.17 9.60 68.00
N LEU N 69 -60.64 8.69 68.82
CA LEU N 69 -61.23 7.36 68.97
C LEU N 69 -60.92 6.83 70.35
N GLU N 70 -61.97 6.66 71.17
CA GLU N 70 -61.88 6.21 72.57
C GLU N 70 -60.97 7.11 73.40
N GLY N 71 -61.07 8.42 73.17
CA GLY N 71 -60.27 9.37 73.90
C GLY N 71 -58.83 9.50 73.44
N LYS N 72 -58.46 8.85 72.34
CA LYS N 72 -57.11 8.91 71.80
C LYS N 72 -57.08 9.86 70.61
N VAL N 73 -55.91 9.97 69.99
CA VAL N 73 -55.71 10.77 68.80
C VAL N 73 -55.10 9.88 67.73
N ILE N 74 -55.84 9.67 66.64
CA ILE N 74 -55.36 8.88 65.52
C ILE N 74 -55.06 9.82 64.37
N ILE N 75 -53.92 9.61 63.70
CA ILE N 75 -53.56 10.39 62.53
C ILE N 75 -53.56 9.47 61.32
N VAL N 76 -54.23 9.90 60.26
CA VAL N 76 -54.47 9.08 59.08
C VAL N 76 -53.98 9.82 57.85
N ALA N 77 -53.05 9.21 57.12
CA ALA N 77 -52.59 9.69 55.84
C ALA N 77 -53.07 8.74 54.74
N VAL N 78 -53.55 9.30 53.63
CA VAL N 78 -54.17 8.52 52.58
C VAL N 78 -53.61 8.92 51.23
N HIS N 79 -53.13 7.94 50.48
CA HIS N 79 -52.81 8.12 49.06
C HIS N 79 -54.10 8.04 48.27
N VAL N 80 -54.36 9.08 47.49
CA VAL N 80 -55.70 9.34 46.93
C VAL N 80 -55.99 8.42 45.75
N ALA N 81 -55.04 8.29 44.83
CA ALA N 81 -55.29 7.59 43.57
C ALA N 81 -55.43 6.09 43.72
N SER N 82 -55.09 5.53 44.89
CA SER N 82 -55.25 4.11 45.14
C SER N 82 -56.02 3.81 46.42
N GLY N 83 -56.26 4.80 47.27
CA GLY N 83 -56.90 4.55 48.54
C GLY N 83 -56.01 3.86 49.54
N TYR N 84 -54.71 4.16 49.53
CA TYR N 84 -53.75 3.49 50.40
C TYR N 84 -53.69 4.22 51.73
N ILE N 85 -53.64 3.48 52.83
CA ILE N 85 -53.83 4.02 54.16
C ILE N 85 -52.58 3.77 55.00
N GLU N 86 -52.05 4.84 55.61
CA GLU N 86 -51.11 4.74 56.71
C GLU N 86 -51.72 5.44 57.91
N ALA N 87 -51.53 4.86 59.09
CA ALA N 87 -52.18 5.39 60.29
C ALA N 87 -51.30 5.19 61.50
N GLU N 88 -51.39 6.10 62.46
CA GLU N 88 -50.65 6.01 63.71
C GLU N 88 -51.47 6.59 64.84
N VAL N 89 -51.04 6.30 66.06
CA VAL N 89 -51.69 6.76 67.28
C VAL N 89 -50.77 7.79 67.95
N LEU N 90 -51.25 9.02 68.04
CA LEU N 90 -50.41 10.03 68.66
C LEU N 90 -50.76 10.18 70.14
N PRO N 91 -49.76 10.47 70.98
CA PRO N 91 -50.07 10.77 72.40
C PRO N 91 -50.51 12.20 72.63
N ALA N 92 -50.44 13.07 71.63
CA ALA N 92 -50.85 14.46 71.77
C ALA N 92 -51.28 14.99 70.42
N GLU N 93 -51.51 16.29 70.35
CA GLU N 93 -51.85 16.98 69.10
C GLU N 93 -50.92 18.16 68.83
N THR N 94 -49.68 18.08 69.29
CA THR N 94 -48.74 19.17 69.09
C THR N 94 -48.13 19.10 67.70
N GLY N 95 -47.33 20.11 67.37
CA GLY N 95 -46.70 20.17 66.05
C GLY N 95 -45.52 19.24 65.89
N LYS N 96 -44.89 18.84 66.99
CA LYS N 96 -43.69 18.01 66.89
C LYS N 96 -44.02 16.59 66.47
N GLU N 97 -45.07 16.01 67.04
CA GLU N 97 -45.48 14.66 66.65
C GLU N 97 -46.05 14.62 65.25
N THR N 98 -46.72 15.71 64.83
CA THR N 98 -47.19 15.80 63.45
C THR N 98 -46.04 15.89 62.47
N ALA N 99 -45.01 16.67 62.82
CA ALA N 99 -43.82 16.75 61.97
C ALA N 99 -43.04 15.45 61.93
N HIS N 100 -43.04 14.70 63.04
CA HIS N 100 -42.35 13.42 63.06
C HIS N 100 -43.09 12.37 62.21
N PHE N 101 -44.42 12.37 62.26
CA PHE N 101 -45.18 11.46 61.42
C PHE N 101 -45.06 11.81 59.94
N LEU N 102 -45.02 13.11 59.64
CA LEU N 102 -44.83 13.53 58.25
C LEU N 102 -43.43 13.18 57.75
N LEU N 103 -42.44 13.23 58.64
CA LEU N 103 -41.08 12.85 58.24
C LEU N 103 -40.98 11.36 57.98
N LYS N 104 -41.62 10.53 58.81
CA LYS N 104 -41.61 9.09 58.58
C LYS N 104 -42.36 8.71 57.31
N LEU N 105 -43.46 9.41 57.03
CA LEU N 105 -44.21 9.16 55.80
C LEU N 105 -43.41 9.56 54.56
N ALA N 106 -42.73 10.71 54.61
CA ALA N 106 -41.92 11.12 53.48
C ALA N 106 -40.64 10.29 53.33
N ALA N 107 -40.19 9.64 54.40
CA ALA N 107 -39.02 8.78 54.30
C ALA N 107 -39.37 7.40 53.77
N ARG N 108 -40.60 6.94 53.99
CA ARG N 108 -40.99 5.62 53.49
C ARG N 108 -41.41 5.65 52.01
N TRP N 109 -42.31 6.56 51.65
CA TRP N 109 -42.86 6.66 50.30
C TRP N 109 -42.52 8.02 49.70
N PRO N 110 -42.42 8.12 48.35
CA PRO N 110 -42.17 9.42 47.74
C PRO N 110 -43.38 10.35 47.78
N VAL N 111 -43.33 11.34 48.66
CA VAL N 111 -44.39 12.33 48.82
C VAL N 111 -43.92 13.63 48.22
N LYS N 112 -44.76 14.24 47.39
CA LYS N 112 -44.39 15.50 46.76
C LYS N 112 -45.43 16.58 47.02
N HIS N 113 -46.69 16.19 47.13
CA HIS N 113 -47.79 17.14 47.28
C HIS N 113 -48.69 16.71 48.42
N LEU N 114 -48.66 17.47 49.51
CA LEU N 114 -49.45 17.18 50.70
C LEU N 114 -50.65 18.12 50.76
N HIS N 115 -51.83 17.54 51.04
CA HIS N 115 -53.06 18.29 51.16
C HIS N 115 -53.62 18.11 52.57
N THR N 116 -53.85 19.23 53.25
CA THR N 116 -54.44 19.23 54.58
C THR N 116 -55.52 20.29 54.66
N ASP N 117 -56.12 20.42 55.84
CA ASP N 117 -57.11 21.44 56.10
C ASP N 117 -56.48 22.58 56.91
N ASN N 118 -57.32 23.53 57.33
CA ASN N 118 -56.87 24.64 58.16
C ASN N 118 -57.03 24.26 59.62
N GLY N 119 -56.09 23.45 60.10
CA GLY N 119 -56.10 22.96 61.46
C GLY N 119 -55.20 23.79 62.38
N ASP N 120 -54.92 23.20 63.55
CA ASP N 120 -54.08 23.85 64.53
C ASP N 120 -52.62 23.43 64.45
N ASN N 121 -52.35 22.12 64.42
CA ASN N 121 -50.99 21.62 64.34
C ASN N 121 -50.48 21.54 62.90
N PHE N 122 -51.37 21.61 61.92
CA PHE N 122 -50.97 21.54 60.52
C PHE N 122 -50.48 22.87 59.98
N THR N 123 -50.57 23.94 60.76
CA THR N 123 -50.02 25.26 60.42
C THR N 123 -49.03 25.63 61.51
N SER N 124 -47.79 25.17 61.36
CA SER N 124 -46.80 25.40 62.40
C SER N 124 -45.40 25.37 61.82
N SER N 125 -44.44 25.82 62.64
CA SER N 125 -43.06 25.94 62.21
C SER N 125 -42.40 24.58 62.00
N ALA N 126 -42.81 23.57 62.78
CA ALA N 126 -42.20 22.24 62.65
C ALA N 126 -42.62 21.57 61.34
N VAL N 127 -43.91 21.63 61.01
CA VAL N 127 -44.40 21.07 59.75
C VAL N 127 -43.85 21.86 58.57
N GLN N 128 -43.70 23.18 58.73
CA GLN N 128 -43.13 24.00 57.65
C GLN N 128 -41.65 23.67 57.43
N ALA N 129 -40.90 23.41 58.51
CA ALA N 129 -39.49 23.09 58.38
C ALA N 129 -39.28 21.70 57.78
N VAL N 130 -40.12 20.73 58.16
CA VAL N 130 -40.02 19.39 57.61
C VAL N 130 -40.38 19.38 56.14
N CYS N 131 -41.41 20.15 55.76
CA CYS N 131 -41.77 20.27 54.34
C CYS N 131 -40.70 20.99 53.54
N TRP N 132 -39.99 21.94 54.15
CA TRP N 132 -38.87 22.58 53.47
C TRP N 132 -37.70 21.63 53.26
N TRP N 133 -37.38 20.83 54.29
CA TRP N 133 -36.22 19.96 54.19
C TRP N 133 -36.47 18.76 53.29
N ALA N 134 -37.73 18.33 53.17
CA ALA N 134 -38.07 17.20 52.31
C ALA N 134 -38.64 17.62 50.97
N GLN N 135 -38.75 18.94 50.71
CA GLN N 135 -39.17 19.52 49.43
C GLN N 135 -40.57 19.08 49.04
N ILE N 136 -41.50 19.20 49.99
CA ILE N 136 -42.90 18.85 49.79
C ILE N 136 -43.71 20.13 49.62
N GLU N 137 -44.59 20.14 48.64
CA GLU N 137 -45.48 21.26 48.38
C GLU N 137 -46.74 21.10 49.21
N HIS N 138 -47.03 22.08 50.06
CA HIS N 138 -48.11 22.00 51.02
C HIS N 138 -49.29 22.84 50.55
N THR N 139 -50.50 22.27 50.61
CA THR N 139 -51.71 22.98 50.24
C THR N 139 -52.76 22.82 51.34
N PHE N 140 -53.51 23.89 51.57
CA PHE N 140 -54.61 23.90 52.51
C PHE N 140 -55.93 23.97 51.77
N GLY N 141 -56.92 23.24 52.26
CA GLY N 141 -58.24 23.24 51.65
C GLY N 141 -59.18 24.25 52.29
N VAL N 151 -62.91 12.32 51.22
CA VAL N 151 -62.13 11.10 50.99
C VAL N 151 -61.60 10.56 52.31
N VAL N 152 -60.95 11.45 53.07
CA VAL N 152 -60.32 11.02 54.31
C VAL N 152 -61.37 10.72 55.39
N GLU N 153 -62.51 11.42 55.35
CA GLU N 153 -63.58 11.12 56.28
C GLU N 153 -64.24 9.77 55.97
N SER N 154 -64.36 9.43 54.69
CA SER N 154 -64.86 8.11 54.30
C SER N 154 -63.89 7.01 54.72
N MET N 155 -62.58 7.26 54.55
CA MET N 155 -61.58 6.29 54.99
C MET N 155 -61.53 6.19 56.51
N ASN N 156 -61.85 7.29 57.21
CA ASN N 156 -61.88 7.25 58.67
C ASN N 156 -63.06 6.43 59.17
N HIS N 157 -64.22 6.56 58.51
CA HIS N 157 -65.38 5.74 58.88
C HIS N 157 -65.14 4.27 58.55
N GLN N 158 -64.45 4.00 57.44
CA GLN N 158 -64.10 2.63 57.08
C GLN N 158 -63.14 2.01 58.10
N LEU N 159 -62.14 2.78 58.54
CA LEU N 159 -61.19 2.28 59.52
C LEU N 159 -61.84 2.06 60.88
N LYS N 160 -62.80 2.92 61.25
CA LYS N 160 -63.53 2.73 62.50
C LYS N 160 -64.39 1.48 62.47
N THR N 161 -65.00 1.18 61.31
CA THR N 161 -65.81 -0.03 61.21
C THR N 161 -64.97 -1.29 61.29
N ILE N 162 -63.79 -1.28 60.65
CA ILE N 162 -62.91 -2.45 60.72
C ILE N 162 -62.37 -2.63 62.14
N ILE N 163 -62.07 -1.51 62.84
CA ILE N 163 -61.60 -1.57 64.21
C ILE N 163 -62.67 -2.15 65.13
N THR N 164 -63.93 -1.75 64.94
CA THR N 164 -65.01 -2.34 65.73
C THR N 164 -65.30 -3.78 65.33
N GLN N 165 -64.88 -4.22 64.15
CA GLN N 165 -65.09 -5.62 63.77
C GLN N 165 -64.06 -6.55 64.42
N ILE N 166 -62.81 -6.11 64.54
CA ILE N 166 -61.80 -7.01 65.10
C ILE N 166 -61.33 -6.51 66.47
N ARG N 167 -62.22 -5.86 67.21
CA ARG N 167 -61.84 -5.26 68.49
C ARG N 167 -61.58 -6.33 69.55
N ASP N 168 -62.30 -7.45 69.50
CA ASP N 168 -62.20 -8.48 70.53
C ASP N 168 -61.04 -9.45 70.29
N GLN N 169 -60.08 -9.09 69.44
CA GLN N 169 -58.88 -9.88 69.25
C GLN N 169 -57.62 -9.20 69.78
N ALA N 170 -57.70 -7.94 70.20
CA ALA N 170 -56.55 -7.19 70.66
C ALA N 170 -56.84 -6.57 72.02
N GLU N 171 -55.79 -6.45 72.83
CA GLU N 171 -55.92 -5.83 74.14
C GLU N 171 -55.94 -4.32 74.02
N LYS N 172 -54.88 -3.75 73.47
CA LYS N 172 -54.73 -2.31 73.37
C LYS N 172 -55.28 -1.79 72.05
N ILE N 173 -55.44 -0.47 71.97
CA ILE N 173 -55.99 0.14 70.77
C ILE N 173 -54.96 0.21 69.64
N GLU N 174 -53.67 0.13 69.96
CA GLU N 174 -52.62 0.28 68.95
C GLU N 174 -52.54 -0.95 68.05
N THR N 175 -52.65 -2.14 68.66
CA THR N 175 -52.70 -3.38 67.89
C THR N 175 -53.94 -3.43 67.01
N ALA N 176 -55.06 -2.90 67.50
CA ALA N 176 -56.28 -2.84 66.70
C ALA N 176 -56.13 -1.91 65.51
N VAL N 177 -55.44 -0.79 65.70
CA VAL N 177 -55.22 0.16 64.60
C VAL N 177 -54.32 -0.45 63.53
N GLN N 178 -53.24 -1.11 63.94
CA GLN N 178 -52.31 -1.68 62.96
C GLN N 178 -52.91 -2.89 62.24
N MET N 179 -53.70 -3.71 62.94
CA MET N 179 -54.34 -4.83 62.28
C MET N 179 -55.45 -4.37 61.34
N ALA N 180 -56.15 -3.29 61.68
CA ALA N 180 -57.12 -2.74 60.76
C ALA N 180 -56.47 -2.13 59.53
N VAL N 181 -55.28 -1.56 59.68
CA VAL N 181 -54.53 -1.05 58.53
C VAL N 181 -54.11 -2.19 57.61
N LEU N 182 -53.66 -3.31 58.19
CA LEU N 182 -53.29 -4.48 57.38
C LEU N 182 -54.49 -5.07 56.67
N ILE N 183 -55.65 -5.12 57.34
CA ILE N 183 -56.86 -5.67 56.73
C ILE N 183 -57.33 -4.78 55.58
N HIS N 184 -57.35 -3.47 55.79
CA HIS N 184 -57.79 -2.54 54.74
C HIS N 184 -56.82 -2.51 53.56
N ASN N 185 -55.52 -2.70 53.81
CA ASN N 185 -54.56 -2.58 52.73
C ASN N 185 -54.40 -3.85 51.91
N PHE N 186 -54.57 -5.03 52.50
CA PHE N 186 -54.28 -6.25 51.77
C PHE N 186 -55.39 -7.30 51.79
N LYS N 187 -56.48 -7.07 52.52
CA LYS N 187 -57.54 -8.06 52.60
C LYS N 187 -58.91 -7.54 52.15
N ARG N 188 -58.97 -6.45 51.40
CA ARG N 188 -60.23 -5.89 50.91
C ARG N 188 -60.07 -5.64 49.42
N LYS N 189 -60.42 -6.64 48.62
CA LYS N 189 -60.33 -6.53 47.17
C LYS N 189 -61.66 -6.12 46.57
N GLY N 190 -61.65 -5.06 45.79
CA GLY N 190 -62.84 -4.57 45.11
C GLY N 190 -62.44 -3.89 43.82
N GLY N 191 -63.17 -2.83 43.48
CA GLY N 191 -62.81 -2.05 42.31
C GLY N 191 -63.22 -2.71 41.01
N ILE N 192 -62.48 -2.36 39.95
CA ILE N 192 -62.80 -2.80 38.59
C ILE N 192 -62.13 -4.13 38.29
N GLY N 193 -60.79 -4.14 38.32
CA GLY N 193 -60.06 -5.35 37.99
C GLY N 193 -60.04 -6.39 39.09
N GLY N 194 -60.27 -5.98 40.33
CA GLY N 194 -60.20 -6.89 41.45
C GLY N 194 -58.85 -6.85 42.14
N TYR N 195 -58.36 -5.66 42.41
CA TYR N 195 -57.09 -5.44 43.09
C TYR N 195 -57.33 -4.78 44.43
N SER N 196 -56.40 -4.99 45.36
CA SER N 196 -56.44 -4.30 46.64
C SER N 196 -55.75 -2.94 46.50
N ALA N 197 -55.49 -2.27 47.62
CA ALA N 197 -54.89 -0.94 47.55
C ALA N 197 -53.39 -1.01 47.30
N GLY N 198 -52.72 -2.02 47.84
CA GLY N 198 -51.26 -2.12 47.70
C GLY N 198 -50.84 -2.42 46.28
N GLU N 199 -51.58 -3.29 45.59
CA GLU N 199 -51.28 -3.58 44.20
C GLU N 199 -51.52 -2.38 43.31
N ARG N 200 -52.52 -1.57 43.65
CA ARG N 200 -52.82 -0.39 42.85
C ARG N 200 -51.77 0.71 43.03
N ILE N 201 -51.30 0.93 44.26
CA ILE N 201 -50.30 1.97 44.46
C ILE N 201 -48.95 1.55 43.86
N ILE N 202 -48.63 0.25 43.92
CA ILE N 202 -47.38 -0.23 43.32
C ILE N 202 -47.44 -0.13 41.80
N ASP N 203 -48.60 -0.43 41.21
CA ASP N 203 -48.74 -0.36 39.75
C ASP N 203 -48.67 1.08 39.24
N ILE N 204 -49.29 2.02 39.97
CA ILE N 204 -49.31 3.42 39.54
C ILE N 204 -47.91 4.02 39.60
N ILE N 205 -47.21 3.80 40.72
CA ILE N 205 -45.86 4.37 40.87
C ILE N 205 -44.88 3.73 39.89
N ALA N 206 -45.03 2.42 39.62
CA ALA N 206 -44.14 1.76 38.67
C ALA N 206 -44.34 2.27 37.25
N SER N 207 -45.58 2.58 36.86
CA SER N 207 -45.84 3.11 35.53
C SER N 207 -45.21 4.49 35.34
N ASP N 208 -45.37 5.38 36.33
CA ASP N 208 -44.82 6.74 36.20
C ASP N 208 -43.28 6.73 36.19
N LEU N 209 -42.67 5.90 37.04
CA LEU N 209 -41.22 5.82 37.08
C LEU N 209 -40.67 5.20 35.79
N GLN N 210 -41.40 4.25 35.20
CA GLN N 210 -40.97 3.66 33.94
C GLN N 210 -40.94 4.69 32.82
N THR N 211 -41.92 5.60 32.80
CA THR N 211 -41.97 6.63 31.76
C THR N 211 -40.78 7.58 31.84
N THR N 212 -40.53 8.14 33.04
CA THR N 212 -39.45 9.11 33.19
C THR N 212 -38.07 8.49 32.98
N LYS N 213 -37.86 7.28 33.52
CA LYS N 213 -36.55 6.65 33.36
C LYS N 213 -36.33 6.14 31.94
N LEU N 214 -37.39 5.86 31.17
CA LEU N 214 -37.21 5.54 29.75
C LEU N 214 -36.65 6.74 28.99
N GLN N 215 -37.20 7.93 29.27
CA GLN N 215 -36.74 9.13 28.59
C GLN N 215 -35.28 9.46 28.92
N ASN N 216 -34.81 9.08 30.12
CA ASN N 216 -33.38 9.27 30.40
C ASN N 216 -32.50 8.16 29.83
N GLN N 217 -33.00 6.91 29.82
CA GLN N 217 -32.15 5.78 29.45
C GLN N 217 -31.87 5.73 27.95
N ILE N 218 -32.67 6.41 27.13
CA ILE N 218 -32.36 6.49 25.71
C ILE N 218 -31.04 7.22 25.46
N SER N 219 -30.84 8.37 26.10
CA SER N 219 -29.58 9.10 26.00
C SER N 219 -28.43 8.33 26.66
N LYS N 220 -28.75 7.60 27.74
CA LYS N 220 -27.75 6.76 28.40
C LYS N 220 -27.21 5.69 27.47
N ILE N 221 -28.08 5.07 26.66
CA ILE N 221 -27.58 4.06 25.73
C ILE N 221 -26.95 4.68 24.49
N GLN N 222 -27.23 5.96 24.20
CA GLN N 222 -26.57 6.62 23.08
C GLN N 222 -25.25 7.27 23.46
N ASN N 223 -24.81 7.12 24.70
CA ASN N 223 -23.52 7.65 25.13
C ASN N 223 -22.35 6.69 24.97
N PHE N 224 -22.46 5.66 24.11
CA PHE N 224 -21.37 4.71 23.89
C PHE N 224 -20.66 5.02 22.59
N ARG N 225 -19.49 4.38 22.40
CA ARG N 225 -18.66 4.61 21.23
C ARG N 225 -18.34 3.28 20.54
N VAL N 226 -18.42 3.28 19.21
CA VAL N 226 -18.28 2.07 18.39
C VAL N 226 -17.16 2.28 17.38
N TYR N 227 -16.22 1.34 17.33
CA TYR N 227 -15.20 1.28 16.30
C TYR N 227 -15.56 0.15 15.34
N PHE N 228 -15.78 0.48 14.08
CA PHE N 228 -16.29 -0.49 13.12
C PHE N 228 -15.33 -0.67 11.95
N ARG N 229 -15.65 -1.65 11.10
CA ARG N 229 -14.84 -1.94 9.93
C ARG N 229 -15.74 -2.04 8.70
N GLU N 230 -15.29 -1.46 7.60
CA GLU N 230 -16.01 -1.50 6.33
C GLU N 230 -15.49 -2.64 5.47
N GLY N 231 -15.95 -2.68 4.22
CA GLY N 231 -15.56 -3.75 3.31
C GLY N 231 -14.26 -3.51 2.57
N ARG N 232 -13.36 -4.49 2.63
CA ARG N 232 -12.05 -4.50 1.98
C ARG N 232 -11.19 -3.30 2.36
N ASP N 233 -11.09 -3.04 3.66
CA ASP N 233 -10.16 -2.06 4.21
C ASP N 233 -9.75 -2.54 5.58
N GLN N 234 -8.45 -2.48 5.88
CA GLN N 234 -7.91 -3.09 7.09
C GLN N 234 -7.58 -2.07 8.17
N GLN N 235 -8.35 -0.99 8.27
CA GLN N 235 -8.17 -0.01 9.34
C GLN N 235 -9.51 0.20 10.04
N TRP N 236 -9.46 0.40 11.36
CA TRP N 236 -10.66 0.56 12.15
C TRP N 236 -11.12 2.01 12.09
N LYS N 237 -12.38 2.22 11.71
CA LYS N 237 -12.90 3.56 11.52
C LYS N 237 -13.20 4.24 12.85
N GLY N 238 -13.60 5.51 12.76
CA GLY N 238 -13.65 6.36 13.92
C GLY N 238 -14.83 6.07 14.82
N PRO N 239 -14.89 6.78 15.95
CA PRO N 239 -15.90 6.47 16.97
C PRO N 239 -17.31 6.95 16.62
N ALA N 240 -18.05 6.14 15.88
CA ALA N 240 -19.45 6.43 15.63
C ALA N 240 -20.28 6.21 16.89
N THR N 241 -21.53 6.68 16.87
CA THR N 241 -22.39 6.60 18.04
C THR N 241 -23.34 5.43 17.92
N LEU N 242 -23.47 4.67 19.00
CA LEU N 242 -24.36 3.51 19.03
C LEU N 242 -25.81 3.96 19.13
N ILE N 243 -26.69 3.28 18.40
CA ILE N 243 -28.13 3.50 18.49
C ILE N 243 -28.84 2.27 19.08
N TRP N 244 -28.61 1.11 18.49
CA TRP N 244 -29.22 -0.12 18.98
C TRP N 244 -28.28 -1.28 18.67
N LYS N 245 -28.21 -2.23 19.59
CA LYS N 245 -27.35 -3.39 19.44
C LYS N 245 -28.21 -4.64 19.40
N GLY N 246 -28.33 -5.24 18.22
CA GLY N 246 -29.12 -6.44 18.03
C GLY N 246 -28.36 -7.69 18.39
N GLU N 247 -28.80 -8.80 17.80
CA GLU N 247 -28.13 -10.08 18.03
C GLU N 247 -27.09 -10.37 16.96
N GLY N 248 -27.35 -9.97 15.72
CA GLY N 248 -26.41 -10.18 14.63
C GLY N 248 -26.13 -8.93 13.84
N ALA N 249 -26.59 -7.78 14.34
CA ALA N 249 -26.40 -6.52 13.66
C ALA N 249 -26.31 -5.40 14.68
N VAL N 250 -25.70 -4.28 14.28
CA VAL N 250 -25.48 -3.12 15.12
C VAL N 250 -25.80 -1.88 14.29
N VAL N 251 -26.70 -1.04 14.80
CA VAL N 251 -27.09 0.20 14.14
C VAL N 251 -26.27 1.34 14.73
N ILE N 252 -25.52 2.02 13.88
CA ILE N 252 -24.69 3.15 14.32
C ILE N 252 -25.02 4.38 13.50
N GLN N 253 -24.75 5.54 14.10
CA GLN N 253 -24.85 6.83 13.43
C GLN N 253 -23.45 7.39 13.28
N ASP N 254 -23.06 7.67 12.04
CA ASP N 254 -21.72 8.15 11.71
C ASP N 254 -21.86 9.30 10.72
N GLY N 255 -21.49 10.51 11.16
CA GLY N 255 -21.58 11.70 10.35
C GLY N 255 -22.98 12.02 9.88
N GLN N 256 -23.95 11.85 10.78
CA GLN N 256 -25.39 11.94 10.51
C GLN N 256 -25.82 10.98 9.40
N ASP N 257 -25.23 9.78 9.37
CA ASP N 257 -25.64 8.73 8.44
C ASP N 257 -25.86 7.45 9.24
N LEU N 258 -27.06 6.90 9.15
CA LEU N 258 -27.36 5.66 9.86
C LEU N 258 -26.98 4.46 9.01
N LYS N 259 -26.34 3.48 9.63
CA LYS N 259 -25.96 2.28 8.90
C LYS N 259 -25.99 1.07 9.82
N VAL N 260 -25.98 -0.11 9.21
CA VAL N 260 -26.10 -1.39 9.90
C VAL N 260 -24.85 -2.21 9.59
N VAL N 261 -24.09 -2.54 10.64
CA VAL N 261 -22.87 -3.32 10.49
C VAL N 261 -23.10 -4.67 11.17
N PRO N 262 -22.45 -5.75 10.72
CA PRO N 262 -22.54 -7.01 11.47
C PRO N 262 -21.87 -6.92 12.84
N ARG N 263 -22.20 -7.89 13.69
CA ARG N 263 -21.70 -7.90 15.05
C ARG N 263 -20.22 -8.26 15.12
N ARG N 264 -19.71 -8.98 14.13
CA ARG N 264 -18.33 -9.41 14.12
C ARG N 264 -17.38 -8.39 13.51
N LYS N 265 -17.84 -7.17 13.23
CA LYS N 265 -17.02 -6.12 12.66
C LYS N 265 -17.04 -4.84 13.51
N CYS N 266 -17.39 -4.96 14.79
CA CYS N 266 -17.58 -3.81 15.67
C CYS N 266 -16.92 -4.07 17.01
N LYS N 267 -16.51 -2.98 17.66
CA LYS N 267 -16.01 -2.99 19.04
C LYS N 267 -16.67 -1.84 19.78
N ILE N 268 -17.43 -2.16 20.82
CA ILE N 268 -18.22 -1.17 21.55
C ILE N 268 -17.58 -0.93 22.90
N ILE N 269 -17.06 0.27 23.11
CA ILE N 269 -16.44 0.66 24.37
C ILE N 269 -17.05 1.98 24.83
N LYS N 270 -16.66 2.38 26.05
CA LYS N 270 -17.08 3.66 26.58
C LYS N 270 -15.99 4.72 26.50
N ASP N 271 -14.71 4.30 26.45
CA ASP N 271 -13.55 5.14 26.12
C ASP N 271 -13.39 6.31 27.10
N TYR N 272 -13.05 5.96 28.34
CA TYR N 272 -12.78 6.97 29.35
C TYR N 272 -11.49 7.73 29.01
N GLY N 273 -11.62 8.84 28.30
CA GLY N 273 -10.47 9.62 27.91
C GLY N 273 -10.63 10.29 26.55
N GLY O 5 -37.80 -26.41 26.56
CA GLY O 5 -37.36 -25.75 27.77
C GLY O 5 -37.11 -26.69 28.93
N ILE O 6 -37.95 -27.73 29.03
CA ILE O 6 -37.81 -28.70 30.11
C ILE O 6 -36.56 -29.55 29.91
N GLU O 7 -36.27 -29.90 28.66
CA GLU O 7 -35.06 -30.68 28.36
C GLU O 7 -33.80 -29.87 28.61
N LYS O 8 -33.82 -28.58 28.23
CA LYS O 8 -32.67 -27.71 28.47
C LYS O 8 -32.46 -27.47 29.96
N ALA O 9 -33.55 -27.35 30.72
CA ALA O 9 -33.43 -27.19 32.17
C ALA O 9 -32.90 -28.46 32.84
N GLN O 10 -33.31 -29.63 32.34
CA GLN O 10 -32.80 -30.88 32.90
C GLN O 10 -31.33 -31.07 32.59
N GLU O 11 -30.90 -30.72 31.38
CA GLU O 11 -29.49 -30.84 31.02
C GLU O 11 -28.64 -29.83 31.78
N GLU O 12 -29.15 -28.60 31.96
CA GLU O 12 -28.41 -27.59 32.71
C GLU O 12 -28.29 -27.95 34.19
N HIS O 13 -29.36 -28.52 34.77
CA HIS O 13 -29.27 -28.94 36.16
C HIS O 13 -28.42 -30.19 36.34
N GLU O 14 -28.37 -31.05 35.33
CA GLU O 14 -27.51 -32.23 35.42
C GLU O 14 -26.04 -31.83 35.34
N LYS O 15 -25.72 -30.79 34.58
CA LYS O 15 -24.35 -30.32 34.50
C LYS O 15 -23.95 -29.52 35.74
N TYR O 16 -24.66 -28.43 36.02
CA TYR O 16 -24.17 -27.40 36.92
C TYR O 16 -24.92 -27.31 38.26
N HIS O 17 -26.05 -28.00 38.39
CA HIS O 17 -26.89 -28.02 39.60
C HIS O 17 -27.35 -26.62 40.01
N ASN O 18 -28.15 -26.01 39.13
CA ASN O 18 -28.73 -24.71 39.42
C ASN O 18 -30.00 -24.88 40.25
N ASN O 19 -30.45 -23.78 40.83
CA ASN O 19 -31.68 -23.78 41.61
C ASN O 19 -32.89 -23.62 40.68
N TRP O 20 -34.08 -23.61 41.25
CA TRP O 20 -35.30 -23.62 40.44
C TRP O 20 -35.68 -22.21 39.96
N ARG O 21 -35.35 -21.18 40.73
CA ARG O 21 -35.74 -19.82 40.36
C ARG O 21 -34.93 -19.31 39.18
N ALA O 22 -33.62 -19.57 39.17
CA ALA O 22 -32.78 -19.12 38.06
C ALA O 22 -33.09 -19.88 36.77
N MET O 23 -33.45 -21.16 36.90
CA MET O 23 -33.87 -21.94 35.73
C MET O 23 -35.21 -21.44 35.19
N ALA O 24 -36.16 -21.14 36.09
CA ALA O 24 -37.45 -20.64 35.65
C ALA O 24 -37.36 -19.24 35.05
N GLU O 25 -36.37 -18.45 35.46
CA GLU O 25 -36.15 -17.16 34.84
C GLU O 25 -35.47 -17.29 33.48
N ASP O 26 -34.37 -18.05 33.41
CA ASP O 26 -33.56 -18.10 32.20
C ASP O 26 -34.15 -18.97 31.10
N PHE O 27 -35.09 -19.86 31.43
CA PHE O 27 -35.68 -20.74 30.43
C PHE O 27 -37.17 -20.54 30.25
N GLN O 28 -37.79 -19.64 31.04
CA GLN O 28 -39.19 -19.23 30.93
C GLN O 28 -40.15 -20.42 31.09
N ILE O 29 -40.00 -21.10 32.22
CA ILE O 29 -40.81 -22.27 32.57
C ILE O 29 -41.66 -21.89 33.77
N PRO O 30 -42.86 -22.46 33.95
CA PRO O 30 -43.54 -22.35 35.24
C PRO O 30 -42.71 -22.96 36.36
N GLN O 31 -42.87 -22.38 37.55
CA GLN O 31 -41.94 -22.65 38.65
C GLN O 31 -42.14 -24.02 39.28
N VAL O 32 -43.31 -24.64 39.14
CA VAL O 32 -43.53 -25.95 39.74
C VAL O 32 -42.77 -27.03 38.99
N VAL O 33 -42.55 -26.85 37.68
CA VAL O 33 -41.79 -27.81 36.90
C VAL O 33 -40.32 -27.76 37.30
N ALA O 34 -39.77 -26.56 37.50
CA ALA O 34 -38.39 -26.43 37.96
C ALA O 34 -38.25 -26.89 39.40
N LYS O 35 -39.30 -26.71 40.21
CA LYS O 35 -39.31 -27.22 41.57
C LYS O 35 -39.23 -28.74 41.59
N GLU O 36 -39.96 -29.40 40.68
CA GLU O 36 -39.91 -30.86 40.63
C GLU O 36 -38.60 -31.36 40.02
N ILE O 37 -37.99 -30.57 39.12
CA ILE O 37 -36.68 -30.93 38.58
C ILE O 37 -35.62 -30.87 39.66
N VAL O 38 -35.65 -29.83 40.50
CA VAL O 38 -34.71 -29.74 41.62
C VAL O 38 -35.00 -30.82 42.66
N ALA O 39 -36.28 -31.11 42.93
CA ALA O 39 -36.64 -32.10 43.93
C ALA O 39 -36.32 -33.53 43.49
N GLN O 40 -36.25 -33.79 42.18
CA GLN O 40 -35.91 -35.12 41.70
C GLN O 40 -34.40 -35.36 41.64
N CYS O 41 -33.58 -34.37 41.98
CA CYS O 41 -32.15 -34.65 41.99
C CYS O 41 -31.73 -35.16 43.36
N PRO O 42 -31.06 -36.31 43.42
CA PRO O 42 -30.63 -36.84 44.73
C PRO O 42 -29.46 -36.07 45.32
N LYS O 43 -28.66 -35.40 44.50
CA LYS O 43 -27.49 -34.69 44.99
C LYS O 43 -27.82 -33.37 45.67
N CYS O 44 -29.05 -32.90 45.59
CA CYS O 44 -29.44 -31.65 46.21
C CYS O 44 -30.31 -31.88 47.44
N SER O 58 -36.37 -14.48 45.86
CA SER O 58 -37.37 -14.41 46.93
C SER O 58 -37.71 -12.96 47.26
N PRO O 59 -38.74 -12.42 46.60
CA PRO O 59 -39.07 -11.00 46.78
C PRO O 59 -39.89 -10.68 48.01
N LYS O 60 -40.02 -11.60 48.96
CA LYS O 60 -40.75 -11.31 50.20
C LYS O 60 -39.94 -11.69 51.43
N THR O 61 -38.62 -11.57 51.38
CA THR O 61 -37.76 -11.93 52.50
C THR O 61 -37.22 -10.65 53.15
N TRP O 62 -37.33 -10.57 54.47
CA TRP O 62 -36.83 -9.43 55.24
C TRP O 62 -35.90 -9.92 56.33
N GLN O 63 -34.76 -9.25 56.47
CA GLN O 63 -33.79 -9.57 57.52
C GLN O 63 -33.82 -8.48 58.59
N MET O 64 -33.95 -8.88 59.84
CA MET O 64 -34.05 -7.94 60.94
C MET O 64 -32.83 -8.03 61.85
N ASP O 65 -32.48 -6.89 62.44
CA ASP O 65 -31.33 -6.82 63.34
C ASP O 65 -31.53 -5.63 64.28
N CYS O 66 -30.71 -5.59 65.33
CA CYS O 66 -30.73 -4.51 66.31
C CYS O 66 -29.31 -4.05 66.58
N THR O 67 -29.16 -2.77 66.93
CA THR O 67 -27.85 -2.19 67.19
C THR O 67 -28.00 -1.10 68.26
N HIS O 68 -26.85 -0.62 68.75
CA HIS O 68 -26.79 0.42 69.77
C HIS O 68 -26.13 1.66 69.20
N LEU O 69 -26.65 2.83 69.57
CA LEU O 69 -26.08 4.10 69.12
C LEU O 69 -26.47 5.18 70.12
N GLU O 70 -25.47 5.77 70.77
CA GLU O 70 -25.63 6.89 71.73
C GLU O 70 -26.54 6.52 72.90
N GLY O 71 -26.43 5.27 73.38
CA GLY O 71 -27.25 4.80 74.47
C GLY O 71 -28.64 4.38 74.09
N LYS O 72 -29.01 4.46 72.82
CA LYS O 72 -30.32 4.05 72.34
C LYS O 72 -30.26 2.67 71.71
N VAL O 73 -31.44 2.10 71.46
CA VAL O 73 -31.57 0.81 70.78
C VAL O 73 -32.30 1.05 69.47
N ILE O 74 -31.63 0.74 68.36
CA ILE O 74 -32.17 0.99 67.03
C ILE O 74 -32.42 -0.37 66.37
N ILE O 75 -33.62 -0.57 65.85
CA ILE O 75 -33.98 -1.81 65.17
C ILE O 75 -34.11 -1.52 63.68
N VAL O 76 -33.46 -2.35 62.86
CA VAL O 76 -33.31 -2.10 61.43
C VAL O 76 -33.73 -3.37 60.68
N ALA O 77 -34.66 -3.22 59.74
CA ALA O 77 -35.08 -4.29 58.86
C ALA O 77 -34.72 -3.94 57.43
N VAL O 78 -34.21 -4.91 56.68
CA VAL O 78 -33.75 -4.68 55.32
C VAL O 78 -34.41 -5.69 54.39
N HIS O 79 -35.07 -5.18 53.35
CA HIS O 79 -35.48 -6.01 52.22
C HIS O 79 -34.25 -6.36 51.39
N VAL O 80 -34.04 -7.66 51.19
CA VAL O 80 -32.73 -8.17 50.76
C VAL O 80 -32.54 -8.06 49.25
N ALA O 81 -33.58 -8.28 48.46
CA ALA O 81 -33.44 -8.27 47.01
C ALA O 81 -33.28 -6.87 46.43
N SER O 82 -33.46 -5.83 47.24
CA SER O 82 -33.28 -4.46 46.77
C SER O 82 -32.47 -3.58 47.70
N GLY O 83 -32.22 -3.99 48.94
CA GLY O 83 -31.52 -3.14 49.88
C GLY O 83 -32.38 -2.05 50.46
N TYR O 84 -33.66 -2.34 50.73
CA TYR O 84 -34.58 -1.32 51.18
C TYR O 84 -34.63 -1.31 52.70
N ILE O 85 -34.30 -0.18 53.30
CA ILE O 85 -34.08 -0.09 54.74
C ILE O 85 -35.35 0.41 55.43
N GLU O 86 -35.48 0.06 56.70
CA GLU O 86 -36.56 0.55 57.55
C GLU O 86 -36.09 0.49 59.00
N ALA O 87 -35.96 1.63 59.64
CA ALA O 87 -35.38 1.71 60.96
C ALA O 87 -36.36 2.30 61.96
N GLU O 88 -36.11 2.05 63.24
CA GLU O 88 -36.90 2.62 64.31
C GLU O 88 -36.06 2.76 65.57
N VAL O 89 -36.43 3.74 66.38
CA VAL O 89 -35.78 3.97 67.68
C VAL O 89 -36.62 3.32 68.76
N LEU O 90 -36.01 2.42 69.53
CA LEU O 90 -36.82 1.78 70.54
C LEU O 90 -36.52 2.33 71.93
N PRO O 91 -37.52 2.41 72.81
CA PRO O 91 -37.26 2.78 74.20
C PRO O 91 -36.70 1.66 75.05
N ALA O 92 -36.82 0.41 74.61
CA ALA O 92 -36.28 -0.73 75.35
C ALA O 92 -35.99 -1.86 74.38
N GLU O 93 -35.38 -2.92 74.90
CA GLU O 93 -35.07 -4.11 74.12
C GLU O 93 -35.97 -5.28 74.50
N THR O 94 -37.24 -5.01 74.81
CA THR O 94 -38.16 -6.05 75.22
C THR O 94 -38.75 -6.74 74.00
N GLY O 95 -39.70 -7.64 74.22
CA GLY O 95 -40.31 -8.37 73.12
C GLY O 95 -41.58 -7.73 72.59
N LYS O 96 -42.24 -6.93 73.43
CA LYS O 96 -43.48 -6.28 73.02
C LYS O 96 -43.22 -5.20 71.97
N GLU O 97 -42.14 -4.45 72.12
CA GLU O 97 -41.83 -3.40 71.16
C GLU O 97 -41.30 -3.98 69.85
N THR O 98 -40.58 -5.09 69.92
CA THR O 98 -40.16 -5.78 68.70
C THR O 98 -41.35 -6.36 67.95
N ALA O 99 -42.33 -6.89 68.70
CA ALA O 99 -43.55 -7.38 68.07
C ALA O 99 -44.37 -6.24 67.48
N HIS O 100 -44.36 -5.07 68.12
CA HIS O 100 -45.08 -3.92 67.58
C HIS O 100 -44.44 -3.40 66.30
N PHE O 101 -43.11 -3.36 66.26
CA PHE O 101 -42.41 -2.97 65.03
C PHE O 101 -42.63 -3.98 63.91
N LEU O 102 -42.68 -5.27 64.25
CA LEU O 102 -42.93 -6.29 63.24
C LEU O 102 -44.36 -6.23 62.72
N LEU O 103 -45.32 -5.85 63.57
CA LEU O 103 -46.69 -5.72 63.11
C LEU O 103 -46.85 -4.49 62.21
N LYS O 104 -46.14 -3.41 62.51
CA LYS O 104 -46.18 -2.24 61.63
C LYS O 104 -45.51 -2.53 60.28
N LEU O 105 -44.41 -3.29 60.30
CA LEU O 105 -43.75 -3.66 59.05
C LEU O 105 -44.62 -4.59 58.21
N ALA O 106 -45.36 -5.49 58.85
CA ALA O 106 -46.26 -6.37 58.10
C ALA O 106 -47.49 -5.62 57.60
N ALA O 107 -47.92 -4.58 58.30
CA ALA O 107 -49.07 -3.81 57.86
C ALA O 107 -48.72 -2.79 56.78
N ARG O 108 -47.45 -2.46 56.60
CA ARG O 108 -47.05 -1.52 55.56
C ARG O 108 -46.67 -2.19 54.24
N TRP O 109 -45.93 -3.28 54.29
CA TRP O 109 -45.43 -3.99 53.11
C TRP O 109 -45.84 -5.46 53.18
N PRO O 110 -45.92 -6.15 52.03
CA PRO O 110 -46.15 -7.59 52.06
C PRO O 110 -44.92 -8.37 52.53
N VAL O 111 -45.02 -8.99 53.70
CA VAL O 111 -43.92 -9.74 54.31
C VAL O 111 -44.35 -11.20 54.42
N LYS O 112 -43.50 -12.11 53.96
CA LYS O 112 -43.78 -13.54 54.04
C LYS O 112 -42.69 -14.34 54.73
N HIS O 113 -41.41 -13.99 54.58
CA HIS O 113 -40.32 -14.74 55.17
C HIS O 113 -39.46 -13.78 55.98
N LEU O 114 -39.15 -14.15 57.22
CA LEU O 114 -38.41 -13.31 58.14
C LEU O 114 -37.17 -14.05 58.60
N HIS O 115 -36.03 -13.36 58.60
CA HIS O 115 -34.76 -13.93 59.03
C HIS O 115 -34.21 -13.10 60.17
N THR O 116 -33.75 -13.77 61.23
CA THR O 116 -33.16 -13.11 62.39
C THR O 116 -31.93 -13.91 62.83
N ASP O 117 -31.31 -13.45 63.90
CA ASP O 117 -30.19 -14.16 64.51
C ASP O 117 -30.58 -14.68 65.89
N ASN O 118 -29.67 -15.44 66.50
CA ASN O 118 -29.92 -16.07 67.79
C ASN O 118 -29.84 -15.01 68.88
N GLY O 119 -30.96 -14.31 69.07
CA GLY O 119 -31.06 -13.24 70.04
C GLY O 119 -32.01 -13.57 71.17
N ASP O 120 -32.33 -12.52 71.94
CA ASP O 120 -33.19 -12.64 73.10
C ASP O 120 -34.64 -12.23 72.81
N ASN O 121 -34.83 -11.04 72.25
CA ASN O 121 -36.18 -10.57 71.96
C ASN O 121 -36.76 -11.19 70.70
N PHE O 122 -35.92 -11.85 69.90
CA PHE O 122 -36.38 -12.49 68.67
C PHE O 122 -36.97 -13.88 68.92
N THR O 123 -36.96 -14.35 70.16
CA THR O 123 -37.58 -15.62 70.55
C THR O 123 -38.51 -15.31 71.73
N SER O 124 -39.74 -14.90 71.42
CA SER O 124 -40.67 -14.46 72.46
C SER O 124 -42.08 -14.85 72.07
N SER O 125 -42.97 -14.76 73.06
CA SER O 125 -44.37 -15.16 72.86
C SER O 125 -45.11 -14.17 71.99
N ALA O 126 -44.88 -12.86 72.20
CA ALA O 126 -45.56 -11.85 71.39
C ALA O 126 -45.05 -11.85 69.96
N VAL O 127 -43.75 -12.10 69.78
CA VAL O 127 -43.18 -12.19 68.44
C VAL O 127 -43.73 -13.41 67.70
N GLN O 128 -43.84 -14.54 68.39
CA GLN O 128 -44.43 -15.73 67.78
C GLN O 128 -45.92 -15.55 67.51
N ALA O 129 -46.61 -14.78 68.34
CA ALA O 129 -48.04 -14.53 68.13
C ALA O 129 -48.27 -13.64 66.92
N VAL O 130 -47.43 -12.62 66.74
CA VAL O 130 -47.53 -11.75 65.57
C VAL O 130 -47.16 -12.50 64.30
N CYS O 131 -46.13 -13.36 64.38
CA CYS O 131 -45.74 -14.16 63.22
C CYS O 131 -46.81 -15.19 62.86
N TRP O 132 -47.52 -15.72 63.86
CA TRP O 132 -48.62 -16.64 63.58
C TRP O 132 -49.81 -15.91 62.98
N TRP O 133 -50.12 -14.71 63.50
CA TRP O 133 -51.30 -13.99 63.03
C TRP O 133 -51.09 -13.43 61.63
N ALA O 134 -49.85 -13.10 61.27
CA ALA O 134 -49.56 -12.58 59.94
C ALA O 134 -49.03 -13.64 58.99
N GLN O 135 -48.83 -14.88 59.48
CA GLN O 135 -48.37 -16.03 58.71
C GLN O 135 -47.01 -15.76 58.05
N ILE O 136 -46.01 -15.53 58.89
CA ILE O 136 -44.64 -15.24 58.46
C ILE O 136 -43.75 -16.40 58.88
N GLU O 137 -42.92 -16.86 57.96
CA GLU O 137 -42.00 -17.97 58.23
C GLU O 137 -40.74 -17.42 58.88
N HIS O 138 -40.55 -17.72 60.16
CA HIS O 138 -39.43 -17.21 60.93
C HIS O 138 -38.27 -18.20 60.87
N THR O 139 -37.09 -17.70 60.52
CA THR O 139 -35.87 -18.51 60.52
C THR O 139 -34.79 -17.78 61.30
N PHE O 140 -33.88 -18.57 61.88
CA PHE O 140 -32.79 -18.05 62.70
C PHE O 140 -31.46 -18.43 62.08
N GLY O 141 -30.45 -17.59 62.30
CA GLY O 141 -29.12 -17.84 61.78
C GLY O 141 -28.02 -17.49 62.77
N GLY O 150 -24.61 -11.79 54.79
CA GLY O 150 -23.72 -10.70 55.12
C GLY O 150 -24.08 -9.39 54.46
N VAL O 151 -25.36 -9.04 54.53
CA VAL O 151 -25.88 -7.82 53.93
C VAL O 151 -26.28 -6.80 54.99
N VAL O 152 -26.83 -7.27 56.11
CA VAL O 152 -27.38 -6.39 57.14
C VAL O 152 -26.27 -5.61 57.84
N GLU O 153 -25.08 -6.20 57.97
CA GLU O 153 -23.97 -5.48 58.59
C GLU O 153 -23.47 -4.35 57.69
N SER O 154 -23.46 -4.58 56.37
CA SER O 154 -23.11 -3.52 55.44
C SER O 154 -24.15 -2.41 55.42
N MET O 155 -25.44 -2.77 55.56
CA MET O 155 -26.48 -1.75 55.63
C MET O 155 -26.39 -0.94 56.92
N ASN O 156 -26.06 -1.59 58.04
CA ASN O 156 -25.89 -0.87 59.29
C ASN O 156 -24.65 0.02 59.26
N HIS O 157 -23.60 -0.42 58.56
CA HIS O 157 -22.40 0.41 58.41
C HIS O 157 -22.68 1.65 57.59
N GLN O 158 -23.42 1.50 56.47
CA GLN O 158 -23.79 2.65 55.67
C GLN O 158 -24.72 3.60 56.43
N LEU O 159 -25.63 3.04 57.23
CA LEU O 159 -26.54 3.87 58.01
C LEU O 159 -25.80 4.66 59.08
N LYS O 160 -24.78 4.04 59.70
CA LYS O 160 -23.96 4.75 60.68
C LYS O 160 -23.17 5.89 60.03
N THR O 161 -22.65 5.69 58.82
CA THR O 161 -21.92 6.76 58.14
C THR O 161 -22.83 7.93 57.79
N ILE O 162 -24.06 7.65 57.34
CA ILE O 162 -24.98 8.73 57.00
C ILE O 162 -25.44 9.48 58.26
N ILE O 163 -25.67 8.74 59.36
CA ILE O 163 -26.09 9.35 60.63
C ILE O 163 -25.00 10.28 61.16
N THR O 164 -23.74 9.85 61.11
CA THR O 164 -22.64 10.74 61.50
C THR O 164 -22.39 11.85 60.49
N GLN O 165 -22.90 11.71 59.26
CA GLN O 165 -22.71 12.76 58.27
C GLN O 165 -23.68 13.92 58.46
N ILE O 166 -24.93 13.64 58.81
CA ILE O 166 -25.90 14.73 58.96
C ILE O 166 -26.39 14.83 60.41
N ARG O 167 -25.52 14.54 61.37
CA ARG O 167 -25.90 14.60 62.77
C ARG O 167 -26.15 16.04 63.24
N ASP O 168 -25.41 16.99 62.68
CA ASP O 168 -25.44 18.37 63.14
C ASP O 168 -26.57 19.19 62.53
N GLN O 169 -27.55 18.54 61.90
CA GLN O 169 -28.72 19.24 61.37
C GLN O 169 -29.98 19.03 62.20
N ALA O 170 -29.98 18.05 63.10
CA ALA O 170 -31.14 17.77 63.93
C ALA O 170 -30.69 17.58 65.37
N GLU O 171 -31.52 18.08 66.29
CA GLU O 171 -31.18 18.05 67.71
C GLU O 171 -31.39 16.66 68.30
N LYS O 172 -32.54 16.05 68.04
CA LYS O 172 -32.83 14.72 68.55
C LYS O 172 -32.12 13.65 67.73
N ILE O 173 -32.04 12.45 68.31
CA ILE O 173 -31.46 11.32 67.60
C ILE O 173 -32.48 10.67 66.66
N GLU O 174 -33.77 10.67 67.01
CA GLU O 174 -34.80 10.04 66.21
C GLU O 174 -34.99 10.75 64.87
N THR O 175 -34.95 12.09 64.89
CA THR O 175 -35.06 12.86 63.66
C THR O 175 -33.86 12.61 62.74
N ALA O 176 -32.67 12.45 63.31
CA ALA O 176 -31.49 12.18 62.51
C ALA O 176 -31.55 10.78 61.90
N VAL O 177 -32.13 9.81 62.62
CA VAL O 177 -32.29 8.47 62.09
C VAL O 177 -33.27 8.46 60.92
N GLN O 178 -34.38 9.20 61.04
CA GLN O 178 -35.36 9.23 59.96
C GLN O 178 -34.84 10.00 58.74
N MET O 179 -34.04 11.05 58.95
CA MET O 179 -33.43 11.73 57.82
C MET O 179 -32.37 10.87 57.13
N ALA O 180 -31.66 10.05 57.90
CA ALA O 180 -30.71 9.12 57.29
C ALA O 180 -31.41 8.03 56.50
N VAL O 181 -32.59 7.60 56.95
CA VAL O 181 -33.37 6.61 56.21
C VAL O 181 -33.87 7.20 54.89
N LEU O 182 -34.30 8.47 54.91
CA LEU O 182 -34.72 9.14 53.68
C LEU O 182 -33.57 9.31 52.70
N ILE O 183 -32.39 9.68 53.20
CA ILE O 183 -31.23 9.86 52.35
C ILE O 183 -30.76 8.53 51.76
N HIS O 184 -30.79 7.46 52.57
CA HIS O 184 -30.35 6.15 52.10
C HIS O 184 -31.33 5.56 51.08
N ASN O 185 -32.63 5.82 51.25
CA ASN O 185 -33.60 5.23 50.34
C ASN O 185 -33.71 5.97 49.02
N PHE O 186 -33.74 7.31 49.02
CA PHE O 186 -34.10 8.02 47.81
C PHE O 186 -33.01 8.93 47.25
N LYS O 187 -31.84 9.02 47.86
CA LYS O 187 -30.80 9.93 47.41
C LYS O 187 -29.50 9.24 47.04
N ARG O 188 -29.37 7.94 47.27
CA ARG O 188 -28.13 7.22 46.99
C ARG O 188 -28.37 6.31 45.79
N LYS O 189 -27.92 6.75 44.62
CA LYS O 189 -28.03 5.97 43.39
C LYS O 189 -26.71 5.26 43.14
N GLY O 190 -26.51 4.15 43.85
CA GLY O 190 -25.31 3.36 43.73
C GLY O 190 -25.61 2.01 43.09
N GLY O 191 -24.58 1.19 43.00
CA GLY O 191 -24.69 -0.15 42.48
C GLY O 191 -24.33 -0.21 41.00
N ILE O 192 -24.73 -1.33 40.39
CA ILE O 192 -24.40 -1.55 38.98
C ILE O 192 -25.37 -0.82 38.07
N GLY O 193 -26.68 -1.01 38.25
CA GLY O 193 -27.66 -0.43 37.36
C GLY O 193 -27.84 1.07 37.51
N GLY O 194 -27.45 1.61 38.66
CA GLY O 194 -27.63 3.03 38.92
C GLY O 194 -29.06 3.35 39.33
N TYR O 195 -29.59 2.59 40.29
CA TYR O 195 -30.96 2.72 40.73
C TYR O 195 -31.00 2.86 42.25
N SER O 196 -31.93 3.69 42.73
CA SER O 196 -32.14 3.83 44.15
C SER O 196 -32.89 2.61 44.71
N ALA O 197 -33.01 2.57 46.03
CA ALA O 197 -33.58 1.38 46.67
C ALA O 197 -35.10 1.32 46.52
N GLY O 198 -35.78 2.47 46.60
CA GLY O 198 -37.23 2.47 46.51
C GLY O 198 -37.73 2.11 45.13
N GLU O 199 -37.05 2.59 44.09
CA GLU O 199 -37.38 2.19 42.73
C GLU O 199 -37.14 0.71 42.50
N ARG O 200 -36.12 0.14 43.15
CA ARG O 200 -35.83 -1.28 42.96
C ARG O 200 -36.88 -2.16 43.65
N ILE O 201 -37.32 -1.80 44.86
CA ILE O 201 -38.31 -2.63 45.53
C ILE O 201 -39.67 -2.51 44.86
N ILE O 202 -40.01 -1.33 44.33
CA ILE O 202 -41.27 -1.16 43.62
C ILE O 202 -41.26 -1.95 42.30
N ASP O 203 -40.14 -1.90 41.57
CA ASP O 203 -40.05 -2.64 40.31
C ASP O 203 -40.04 -4.15 40.54
N ILE O 204 -39.40 -4.61 41.62
CA ILE O 204 -39.32 -6.05 41.90
C ILE O 204 -40.70 -6.60 42.26
N ILE O 205 -41.44 -5.90 43.13
CA ILE O 205 -42.75 -6.41 43.53
C ILE O 205 -43.76 -6.28 42.39
N ALA O 206 -43.66 -5.25 41.56
CA ALA O 206 -44.58 -5.12 40.43
C ALA O 206 -44.33 -6.19 39.38
N SER O 207 -43.06 -6.49 39.08
CA SER O 207 -42.74 -7.51 38.10
C SER O 207 -43.10 -8.90 38.63
N ASP O 208 -42.94 -9.13 39.94
CA ASP O 208 -43.32 -10.41 40.51
C ASP O 208 -44.83 -10.60 40.51
N LEU O 209 -45.59 -9.51 40.71
CA LEU O 209 -47.05 -9.60 40.66
C LEU O 209 -47.53 -9.90 39.25
N GLN O 210 -46.93 -9.24 38.24
CA GLN O 210 -47.30 -9.54 36.86
C GLN O 210 -46.90 -10.95 36.44
N THR O 211 -45.78 -11.45 36.95
CA THR O 211 -45.34 -12.80 36.62
C THR O 211 -46.27 -13.84 37.25
N THR O 212 -46.69 -13.62 38.49
CA THR O 212 -47.63 -14.55 39.12
C THR O 212 -49.01 -14.48 38.47
N LYS O 213 -49.41 -13.31 37.99
CA LYS O 213 -50.68 -13.20 37.27
C LYS O 213 -50.65 -13.94 35.94
N LEU O 214 -49.55 -13.82 35.20
CA LEU O 214 -49.45 -14.52 33.92
C LEU O 214 -49.29 -16.03 34.11
N GLN O 215 -48.59 -16.45 35.15
CA GLN O 215 -48.49 -17.89 35.42
C GLN O 215 -49.79 -18.46 35.97
N ASN O 216 -50.62 -17.65 36.62
CA ASN O 216 -51.93 -18.13 37.06
C ASN O 216 -52.93 -18.17 35.90
N GLN O 217 -52.81 -17.25 34.95
CA GLN O 217 -53.71 -17.27 33.80
C GLN O 217 -53.34 -18.38 32.83
N ILE O 218 -52.07 -18.45 32.43
CA ILE O 218 -51.62 -19.48 31.50
C ILE O 218 -51.40 -20.79 32.24
N PHE P 2 -27.75 26.40 33.11
CA PHE P 2 -26.41 25.93 33.43
C PHE P 2 -26.00 26.42 34.81
N LEU P 3 -25.96 27.75 34.97
CA LEU P 3 -25.69 28.34 36.27
C LEU P 3 -26.78 28.00 37.29
N ASP P 4 -28.03 27.90 36.82
CA ASP P 4 -29.10 27.41 37.66
C ASP P 4 -28.89 25.95 38.06
N GLY P 5 -28.30 25.15 37.15
CA GLY P 5 -27.95 23.79 37.49
C GLY P 5 -26.85 23.69 38.52
N ILE P 6 -25.88 24.59 38.47
CA ILE P 6 -24.80 24.59 39.47
C ILE P 6 -25.34 25.02 40.83
N GLU P 7 -26.24 26.02 40.85
CA GLU P 7 -26.81 26.48 42.11
C GLU P 7 -27.72 25.41 42.73
N LYS P 8 -28.52 24.73 41.90
CA LYS P 8 -29.36 23.65 42.40
C LYS P 8 -28.53 22.48 42.90
N ALA P 9 -27.42 22.17 42.22
CA ALA P 9 -26.55 21.09 42.65
C ALA P 9 -25.86 21.41 43.97
N GLN P 10 -25.48 22.67 44.17
CA GLN P 10 -24.83 23.05 45.42
C GLN P 10 -25.82 23.03 46.59
N GLU P 11 -27.07 23.44 46.36
CA GLU P 11 -28.08 23.37 47.42
C GLU P 11 -28.46 21.93 47.72
N GLU P 12 -28.54 21.08 46.70
CA GLU P 12 -28.86 19.67 46.90
C GLU P 12 -27.75 18.94 47.65
N HIS P 13 -26.49 19.26 47.36
CA HIS P 13 -25.40 18.67 48.13
C HIS P 13 -25.33 19.24 49.53
N GLU P 14 -25.76 20.50 49.71
CA GLU P 14 -25.80 21.08 51.05
C GLU P 14 -26.83 20.39 51.93
N LYS P 15 -27.92 19.91 51.34
CA LYS P 15 -28.94 19.20 52.11
C LYS P 15 -28.58 17.72 52.29
N TYR P 16 -28.35 17.00 51.20
CA TYR P 16 -28.35 15.55 51.23
C TYR P 16 -26.99 14.89 51.07
N HIS P 17 -25.96 15.64 50.66
CA HIS P 17 -24.59 15.14 50.45
C HIS P 17 -24.55 14.00 49.43
N ASN P 18 -24.89 14.32 48.19
CA ASN P 18 -24.92 13.34 47.12
C ASN P 18 -23.51 12.99 46.66
N ASN P 19 -23.44 12.08 45.69
CA ASN P 19 -22.19 11.77 45.01
C ASN P 19 -22.15 12.48 43.66
N TRP P 20 -20.99 12.43 43.01
CA TRP P 20 -20.81 13.24 41.82
C TRP P 20 -21.43 12.61 40.57
N ARG P 21 -21.57 11.28 40.54
CA ARG P 21 -22.21 10.63 39.39
C ARG P 21 -23.70 10.94 39.35
N ALA P 22 -24.35 10.93 40.52
CA ALA P 22 -25.78 11.22 40.59
C ALA P 22 -26.06 12.68 40.25
N MET P 23 -25.22 13.60 40.71
CA MET P 23 -25.41 15.01 40.40
C MET P 23 -25.16 15.31 38.92
N ALA P 24 -24.15 14.65 38.34
CA ALA P 24 -23.86 14.83 36.92
C ALA P 24 -24.98 14.26 36.05
N GLU P 25 -25.62 13.19 36.49
CA GLU P 25 -26.74 12.64 35.72
C GLU P 25 -28.01 13.47 35.89
N ASP P 26 -28.29 13.94 37.10
CA ASP P 26 -29.53 14.67 37.37
C ASP P 26 -29.50 16.09 36.83
N PHE P 27 -28.57 16.91 37.30
CA PHE P 27 -28.60 18.35 37.03
C PHE P 27 -27.94 18.72 35.71
N GLN P 28 -27.46 17.74 34.94
CA GLN P 28 -26.89 17.92 33.59
C GLN P 28 -25.69 18.86 33.60
N ILE P 29 -24.80 18.66 34.56
CA ILE P 29 -23.53 19.38 34.63
C ILE P 29 -22.44 18.39 34.29
N PRO P 30 -21.30 18.85 33.76
CA PRO P 30 -20.19 17.92 33.47
C PRO P 30 -19.58 17.35 34.75
N GLN P 31 -18.81 16.28 34.55
CA GLN P 31 -18.34 15.47 35.67
C GLN P 31 -17.28 16.16 36.51
N VAL P 32 -16.46 17.02 35.90
CA VAL P 32 -15.40 17.69 36.65
C VAL P 32 -15.97 18.75 37.58
N VAL P 33 -17.10 19.35 37.22
CA VAL P 33 -17.72 20.36 38.07
C VAL P 33 -18.37 19.71 39.29
N ALA P 34 -19.06 18.59 39.07
CA ALA P 34 -19.67 17.87 40.18
C ALA P 34 -18.61 17.26 41.10
N LYS P 35 -17.49 16.83 40.52
CA LYS P 35 -16.38 16.33 41.34
C LYS P 35 -15.74 17.45 42.15
N GLU P 36 -15.74 18.67 41.63
CA GLU P 36 -15.22 19.80 42.41
C GLU P 36 -16.19 20.18 43.53
N ILE P 37 -17.50 20.05 43.29
CA ILE P 37 -18.49 20.31 44.32
C ILE P 37 -18.34 19.31 45.47
N VAL P 38 -18.05 18.06 45.14
CA VAL P 38 -17.78 17.07 46.19
C VAL P 38 -16.44 17.36 46.87
N ALA P 39 -15.45 17.82 46.09
CA ALA P 39 -14.12 18.07 46.65
C ALA P 39 -14.05 19.31 47.53
N GLN P 40 -15.05 20.19 47.47
CA GLN P 40 -15.07 21.37 48.31
C GLN P 40 -15.84 21.17 49.61
N CYS P 41 -16.49 20.03 49.80
CA CYS P 41 -17.26 19.83 51.02
C CYS P 41 -16.35 19.40 52.16
N PRO P 42 -16.40 20.06 53.31
CA PRO P 42 -15.52 19.66 54.43
C PRO P 42 -15.96 18.38 55.14
N LYS P 43 -17.19 17.93 54.96
CA LYS P 43 -17.68 16.74 55.62
C LYS P 43 -17.54 15.47 54.79
N CYS P 44 -17.03 15.59 53.57
CA CYS P 44 -16.80 14.43 52.70
C CYS P 44 -15.33 14.09 52.55
N GLN P 45 -14.46 14.61 53.42
CA GLN P 45 -13.03 14.34 53.35
C GLN P 45 -12.38 14.49 54.71
N SER P 58 -11.52 -2.16 49.26
CA SER P 58 -10.58 -1.72 48.24
C SER P 58 -10.65 -2.63 47.03
N PRO P 59 -10.54 -2.06 45.82
CA PRO P 59 -10.72 -2.87 44.61
C PRO P 59 -9.48 -3.65 44.18
N LYS P 60 -8.39 -3.63 44.96
CA LYS P 60 -7.17 -4.31 44.57
C LYS P 60 -6.55 -5.10 45.72
N THR P 61 -7.37 -5.58 46.65
CA THR P 61 -6.88 -6.39 47.76
C THR P 61 -7.27 -7.84 47.57
N TRP P 62 -6.32 -8.74 47.80
CA TRP P 62 -6.56 -10.17 47.69
C TRP P 62 -6.11 -10.87 48.96
N GLN P 63 -6.73 -11.99 49.28
CA GLN P 63 -6.35 -12.81 50.42
C GLN P 63 -6.00 -14.22 49.96
N MET P 64 -4.94 -14.79 50.54
CA MET P 64 -4.49 -16.12 50.14
C MET P 64 -4.48 -17.07 51.32
N ASP P 65 -4.72 -18.36 51.04
CA ASP P 65 -4.70 -19.40 52.06
C ASP P 65 -4.47 -20.75 51.40
N CYS P 66 -4.09 -21.73 52.22
CA CYS P 66 -3.88 -23.10 51.77
C CYS P 66 -4.82 -24.03 52.54
N THR P 67 -5.09 -25.20 51.95
CA THR P 67 -5.92 -26.22 52.59
C THR P 67 -5.54 -27.59 52.06
N HIS P 68 -6.12 -28.62 52.68
CA HIS P 68 -5.89 -30.00 52.30
C HIS P 68 -7.20 -30.65 51.87
N LEU P 69 -7.10 -31.53 50.87
CA LEU P 69 -8.27 -32.22 50.35
C LEU P 69 -7.81 -33.50 49.68
N GLU P 70 -8.17 -34.65 50.27
CA GLU P 70 -7.87 -35.99 49.75
C GLU P 70 -6.37 -36.22 49.55
N GLY P 71 -5.56 -35.70 50.48
CA GLY P 71 -4.13 -35.83 50.37
C GLY P 71 -3.46 -34.82 49.46
N LYS P 72 -4.22 -33.93 48.83
CA LYS P 72 -3.68 -32.91 47.96
C LYS P 72 -3.69 -31.56 48.66
N VAL P 73 -2.78 -30.69 48.26
CA VAL P 73 -2.63 -29.37 48.84
C VAL P 73 -3.20 -28.35 47.87
N ILE P 74 -4.34 -27.76 48.22
CA ILE P 74 -5.01 -26.75 47.41
C ILE P 74 -4.60 -25.38 47.93
N ILE P 75 -4.43 -24.42 47.04
CA ILE P 75 -4.18 -23.03 47.42
C ILE P 75 -5.25 -22.16 46.78
N VAL P 76 -5.86 -21.29 47.60
CA VAL P 76 -7.02 -20.49 47.22
C VAL P 76 -6.68 -19.02 47.40
N ALA P 77 -6.96 -18.21 46.37
CA ALA P 77 -6.82 -16.77 46.44
C ALA P 77 -8.15 -16.13 46.12
N VAL P 78 -8.61 -15.23 46.98
CA VAL P 78 -9.95 -14.66 46.88
C VAL P 78 -9.88 -13.14 46.84
N HIS P 79 -10.48 -12.57 45.80
CA HIS P 79 -10.74 -11.13 45.74
C HIS P 79 -11.88 -10.83 46.70
N VAL P 80 -11.62 -9.89 47.62
CA VAL P 80 -12.45 -9.72 48.81
C VAL P 80 -13.74 -8.98 48.49
N ALA P 81 -13.65 -7.90 47.72
CA ALA P 81 -14.80 -7.01 47.52
C ALA P 81 -15.88 -7.61 46.63
N SER P 82 -15.59 -8.69 45.91
CA SER P 82 -16.58 -9.37 45.10
C SER P 82 -16.74 -10.85 45.41
N GLY P 83 -15.76 -11.50 46.02
CA GLY P 83 -15.82 -12.92 46.25
C GLY P 83 -15.35 -13.74 45.08
N TYR P 84 -14.23 -13.37 44.46
CA TYR P 84 -13.79 -14.03 43.24
C TYR P 84 -12.63 -14.99 43.56
N ILE P 85 -12.81 -16.26 43.21
CA ILE P 85 -11.94 -17.33 43.68
C ILE P 85 -11.06 -17.81 42.52
N GLU P 86 -9.75 -17.90 42.77
CA GLU P 86 -8.82 -18.61 41.90
C GLU P 86 -8.09 -19.66 42.72
N ALA P 87 -8.11 -20.90 42.25
CA ALA P 87 -7.56 -22.01 43.01
C ALA P 87 -6.57 -22.80 42.17
N GLU P 88 -5.69 -23.53 42.86
CA GLU P 88 -4.73 -24.40 42.19
C GLU P 88 -4.37 -25.55 43.10
N VAL P 89 -3.84 -26.61 42.51
CA VAL P 89 -3.38 -27.80 43.22
C VAL P 89 -1.86 -27.81 43.19
N LEU P 90 -1.24 -27.73 44.36
CA LEU P 90 0.21 -27.65 44.44
C LEU P 90 0.81 -29.04 44.61
N PRO P 91 2.01 -29.28 44.06
CA PRO P 91 2.66 -30.57 44.29
C PRO P 91 3.29 -30.69 45.67
N ALA P 92 3.65 -29.57 46.30
CA ALA P 92 4.22 -29.57 47.63
C ALA P 92 3.76 -28.31 48.34
N GLU P 93 4.40 -28.00 49.48
CA GLU P 93 4.05 -26.80 50.21
C GLU P 93 5.30 -25.99 50.55
N THR P 94 6.16 -25.80 49.55
CA THR P 94 7.37 -25.01 49.73
C THR P 94 7.13 -23.56 49.30
N GLY P 95 8.19 -22.77 49.27
CA GLY P 95 8.07 -21.37 48.97
C GLY P 95 8.12 -21.04 47.50
N LYS P 96 8.77 -21.89 46.71
CA LYS P 96 8.93 -21.60 45.28
C LYS P 96 7.62 -21.79 44.53
N GLU P 97 6.82 -22.79 44.92
CA GLU P 97 5.53 -23.00 44.27
C GLU P 97 4.52 -21.93 44.66
N THR P 98 4.56 -21.47 45.91
CA THR P 98 3.70 -20.36 46.32
C THR P 98 4.10 -19.06 45.62
N ALA P 99 5.41 -18.87 45.42
CA ALA P 99 5.88 -17.71 44.66
C ALA P 99 5.47 -17.79 43.19
N HIS P 100 5.44 -19.00 42.62
CA HIS P 100 5.00 -19.15 41.24
C HIS P 100 3.51 -18.88 41.09
N PHE P 101 2.71 -19.35 42.06
CA PHE P 101 1.27 -19.08 42.03
C PHE P 101 0.98 -17.60 42.21
N LEU P 102 1.75 -16.93 43.06
CA LEU P 102 1.59 -15.49 43.25
C LEU P 102 1.99 -14.71 42.01
N LEU P 103 3.02 -15.19 41.28
CA LEU P 103 3.43 -14.51 40.07
C LEU P 103 2.40 -14.66 38.95
N LYS P 104 1.77 -15.84 38.85
CA LYS P 104 0.71 -16.01 37.86
C LYS P 104 -0.51 -15.16 38.19
N LEU P 105 -0.87 -15.08 39.47
CA LEU P 105 -2.01 -14.26 39.89
C LEU P 105 -1.74 -12.78 39.66
N ALA P 106 -0.52 -12.33 39.94
CA ALA P 106 -0.18 -10.93 39.69
C ALA P 106 -0.01 -10.63 38.21
N ALA P 107 0.24 -11.65 37.38
CA ALA P 107 0.34 -11.40 35.95
C ALA P 107 -1.02 -11.37 35.26
N ARG P 108 -2.06 -11.92 35.88
CA ARG P 108 -3.37 -11.91 35.24
C ARG P 108 -4.31 -10.83 35.75
N TRP P 109 -4.27 -10.48 37.04
CA TRP P 109 -5.13 -9.45 37.60
C TRP P 109 -4.27 -8.38 38.26
N PRO P 110 -4.76 -7.14 38.35
CA PRO P 110 -4.01 -6.11 39.08
C PRO P 110 -4.03 -6.31 40.58
N VAL P 111 -2.93 -6.79 41.14
CA VAL P 111 -2.80 -7.07 42.56
C VAL P 111 -1.91 -6.02 43.18
N LYS P 112 -2.42 -5.33 44.19
CA LYS P 112 -1.69 -4.24 44.84
C LYS P 112 -1.52 -4.41 46.33
N HIS P 113 -2.30 -5.28 46.98
CA HIS P 113 -2.24 -5.47 48.42
C HIS P 113 -2.64 -6.90 48.74
N LEU P 114 -1.70 -7.67 49.27
CA LEU P 114 -1.89 -9.08 49.55
C LEU P 114 -1.96 -9.30 51.05
N HIS P 115 -2.93 -10.11 51.49
CA HIS P 115 -3.11 -10.43 52.90
C HIS P 115 -3.04 -11.94 53.08
N THR P 116 -2.15 -12.38 53.96
CA THR P 116 -1.94 -13.79 54.22
C THR P 116 -1.89 -14.04 55.71
N ASP P 117 -1.71 -15.30 56.09
CA ASP P 117 -1.48 -15.69 57.46
C ASP P 117 0.01 -15.89 57.69
N ASN P 118 0.38 -16.17 58.94
CA ASN P 118 1.78 -16.28 59.32
C ASN P 118 2.28 -17.72 59.20
N GLY P 119 2.12 -18.31 58.02
CA GLY P 119 2.62 -19.64 57.76
C GLY P 119 4.10 -19.64 57.47
N ASP P 120 4.61 -20.83 57.15
CA ASP P 120 6.02 -20.96 56.80
C ASP P 120 6.29 -20.51 55.38
N ASN P 121 5.57 -21.10 54.41
CA ASN P 121 5.81 -20.82 53.00
C ASN P 121 5.42 -19.40 52.59
N PHE P 122 4.53 -18.75 53.35
CA PHE P 122 4.22 -17.36 53.07
C PHE P 122 5.26 -16.40 53.65
N THR P 123 6.14 -16.89 54.53
CA THR P 123 7.26 -16.10 55.03
C THR P 123 8.53 -16.71 54.46
N SER P 124 8.89 -16.28 53.25
CA SER P 124 9.99 -16.90 52.55
C SER P 124 10.65 -15.88 51.62
N SER P 125 11.90 -16.16 51.27
CA SER P 125 12.67 -15.24 50.44
C SER P 125 12.18 -15.22 49.00
N ALA P 126 11.64 -16.34 48.51
CA ALA P 126 11.12 -16.37 47.15
C ALA P 126 9.84 -15.57 47.01
N VAL P 127 8.95 -15.67 48.00
CA VAL P 127 7.73 -14.88 48.00
C VAL P 127 8.05 -13.40 48.23
N GLN P 128 9.07 -13.10 49.02
CA GLN P 128 9.46 -11.71 49.23
C GLN P 128 10.09 -11.11 47.97
N ALA P 129 10.83 -11.93 47.20
CA ALA P 129 11.40 -11.44 45.95
C ALA P 129 10.33 -11.23 44.88
N VAL P 130 9.31 -12.10 44.86
CA VAL P 130 8.20 -11.92 43.91
C VAL P 130 7.41 -10.68 44.26
N CYS P 131 7.16 -10.44 45.56
CA CYS P 131 6.46 -9.23 45.97
C CYS P 131 7.29 -7.97 45.69
N TRP P 132 8.61 -8.07 45.78
CA TRP P 132 9.45 -6.91 45.45
C TRP P 132 9.43 -6.61 43.96
N TRP P 133 9.48 -7.64 43.11
CA TRP P 133 9.52 -7.40 41.67
C TRP P 133 8.15 -6.96 41.14
N ALA P 134 7.07 -7.47 41.72
CA ALA P 134 5.74 -7.13 41.24
C ALA P 134 5.09 -5.98 42.00
N GLN P 135 5.78 -5.43 43.01
CA GLN P 135 5.36 -4.24 43.77
C GLN P 135 4.04 -4.48 44.49
N ILE P 136 4.04 -5.48 45.37
CA ILE P 136 2.88 -5.87 46.16
C ILE P 136 3.20 -5.64 47.63
N GLU P 137 2.26 -5.03 48.36
CA GLU P 137 2.40 -4.85 49.80
C GLU P 137 1.86 -6.08 50.52
N HIS P 138 2.73 -6.77 51.22
CA HIS P 138 2.38 -8.02 51.91
C HIS P 138 2.05 -7.73 53.36
N THR P 139 0.91 -8.23 53.82
CA THR P 139 0.45 -7.98 55.18
C THR P 139 0.04 -9.29 55.82
N PHE P 140 0.50 -9.53 57.05
CA PHE P 140 0.22 -10.75 57.78
C PHE P 140 -0.87 -10.50 58.81
N GLY P 141 -1.82 -11.41 58.88
CA GLY P 141 -2.92 -11.29 59.82
C GLY P 141 -2.54 -11.64 61.24
N VAL P 151 -13.04 -14.53 55.66
CA VAL P 151 -13.70 -14.65 54.37
C VAL P 151 -13.19 -15.90 53.65
N VAL P 152 -11.88 -16.16 53.80
CA VAL P 152 -11.26 -17.26 53.06
C VAL P 152 -11.67 -18.61 53.63
N GLU P 153 -11.92 -18.69 54.94
CA GLU P 153 -12.38 -19.97 55.50
C GLU P 153 -13.80 -20.28 55.08
N SER P 154 -14.64 -19.26 54.95
CA SER P 154 -15.99 -19.45 54.42
C SER P 154 -15.94 -19.84 52.95
N MET P 155 -14.99 -19.27 52.19
CA MET P 155 -14.87 -19.64 50.79
C MET P 155 -14.30 -21.04 50.61
N ASN P 156 -13.39 -21.46 51.51
CA ASN P 156 -12.91 -22.83 51.50
C ASN P 156 -14.02 -23.82 51.82
N HIS P 157 -14.89 -23.46 52.76
CA HIS P 157 -16.03 -24.30 53.11
C HIS P 157 -17.01 -24.43 51.95
N GLN P 158 -17.32 -23.32 51.28
CA GLN P 158 -18.24 -23.37 50.15
C GLN P 158 -17.64 -24.12 48.97
N LEU P 159 -16.34 -23.95 48.72
CA LEU P 159 -15.67 -24.67 47.65
C LEU P 159 -15.62 -26.16 47.90
N LYS P 160 -15.44 -26.57 49.17
CA LYS P 160 -15.42 -27.99 49.47
C LYS P 160 -16.81 -28.61 49.38
N THR P 161 -17.87 -27.84 49.64
CA THR P 161 -19.22 -28.35 49.42
C THR P 161 -19.50 -28.57 47.94
N ILE P 162 -19.06 -27.65 47.08
CA ILE P 162 -19.26 -27.82 45.64
C ILE P 162 -18.42 -28.99 45.11
N ILE P 163 -17.20 -29.15 45.65
CA ILE P 163 -16.32 -30.24 45.22
C ILE P 163 -16.91 -31.60 45.59
N THR P 164 -17.48 -31.72 46.80
CA THR P 164 -18.16 -32.96 47.14
C THR P 164 -19.51 -33.11 46.43
N GLN P 165 -20.02 -32.03 45.83
CA GLN P 165 -21.28 -32.13 45.09
C GLN P 165 -21.07 -32.65 43.66
N ILE P 166 -19.97 -32.28 43.00
CA ILE P 166 -19.78 -32.69 41.62
C ILE P 166 -18.61 -33.65 41.45
N ARG P 167 -18.32 -34.43 42.50
CA ARG P 167 -17.12 -35.26 42.50
C ARG P 167 -17.21 -36.43 41.53
N ASP P 168 -18.41 -36.96 41.30
CA ASP P 168 -18.58 -38.16 40.50
C ASP P 168 -18.46 -37.92 39.00
N GLN P 169 -18.32 -36.67 38.55
CA GLN P 169 -18.20 -36.37 37.14
C GLN P 169 -16.75 -36.25 36.66
N ALA P 170 -15.78 -36.40 37.56
CA ALA P 170 -14.39 -36.25 37.21
C ALA P 170 -13.60 -37.49 37.66
N GLU P 171 -12.44 -37.68 37.05
CA GLU P 171 -11.57 -38.79 37.42
C GLU P 171 -10.48 -38.34 38.39
N LYS P 172 -9.77 -37.26 38.07
CA LYS P 172 -8.74 -36.73 38.93
C LYS P 172 -9.30 -35.59 39.78
N ILE P 173 -8.45 -35.06 40.66
CA ILE P 173 -8.92 -34.05 41.61
C ILE P 173 -8.76 -32.63 41.05
N GLU P 174 -7.84 -32.43 40.10
CA GLU P 174 -7.64 -31.09 39.53
C GLU P 174 -8.80 -30.67 38.65
N THR P 175 -9.37 -31.62 37.92
CA THR P 175 -10.56 -31.34 37.10
C THR P 175 -11.75 -30.97 37.98
N ALA P 176 -11.90 -31.65 39.12
CA ALA P 176 -12.99 -31.34 40.03
C ALA P 176 -12.82 -29.97 40.68
N VAL P 177 -11.57 -29.59 41.00
CA VAL P 177 -11.31 -28.28 41.57
C VAL P 177 -11.64 -27.17 40.58
N GLN P 178 -11.23 -27.34 39.32
CA GLN P 178 -11.48 -26.30 38.33
C GLN P 178 -12.96 -26.23 37.93
N MET P 179 -13.66 -27.36 37.94
CA MET P 179 -15.10 -27.31 37.66
C MET P 179 -15.86 -26.66 38.80
N ALA P 180 -15.43 -26.85 40.05
CA ALA P 180 -16.06 -26.16 41.17
C ALA P 180 -15.77 -24.66 41.13
N VAL P 181 -14.59 -24.26 40.67
CA VAL P 181 -14.27 -22.84 40.53
C VAL P 181 -15.17 -22.20 39.47
N LEU P 182 -15.40 -22.91 38.36
CA LEU P 182 -16.29 -22.39 37.30
C LEU P 182 -17.73 -22.26 37.78
N ILE P 183 -18.22 -23.26 38.52
CA ILE P 183 -19.60 -23.23 39.01
C ILE P 183 -19.78 -22.13 40.05
N HIS P 184 -18.77 -21.91 40.89
CA HIS P 184 -18.88 -20.84 41.89
C HIS P 184 -18.80 -19.46 41.24
N ASN P 185 -17.97 -19.30 40.22
CA ASN P 185 -17.77 -17.96 39.65
C ASN P 185 -18.91 -17.53 38.75
N PHE P 186 -19.44 -18.43 37.92
CA PHE P 186 -20.36 -18.00 36.88
C PHE P 186 -21.77 -18.56 36.99
N LYS P 187 -22.02 -19.54 37.87
CA LYS P 187 -23.32 -20.16 37.93
C LYS P 187 -24.12 -19.86 39.20
N ARG P 188 -23.47 -19.41 40.27
CA ARG P 188 -24.16 -19.07 41.50
C ARG P 188 -24.46 -17.57 41.51
N LYS P 189 -25.73 -17.23 41.66
CA LYS P 189 -26.18 -15.84 41.66
C LYS P 189 -26.81 -15.50 42.99
N GLY P 190 -26.59 -14.27 43.45
CA GLY P 190 -27.17 -13.83 44.69
C GLY P 190 -26.85 -12.38 44.96
N GLY P 191 -27.06 -11.97 46.21
CA GLY P 191 -26.74 -10.62 46.61
C GLY P 191 -27.87 -9.63 46.33
N ILE P 192 -27.50 -8.37 46.14
CA ILE P 192 -28.50 -7.32 45.97
C ILE P 192 -29.12 -7.39 44.58
N GLY P 193 -28.31 -7.23 43.54
CA GLY P 193 -28.85 -7.20 42.20
C GLY P 193 -29.09 -8.54 41.57
N GLY P 194 -28.56 -9.61 42.15
CA GLY P 194 -28.69 -10.92 41.56
C GLY P 194 -27.66 -11.19 40.48
N TYR P 195 -26.40 -10.85 40.77
CA TYR P 195 -25.30 -11.10 39.86
C TYR P 195 -24.37 -12.14 40.44
N SER P 196 -23.52 -12.68 39.58
CA SER P 196 -22.49 -13.62 40.00
C SER P 196 -21.25 -12.85 40.45
N ALA P 197 -20.14 -13.57 40.63
CA ALA P 197 -18.92 -12.93 41.09
C ALA P 197 -18.16 -12.25 39.96
N GLY P 198 -18.25 -12.77 38.74
CA GLY P 198 -17.50 -12.20 37.63
C GLY P 198 -18.00 -10.85 37.20
N GLU P 199 -19.33 -10.66 37.20
CA GLU P 199 -19.90 -9.36 36.89
C GLU P 199 -19.57 -8.33 37.97
N ARG P 200 -19.48 -8.77 39.22
CA ARG P 200 -19.15 -7.87 40.32
C ARG P 200 -17.71 -7.39 40.23
N ILE P 201 -16.77 -8.31 39.96
CA ILE P 201 -15.36 -7.88 39.92
C ILE P 201 -15.08 -7.02 38.69
N ILE P 202 -15.77 -7.28 37.58
CA ILE P 202 -15.55 -6.48 36.38
C ILE P 202 -16.14 -5.08 36.55
N ASP P 203 -17.30 -4.97 37.20
CA ASP P 203 -17.92 -3.66 37.43
C ASP P 203 -17.11 -2.82 38.42
N ILE P 204 -16.55 -3.46 39.45
CA ILE P 204 -15.76 -2.75 40.46
C ILE P 204 -14.48 -2.19 39.86
N ILE P 205 -13.76 -3.01 39.08
CA ILE P 205 -12.50 -2.55 38.47
C ILE P 205 -12.78 -1.49 37.40
N ALA P 206 -13.90 -1.58 36.67
CA ALA P 206 -14.21 -0.58 35.66
C ALA P 206 -14.55 0.76 36.29
N SER P 207 -15.20 0.75 37.46
CA SER P 207 -15.48 2.01 38.17
C SER P 207 -14.19 2.67 38.64
N ASP P 208 -13.23 1.87 39.12
CA ASP P 208 -11.96 2.44 39.57
C ASP P 208 -11.17 3.02 38.40
N LEU P 209 -11.24 2.37 37.23
CA LEU P 209 -10.58 2.88 36.03
C LEU P 209 -11.15 4.22 35.59
N GLN P 210 -12.47 4.37 35.66
CA GLN P 210 -13.11 5.64 35.31
C GLN P 210 -12.68 6.76 36.25
N THR P 211 -12.53 6.45 37.54
CA THR P 211 -12.09 7.45 38.51
C THR P 211 -10.67 7.93 38.24
N THR P 212 -9.76 7.01 37.87
CA THR P 212 -8.37 7.41 37.62
C THR P 212 -8.24 8.27 36.36
N LYS P 213 -8.99 7.92 35.30
CA LYS P 213 -8.94 8.74 34.08
C LYS P 213 -9.49 10.14 34.32
N LEU P 214 -10.56 10.25 35.11
CA LEU P 214 -11.11 11.57 35.41
C LEU P 214 -10.17 12.39 36.28
N GLN P 215 -9.40 11.74 37.16
CA GLN P 215 -8.44 12.47 37.99
C GLN P 215 -7.29 13.04 37.16
N ASN P 216 -6.84 12.29 36.15
CA ASN P 216 -5.81 12.81 35.25
C ASN P 216 -6.27 14.03 34.48
N GLN P 217 -7.51 13.99 33.97
CA GLN P 217 -8.06 15.15 33.26
C GLN P 217 -8.23 16.35 34.19
N ILE P 218 -8.58 16.11 35.45
CA ILE P 218 -8.81 17.18 36.41
C ILE P 218 -7.52 17.95 36.68
N SER P 219 -6.40 17.23 36.90
CA SER P 219 -5.14 17.92 37.16
C SER P 219 -4.62 18.66 35.94
N LYS P 220 -4.80 18.07 34.75
CA LYS P 220 -4.31 18.70 33.52
C LYS P 220 -5.09 19.97 33.20
N ILE P 221 -6.38 20.02 33.54
CA ILE P 221 -7.14 21.25 33.35
C ILE P 221 -6.77 22.28 34.42
N GLN P 222 -6.60 21.84 35.67
CA GLN P 222 -6.35 22.75 36.77
C GLN P 222 -4.91 23.26 36.84
N ASN P 223 -4.07 23.00 35.84
CA ASN P 223 -2.79 23.68 35.75
C ASN P 223 -2.86 25.08 35.09
N PHE P 224 -4.02 25.74 35.03
CA PHE P 224 -4.18 27.02 34.34
C PHE P 224 -4.59 28.12 35.31
N ARG P 225 -4.88 29.30 34.75
CA ARG P 225 -5.27 30.47 35.53
C ARG P 225 -6.04 31.42 34.63
N VAL P 226 -6.98 32.18 35.22
CA VAL P 226 -7.93 32.98 34.46
C VAL P 226 -7.99 34.39 35.07
N TYR P 227 -7.80 35.40 34.23
CA TYR P 227 -8.11 36.79 34.55
C TYR P 227 -9.42 37.16 33.86
N PHE P 228 -10.42 37.55 34.63
CA PHE P 228 -11.74 37.83 34.09
C PHE P 228 -12.13 39.27 34.39
N ARG P 229 -12.97 39.83 33.51
CA ARG P 229 -13.43 41.21 33.59
C ARG P 229 -14.93 41.22 33.85
N GLU P 230 -15.34 41.87 34.94
CA GLU P 230 -16.74 41.95 35.29
C GLU P 230 -17.47 42.92 34.34
N GLY P 231 -18.80 42.88 34.41
CA GLY P 231 -19.60 43.79 33.61
C GLY P 231 -19.54 45.20 34.18
N ARG P 232 -19.59 46.19 33.27
CA ARG P 232 -19.55 47.63 33.58
C ARG P 232 -18.28 48.00 34.36
N ASP P 233 -17.14 47.46 33.92
CA ASP P 233 -15.85 47.75 34.52
C ASP P 233 -14.78 47.47 33.48
N GLN P 234 -13.64 48.16 33.60
CA GLN P 234 -12.53 47.98 32.69
C GLN P 234 -11.29 47.42 33.38
N GLN P 235 -11.41 46.96 34.62
CA GLN P 235 -10.31 46.38 35.35
C GLN P 235 -10.39 44.86 35.32
N TRP P 236 -9.23 44.22 35.26
CA TRP P 236 -9.18 42.77 35.40
C TRP P 236 -9.20 42.39 36.88
N LYS P 237 -9.90 41.30 37.18
CA LYS P 237 -10.07 40.86 38.56
C LYS P 237 -8.95 39.91 38.95
N GLY P 238 -9.09 39.28 40.11
CA GLY P 238 -8.06 38.42 40.65
C GLY P 238 -7.93 37.13 39.87
N PRO P 239 -6.79 36.44 40.05
CA PRO P 239 -6.56 35.17 39.33
C PRO P 239 -7.38 34.04 39.94
N ALA P 240 -8.43 33.63 39.23
CA ALA P 240 -9.30 32.56 39.66
C ALA P 240 -8.90 31.26 38.97
N THR P 241 -9.11 30.14 39.65
CA THR P 241 -8.68 28.86 39.11
C THR P 241 -9.69 28.32 38.10
N LEU P 242 -9.19 27.89 36.95
CA LEU P 242 -10.03 27.33 35.91
C LEU P 242 -10.50 25.94 36.32
N ILE P 243 -11.75 25.62 35.99
CA ILE P 243 -12.32 24.31 36.27
C ILE P 243 -12.79 23.62 34.99
N TRP P 244 -13.55 24.33 34.16
CA TRP P 244 -14.03 23.79 32.91
C TRP P 244 -14.01 24.87 31.85
N LYS P 245 -13.39 24.57 30.71
CA LYS P 245 -13.26 25.50 29.61
C LYS P 245 -14.13 25.02 28.46
N GLY P 246 -15.31 25.63 28.33
CA GLY P 246 -16.26 25.26 27.30
C GLY P 246 -16.05 26.04 26.01
N GLU P 247 -17.02 25.89 25.10
CA GLU P 247 -16.95 26.60 23.83
C GLU P 247 -17.29 28.08 23.99
N GLY P 248 -18.24 28.41 24.86
CA GLY P 248 -18.64 29.78 25.05
C GLY P 248 -18.73 30.18 26.51
N ALA P 249 -18.54 29.24 27.41
CA ALA P 249 -18.59 29.49 28.85
C ALA P 249 -17.32 29.00 29.53
N VAL P 250 -17.02 29.62 30.66
CA VAL P 250 -15.83 29.28 31.45
C VAL P 250 -16.24 29.26 32.92
N VAL P 251 -16.01 28.14 33.59
CA VAL P 251 -16.32 27.98 35.00
C VAL P 251 -15.05 28.18 35.80
N ILE P 252 -15.08 29.11 36.75
CA ILE P 252 -13.91 29.42 37.57
C ILE P 252 -14.29 29.30 39.04
N GLN P 253 -13.29 29.01 39.87
CA GLN P 253 -13.41 29.02 41.31
C GLN P 253 -12.64 30.20 41.87
N ASP P 254 -13.32 30.98 42.72
CA ASP P 254 -12.72 32.14 43.36
C ASP P 254 -13.43 32.36 44.68
N GLY P 255 -12.66 32.43 45.76
CA GLY P 255 -13.20 32.71 47.09
C GLY P 255 -14.20 31.70 47.60
N GLN P 256 -13.94 30.40 47.36
CA GLN P 256 -14.87 29.29 47.63
C GLN P 256 -16.21 29.50 46.93
N ASP P 257 -16.18 30.08 45.72
CA ASP P 257 -17.39 30.31 44.95
C ASP P 257 -17.14 29.94 43.51
N LEU P 258 -18.10 29.22 42.91
CA LEU P 258 -18.05 28.86 41.51
C LEU P 258 -18.87 29.86 40.72
N LYS P 259 -18.31 30.33 39.59
CA LYS P 259 -19.07 31.26 38.76
C LYS P 259 -18.76 31.00 37.29
N VAL P 260 -19.74 31.34 36.46
CA VAL P 260 -19.69 31.10 35.01
C VAL P 260 -19.55 32.44 34.32
N VAL P 261 -18.42 32.63 33.63
CA VAL P 261 -18.14 33.85 32.88
C VAL P 261 -18.05 33.49 31.41
N PRO P 262 -18.60 34.29 30.49
CA PRO P 262 -18.42 34.01 29.06
C PRO P 262 -16.98 34.22 28.62
N ARG P 263 -16.65 33.63 27.47
CA ARG P 263 -15.26 33.55 27.04
C ARG P 263 -14.72 34.87 26.51
N ARG P 264 -15.58 35.81 26.12
CA ARG P 264 -15.12 37.07 25.58
C ARG P 264 -14.77 38.10 26.65
N LYS P 265 -14.77 37.71 27.93
CA LYS P 265 -14.37 38.57 29.04
C LYS P 265 -13.29 37.91 29.87
N CYS P 266 -12.60 36.91 29.32
CA CYS P 266 -11.64 36.11 30.07
C CYS P 266 -10.33 35.96 29.29
N LYS P 267 -9.23 35.90 30.04
CA LYS P 267 -7.92 35.63 29.49
C LYS P 267 -7.30 34.50 30.28
N ILE P 268 -6.95 33.42 29.59
CA ILE P 268 -6.39 32.22 30.22
C ILE P 268 -4.88 32.23 30.04
N ILE P 269 -4.16 32.18 31.16
CA ILE P 269 -2.71 32.09 31.15
C ILE P 269 -2.29 30.81 31.86
N LYS P 270 -1.07 30.38 31.60
CA LYS P 270 -0.49 29.28 32.36
C LYS P 270 -0.07 29.78 33.73
N ASP P 271 0.05 28.85 34.68
CA ASP P 271 0.41 29.17 36.05
C ASP P 271 1.47 28.17 36.51
N TYR P 272 2.67 28.68 36.78
CA TYR P 272 3.76 27.88 37.32
C TYR P 272 3.87 28.20 38.80
N GLY P 273 3.02 27.54 39.60
CA GLY P 273 2.90 27.87 41.00
C GLY P 273 3.00 26.66 41.92
N ARG P 274 3.93 25.76 41.61
CA ARG P 274 4.12 24.53 42.38
C ARG P 274 4.56 24.80 43.82
#